data_8H2B
#
_entry.id   8H2B
#
_cell.length_a   90.569
_cell.length_b   92.670
_cell.length_c   154.118
_cell.angle_alpha   90.000
_cell.angle_beta   90.000
_cell.angle_gamma   90.000
#
_symmetry.space_group_name_H-M   'P 21 21 21'
#
loop_
_entity.id
_entity.type
_entity.pdbx_description
1 polymer 'Alcohol dehydrogenase'
2 non-polymer NICOTINAMIDE-ADENINE-DINUCLEOTIDE
3 non-polymer 'ZINC ION'
4 non-polymer 'SODIUM ION'
5 water water
#
_entity_poly.entity_id   1
_entity_poly.type   'polypeptide(L)'
_entity_poly.pdbx_seq_one_letter_code
;SMSIQSKSAVAKGDGSFTITHVTVAEPKADELLVKIKAAGLCHTDYDSLSWGKPIVMGHEGAGVVEKVGSDIKDLKKGDQ
VLLNWATPCMHCFQCQEGNQHICENNSPVVAGGNGHTPGHAHLEGSQWEGKPIERSFNLGTLSEYALVKESAVVKIEEEN
LNFSAASIISCGVMTGYGSVVNSAKLAAGSSAVILGCGGVGLNVINACEISGAGRIIAVDINPNKLELAKQFGATDVILA
DKTDVGLANVAEQVKEVLGGRGADYAFECTAIPALGAAPLAMVRNAGTAVQVSGIEEDITIDMRLFEWDKIYINPLYGKC
RPQIDFPKLMQLYKKGDLKLDEMITKEYKLDDLQQALDDMLAGKNAKGVVVFD
;
_entity_poly.pdbx_strand_id   A,B,C,D
#
# COMPACT_ATOMS: atom_id res chain seq x y z
N MET A 2 28.57 0.50 47.64
CA MET A 2 29.29 -0.69 47.25
C MET A 2 29.29 -0.83 45.74
N SER A 3 30.28 -1.56 45.24
CA SER A 3 30.35 -1.86 43.81
C SER A 3 29.36 -2.98 43.49
N ILE A 4 28.59 -2.80 42.42
CA ILE A 4 27.47 -3.71 42.16
C ILE A 4 28.00 -5.04 41.64
N GLN A 5 27.65 -6.13 42.31
CA GLN A 5 27.95 -7.47 41.82
C GLN A 5 26.64 -8.17 41.44
N SER A 6 26.42 -8.34 40.14
CA SER A 6 25.15 -8.83 39.62
C SER A 6 25.30 -10.28 39.23
N LYS A 7 24.51 -11.17 39.86
CA LYS A 7 24.53 -12.58 39.48
C LYS A 7 24.04 -12.72 38.04
N SER A 8 24.83 -13.40 37.21
CA SER A 8 24.63 -13.37 35.77
C SER A 8 24.81 -14.75 35.15
N ALA A 9 24.23 -14.93 33.98
CA ALA A 9 24.63 -15.99 33.06
C ALA A 9 25.60 -15.40 32.05
N VAL A 10 26.77 -16.02 31.95
CA VAL A 10 27.80 -15.60 31.01
C VAL A 10 28.08 -16.77 30.08
N ALA A 11 28.07 -16.51 28.78
CA ALA A 11 28.56 -17.46 27.80
C ALA A 11 30.04 -17.17 27.57
N LYS A 12 30.88 -18.20 27.69
CA LYS A 12 32.31 -17.99 27.67
C LYS A 12 32.90 -17.91 26.26
N GLY A 13 32.16 -18.37 25.25
CA GLY A 13 32.71 -18.37 23.90
C GLY A 13 33.41 -19.63 23.51
N ASP A 14 33.22 -20.72 24.26
CA ASP A 14 33.70 -22.04 23.90
C ASP A 14 32.55 -23.01 23.63
N GLY A 15 31.31 -22.56 23.79
CA GLY A 15 30.14 -23.40 23.66
C GLY A 15 29.33 -23.55 24.94
N SER A 16 29.90 -23.19 26.09
CA SER A 16 29.27 -23.39 27.38
C SER A 16 29.01 -22.07 28.11
N PHE A 17 28.15 -22.13 29.12
CA PHE A 17 27.82 -20.97 29.93
C PHE A 17 28.01 -21.29 31.41
N THR A 18 28.03 -20.24 32.21
CA THR A 18 28.25 -20.33 33.65
C THR A 18 27.36 -19.34 34.37
N ILE A 19 26.85 -19.75 35.53
CA ILE A 19 26.25 -18.79 36.44
C ILE A 19 27.38 -18.18 37.25
N THR A 20 27.37 -16.86 37.39
CA THR A 20 28.54 -16.13 37.87
C THR A 20 28.13 -14.70 38.21
N HIS A 21 29.13 -13.86 38.48
CA HIS A 21 28.91 -12.46 38.84
C HIS A 21 29.63 -11.55 37.88
N VAL A 22 28.94 -10.49 37.47
CA VAL A 22 29.50 -9.44 36.63
C VAL A 22 29.46 -8.16 37.43
N THR A 23 30.52 -7.39 37.32
CA THR A 23 30.59 -6.08 37.96
C THR A 23 29.98 -5.06 37.02
N VAL A 24 29.08 -4.23 37.53
CA VAL A 24 28.28 -3.30 36.73
C VAL A 24 28.48 -1.89 37.28
N ALA A 25 28.82 -0.96 36.40
CA ALA A 25 29.06 0.44 36.73
C ALA A 25 27.76 1.23 36.94
N GLU A 26 27.94 2.41 37.52
CA GLU A 26 27.07 3.58 37.49
C GLU A 26 26.85 4.01 36.03
N PRO A 27 25.65 4.47 35.66
CA PRO A 27 25.42 4.87 34.26
C PRO A 27 26.09 6.19 33.89
N LYS A 28 26.61 6.25 32.67
CA LYS A 28 26.99 7.49 32.03
C LYS A 28 25.74 8.32 31.75
N ALA A 29 25.93 9.48 31.10
CA ALA A 29 24.86 10.48 31.02
C ALA A 29 23.64 9.96 30.26
N ASP A 30 23.83 9.12 29.24
CA ASP A 30 22.72 8.63 28.42
C ASP A 30 22.41 7.16 28.68
N GLU A 31 22.69 6.68 29.88
CA GLU A 31 22.53 5.27 30.20
C GLU A 31 21.63 5.13 31.41
N LEU A 32 21.17 3.90 31.63
CA LEU A 32 20.38 3.55 32.79
C LEU A 32 20.90 2.26 33.40
N LEU A 33 20.67 2.14 34.70
CA LEU A 33 20.83 0.89 35.40
C LEU A 33 19.44 0.33 35.63
N VAL A 34 19.18 -0.87 35.13
CA VAL A 34 17.86 -1.49 35.22
C VAL A 34 17.94 -2.72 36.11
N LYS A 35 17.07 -2.80 37.11
CA LYS A 35 16.95 -4.06 37.81
C LYS A 35 16.01 -4.98 37.03
N ILE A 36 16.53 -6.11 36.57
CA ILE A 36 15.74 -7.09 35.82
C ILE A 36 14.87 -7.87 36.79
N LYS A 37 13.56 -7.88 36.54
CA LYS A 37 12.63 -8.73 37.28
C LYS A 37 12.40 -10.07 36.60
N ALA A 38 12.42 -10.10 35.26
CA ALA A 38 12.22 -11.34 34.53
C ALA A 38 12.94 -11.23 33.20
N ALA A 39 13.53 -12.34 32.77
CA ALA A 39 14.22 -12.41 31.50
C ALA A 39 13.67 -13.60 30.74
N GLY A 40 13.18 -13.36 29.52
CA GLY A 40 12.74 -14.45 28.68
C GLY A 40 13.91 -15.16 27.99
N LEU A 41 13.63 -16.37 27.51
CA LEU A 41 14.60 -17.17 26.76
C LEU A 41 14.11 -17.35 25.33
N CYS A 42 15.01 -17.07 24.40
CA CYS A 42 14.78 -17.14 22.97
C CYS A 42 15.68 -18.22 22.41
N HIS A 43 15.30 -18.81 21.27
CA HIS A 43 16.18 -19.81 20.66
C HIS A 43 17.56 -19.23 20.36
N THR A 44 17.63 -17.91 20.08
CA THR A 44 18.89 -17.28 19.73
C THR A 44 19.88 -17.24 20.91
N ASP A 45 19.37 -17.25 22.15
CA ASP A 45 20.28 -17.35 23.28
C ASP A 45 21.08 -18.65 23.22
N TYR A 46 20.43 -19.74 22.81
CA TYR A 46 21.14 -20.99 22.56
C TYR A 46 22.20 -20.81 21.50
N ASP A 47 21.84 -20.22 20.35
CA ASP A 47 22.85 -19.98 19.32
C ASP A 47 23.97 -19.07 19.83
N SER A 48 23.69 -18.22 20.82
CA SER A 48 24.68 -17.25 21.29
C SER A 48 25.80 -17.90 22.06
N LEU A 49 25.62 -19.16 22.50
CA LEU A 49 26.68 -19.92 23.13
C LEU A 49 27.82 -20.22 22.17
N SER A 50 27.55 -20.24 20.87
CA SER A 50 28.54 -20.60 19.87
C SER A 50 28.99 -19.40 19.05
N TRP A 51 29.03 -18.20 19.67
CA TRP A 51 29.52 -17.00 18.99
C TRP A 51 31.02 -16.82 19.11
N GLY A 52 31.69 -17.52 20.02
CA GLY A 52 33.14 -17.44 20.10
C GLY A 52 33.67 -16.20 20.78
N LYS A 53 32.88 -15.55 21.62
CA LYS A 53 33.32 -14.42 22.43
C LYS A 53 32.49 -14.43 23.70
N PRO A 54 33.06 -14.00 24.82
CA PRO A 54 32.28 -13.97 26.07
C PRO A 54 31.23 -12.86 26.04
N ILE A 55 30.03 -13.19 26.50
CA ILE A 55 28.92 -12.24 26.56
C ILE A 55 28.09 -12.51 27.81
N VAL A 56 27.57 -11.44 28.41
CA VAL A 56 26.43 -11.58 29.29
C VAL A 56 25.22 -11.96 28.44
N MET A 57 24.56 -13.07 28.79
CA MET A 57 23.49 -13.59 27.95
C MET A 57 22.16 -12.90 28.26
N GLY A 58 21.22 -13.11 27.34
CA GLY A 58 19.87 -12.61 27.53
C GLY A 58 19.59 -11.36 26.72
N HIS A 59 18.47 -11.36 25.99
CA HIS A 59 18.05 -10.17 25.25
C HIS A 59 16.54 -10.03 25.29
N GLU A 60 15.88 -10.72 26.20
CA GLU A 60 14.48 -10.48 26.53
C GLU A 60 14.42 -10.13 28.00
N GLY A 61 13.70 -9.07 28.34
CA GLY A 61 13.68 -8.68 29.73
C GLY A 61 12.80 -7.49 30.07
N ALA A 62 12.29 -7.50 31.29
CA ALA A 62 11.47 -6.44 31.83
C ALA A 62 11.91 -6.18 33.26
N GLY A 63 11.75 -4.95 33.70
CA GLY A 63 12.25 -4.60 35.02
C GLY A 63 11.89 -3.19 35.42
N VAL A 64 12.70 -2.66 36.34
CA VAL A 64 12.46 -1.36 36.96
C VAL A 64 13.76 -0.59 36.97
N VAL A 65 13.66 0.71 36.70
CA VAL A 65 14.83 1.56 36.66
C VAL A 65 15.47 1.59 38.04
N GLU A 66 16.75 1.24 38.10
CA GLU A 66 17.49 1.33 39.36
C GLU A 66 18.18 2.67 39.45
N LYS A 67 18.78 3.12 38.37
CA LYS A 67 19.40 4.42 38.45
C LYS A 67 19.56 5.01 37.08
N VAL A 68 19.46 6.32 37.01
CA VAL A 68 19.35 7.07 35.78
C VAL A 68 20.61 7.88 35.56
N GLY A 69 21.04 8.01 34.29
CA GLY A 69 22.16 8.88 33.94
C GLY A 69 21.80 10.37 33.96
N SER A 70 22.87 11.18 33.97
CA SER A 70 22.79 12.63 34.21
C SER A 70 21.85 13.35 33.25
N ASP A 71 21.76 12.90 32.00
CA ASP A 71 20.98 13.60 30.99
C ASP A 71 19.63 12.95 30.71
N ILE A 72 19.24 11.92 31.46
CA ILE A 72 17.95 11.30 31.20
C ILE A 72 16.87 12.09 31.93
N LYS A 73 15.84 12.47 31.20
CA LYS A 73 14.71 13.25 31.69
C LYS A 73 13.43 12.46 31.85
N ASP A 74 13.19 11.50 30.96
CA ASP A 74 11.91 10.84 30.86
C ASP A 74 11.75 9.69 31.85
N LEU A 75 12.77 9.38 32.62
CA LEU A 75 12.80 8.17 33.43
C LEU A 75 13.34 8.49 34.80
N LYS A 76 12.91 7.74 35.81
CA LYS A 76 13.40 7.93 37.16
C LYS A 76 13.39 6.58 37.86
N LYS A 77 14.09 6.52 38.99
CA LYS A 77 14.15 5.28 39.78
C LYS A 77 12.74 4.79 40.11
N GLY A 78 12.54 3.49 40.00
CA GLY A 78 11.24 2.88 40.26
C GLY A 78 10.34 2.74 39.06
N ASP A 79 10.65 3.42 37.95
CA ASP A 79 9.88 3.31 36.71
C ASP A 79 9.95 1.90 36.14
N GLN A 80 8.79 1.38 35.68
CA GLN A 80 8.72 0.10 34.99
C GLN A 80 9.17 0.24 33.53
N VAL A 81 9.95 -0.73 33.06
CA VAL A 81 10.55 -0.63 31.72
C VAL A 81 10.57 -2.00 31.04
N LEU A 82 10.32 -1.97 29.73
CA LEU A 82 10.55 -3.09 28.82
C LEU A 82 11.84 -2.82 28.03
N LEU A 83 12.61 -3.86 27.75
CA LEU A 83 13.87 -3.70 27.05
C LEU A 83 13.68 -4.09 25.58
N ASN A 84 14.34 -3.35 24.68
CA ASN A 84 14.34 -3.69 23.27
C ASN A 84 15.79 -3.74 22.79
N TRP A 85 16.05 -4.54 21.78
CA TRP A 85 17.42 -4.64 21.27
C TRP A 85 17.62 -3.91 19.95
N ALA A 86 16.66 -3.11 19.52
CA ALA A 86 16.91 -2.24 18.38
C ALA A 86 17.88 -1.12 18.76
N THR A 87 17.76 -0.59 19.98
CA THR A 87 18.48 0.58 20.50
C THR A 87 18.73 1.60 19.38
N PRO A 88 17.68 2.11 18.72
CA PRO A 88 17.89 2.82 17.45
C PRO A 88 18.44 4.24 17.63
N CYS A 89 19.16 4.71 16.60
CA CYS A 89 19.83 6.02 16.69
C CYS A 89 18.90 7.19 16.38
N MET A 90 17.87 6.98 15.57
CA MET A 90 16.78 7.93 15.29
C MET A 90 17.18 8.93 14.20
N HIS A 91 18.41 8.86 13.66
CA HIS A 91 18.88 9.82 12.66
C HIS A 91 19.41 9.21 11.37
N CYS A 92 19.75 7.92 11.33
CA CYS A 92 20.32 7.35 10.13
C CYS A 92 19.23 7.16 9.07
N PHE A 93 19.64 6.79 7.86
CA PHE A 93 18.70 6.60 6.76
C PHE A 93 17.59 5.62 7.13
N GLN A 94 17.96 4.47 7.67
CA GLN A 94 16.96 3.46 8.00
C GLN A 94 16.01 3.95 9.10
N CYS A 95 16.55 4.59 10.15
CA CYS A 95 15.66 5.16 11.18
C CYS A 95 14.68 6.16 10.58
N GLN A 96 15.13 6.96 9.62
CA GLN A 96 14.22 7.97 9.06
C GLN A 96 13.20 7.35 8.12
N GLU A 97 13.47 6.17 7.60
CA GLU A 97 12.49 5.41 6.82
C GLU A 97 11.45 4.75 7.71
N GLY A 98 11.63 4.83 9.02
CA GLY A 98 10.82 4.09 9.96
C GLY A 98 11.35 2.72 10.28
N ASN A 99 12.52 2.37 9.76
CA ASN A 99 13.10 1.04 9.95
C ASN A 99 14.10 1.04 11.10
N GLN A 100 13.58 1.34 12.29
CA GLN A 100 14.41 1.44 13.48
C GLN A 100 15.11 0.11 13.80
N HIS A 101 14.50 -0.98 13.38
CA HIS A 101 14.99 -2.32 13.66
C HIS A 101 16.19 -2.70 12.81
N ILE A 102 16.52 -1.92 11.78
CA ILE A 102 17.77 -2.15 11.05
C ILE A 102 18.59 -0.87 11.04
N CYS A 103 18.63 -0.18 12.17
CA CYS A 103 19.39 1.05 12.31
C CYS A 103 20.84 0.84 11.89
N GLU A 104 21.32 1.68 10.96
CA GLU A 104 22.65 1.45 10.38
C GLU A 104 23.78 1.72 11.37
N ASN A 105 23.52 2.39 12.48
CA ASN A 105 24.59 2.75 13.41
C ASN A 105 24.62 1.87 14.64
N ASN A 106 23.44 1.55 15.19
CA ASN A 106 23.33 0.98 16.52
C ASN A 106 22.82 -0.46 16.56
N SER A 107 22.26 -0.97 15.48
CA SER A 107 21.69 -2.32 15.52
C SER A 107 22.73 -3.36 15.88
N PRO A 108 22.54 -4.15 16.93
CA PRO A 108 23.53 -5.20 17.24
C PRO A 108 23.61 -6.24 16.15
N VAL A 109 22.58 -6.36 15.31
CA VAL A 109 22.58 -7.33 14.22
C VAL A 109 23.21 -6.75 12.96
N VAL A 110 22.70 -5.59 12.53
CA VAL A 110 23.11 -5.04 11.24
C VAL A 110 24.36 -4.17 11.33
N ALA A 111 24.63 -3.57 12.50
CA ALA A 111 25.86 -2.80 12.69
C ALA A 111 26.94 -3.58 13.41
N GLY A 112 26.58 -4.40 14.40
CA GLY A 112 27.53 -5.30 15.06
C GLY A 112 27.63 -6.65 14.39
N HIS A 116 30.52 -4.09 18.59
CA HIS A 116 29.54 -3.53 19.52
C HIS A 116 29.32 -2.05 19.18
N THR A 117 28.08 -1.59 19.32
CA THR A 117 27.65 -0.36 18.70
C THR A 117 27.46 0.74 19.73
N PRO A 118 27.20 1.98 19.30
CA PRO A 118 26.75 3.02 20.26
C PRO A 118 25.42 2.71 20.93
N GLY A 119 24.66 1.70 20.50
CA GLY A 119 23.50 1.32 21.28
C GLY A 119 23.81 0.45 22.48
N HIS A 120 25.08 0.12 22.64
CA HIS A 120 25.60 -0.66 23.76
C HIS A 120 26.12 0.31 24.82
N ALA A 121 25.86 -0.02 26.09
CA ALA A 121 26.38 0.82 27.16
C ALA A 121 27.91 0.82 27.12
N HIS A 122 28.52 1.77 27.83
CA HIS A 122 29.96 1.92 27.73
C HIS A 122 30.63 0.62 28.18
N LEU A 123 31.62 0.19 27.39
CA LEU A 123 31.99 -1.22 27.35
C LEU A 123 32.59 -1.65 28.70
N GLU A 124 33.32 -0.75 29.36
CA GLU A 124 34.04 -1.04 30.59
C GLU A 124 33.12 -1.09 31.80
N GLY A 125 31.87 -0.64 31.61
CA GLY A 125 30.85 -0.68 32.66
C GLY A 125 30.39 -2.06 33.03
N SER A 126 30.70 -3.08 32.22
CA SER A 126 30.40 -4.46 32.54
C SER A 126 31.69 -5.26 32.46
N GLN A 127 32.03 -5.94 33.57
CA GLN A 127 33.33 -6.58 33.84
C GLN A 127 33.09 -8.02 34.30
N TRP A 128 33.75 -8.97 33.65
CA TRP A 128 33.72 -10.37 34.11
C TRP A 128 35.14 -10.91 34.11
N GLU A 129 35.53 -11.58 35.19
CA GLU A 129 36.94 -11.95 35.40
C GLU A 129 37.85 -10.73 35.17
N GLY A 130 37.43 -9.58 35.70
CA GLY A 130 38.25 -8.38 35.66
C GLY A 130 38.55 -7.86 34.27
N LYS A 131 37.64 -8.03 33.32
CA LYS A 131 37.82 -7.57 31.96
C LYS A 131 36.45 -7.21 31.39
N PRO A 132 36.37 -6.23 30.49
CA PRO A 132 35.08 -5.87 29.91
C PRO A 132 34.44 -7.05 29.20
N ILE A 133 33.14 -7.20 29.36
CA ILE A 133 32.37 -8.25 28.70
C ILE A 133 31.19 -7.62 27.97
N GLU A 134 30.91 -8.11 26.76
CA GLU A 134 29.83 -7.56 25.96
C GLU A 134 28.49 -8.06 26.48
N ARG A 135 27.47 -7.25 26.25
CA ARG A 135 26.11 -7.56 26.64
C ARG A 135 25.37 -8.00 25.40
N SER A 136 24.79 -9.21 25.45
CA SER A 136 24.10 -9.81 24.32
C SER A 136 23.03 -8.86 23.78
N PHE A 137 23.10 -8.57 22.49
CA PHE A 137 22.11 -7.71 21.81
C PHE A 137 22.00 -6.33 22.48
N ASN A 138 23.12 -5.83 23.03
CA ASN A 138 23.22 -4.54 23.73
C ASN A 138 22.46 -4.53 25.04
N LEU A 139 22.00 -5.69 25.53
CA LEU A 139 21.15 -5.78 26.72
C LEU A 139 21.79 -6.64 27.81
N GLY A 140 21.94 -7.95 27.59
CA GLY A 140 22.40 -8.85 28.64
C GLY A 140 21.42 -8.96 29.80
N THR A 141 20.23 -9.50 29.54
CA THR A 141 19.15 -9.48 30.52
C THR A 141 19.18 -10.65 31.51
N LEU A 142 19.97 -11.70 31.26
CA LEU A 142 20.12 -12.78 32.24
C LEU A 142 21.16 -12.35 33.29
N SER A 143 20.72 -11.40 34.13
CA SER A 143 21.60 -10.69 35.05
C SER A 143 20.72 -9.87 35.99
N GLU A 144 21.11 -9.78 37.26
CA GLU A 144 20.30 -9.04 38.22
C GLU A 144 20.17 -7.57 37.85
N TYR A 145 21.23 -6.99 37.31
CA TYR A 145 21.26 -5.58 36.92
C TYR A 145 21.85 -5.51 35.52
N ALA A 146 21.22 -4.74 34.66
CA ALA A 146 21.74 -4.51 33.32
C ALA A 146 22.04 -3.03 33.15
N LEU A 147 23.13 -2.75 32.47
CA LEU A 147 23.49 -1.39 32.09
C LEU A 147 23.16 -1.23 30.62
N VAL A 148 22.31 -0.25 30.29
CA VAL A 148 21.83 -0.09 28.92
C VAL A 148 21.74 1.40 28.57
N LYS A 149 21.75 1.68 27.26
CA LYS A 149 21.48 3.03 26.76
C LYS A 149 19.98 3.35 26.87
N GLU A 150 19.66 4.65 26.84
CA GLU A 150 18.26 5.05 27.01
C GLU A 150 17.37 4.48 25.90
N SER A 151 17.90 4.40 24.69
CA SER A 151 17.13 3.90 23.57
C SER A 151 16.78 2.42 23.73
N ALA A 152 17.30 1.75 24.74
CA ALA A 152 16.95 0.36 24.97
C ALA A 152 15.68 0.18 25.77
N VAL A 153 15.08 1.23 26.32
CA VAL A 153 14.00 1.04 27.28
C VAL A 153 12.74 1.73 26.78
N VAL A 154 11.61 1.12 27.10
CA VAL A 154 10.29 1.69 26.86
C VAL A 154 9.58 1.71 28.21
N LYS A 155 9.20 2.90 28.65
CA LYS A 155 8.54 3.05 29.94
C LYS A 155 7.10 2.56 29.84
N ILE A 156 6.66 1.77 30.81
CA ILE A 156 5.27 1.41 30.94
C ILE A 156 4.81 1.78 32.35
N GLU A 157 3.51 1.63 32.60
CA GLU A 157 2.96 2.11 33.86
C GLU A 157 1.70 1.26 34.12
N GLU A 158 1.89 0.16 34.85
CA GLU A 158 0.82 -0.80 35.08
C GLU A 158 0.85 -1.27 36.53
N GLU A 159 -0.31 -1.24 37.18
CA GLU A 159 -0.43 -1.78 38.53
C GLU A 159 -0.45 -3.30 38.50
N ASN A 160 0.11 -3.91 39.54
CA ASN A 160 0.20 -5.36 39.68
C ASN A 160 0.66 -6.02 38.38
N LEU A 161 1.71 -5.44 37.78
CA LEU A 161 2.25 -5.95 36.53
C LEU A 161 2.84 -7.34 36.70
N ASN A 162 2.53 -8.24 35.76
CA ASN A 162 3.15 -9.56 35.69
C ASN A 162 4.43 -9.40 34.87
N PHE A 163 5.58 -9.36 35.55
CA PHE A 163 6.85 -9.06 34.86
C PHE A 163 7.30 -10.22 33.99
N SER A 164 6.93 -11.45 34.35
CA SER A 164 7.24 -12.58 33.48
C SER A 164 6.54 -12.44 32.13
N ALA A 165 5.27 -12.04 32.17
CA ALA A 165 4.54 -11.76 30.94
C ALA A 165 5.20 -10.65 30.14
N ALA A 166 5.58 -9.56 30.82
CA ALA A 166 6.16 -8.41 30.15
C ALA A 166 7.52 -8.74 29.55
N SER A 167 8.23 -9.73 30.09
CA SER A 167 9.61 -9.92 29.65
C SER A 167 9.69 -10.46 28.23
N ILE A 168 8.70 -11.24 27.78
CA ILE A 168 8.79 -11.84 26.45
C ILE A 168 8.40 -10.89 25.34
N ILE A 169 7.83 -9.72 25.67
CA ILE A 169 7.57 -8.72 24.64
C ILE A 169 8.84 -8.39 23.87
N SER A 170 9.99 -8.42 24.56
CA SER A 170 11.28 -7.96 24.03
C SER A 170 11.70 -8.66 22.74
N CYS A 171 11.35 -9.92 22.55
CA CYS A 171 11.79 -10.53 21.30
C CYS A 171 10.73 -11.42 20.65
N GLY A 172 10.37 -12.53 21.31
CA GLY A 172 9.47 -13.50 20.68
C GLY A 172 8.14 -12.90 20.29
N VAL A 173 7.52 -12.16 21.20
CA VAL A 173 6.26 -11.50 20.89
C VAL A 173 6.45 -10.47 19.78
N MET A 174 7.36 -9.50 19.99
CA MET A 174 7.53 -8.43 19.02
C MET A 174 7.85 -8.98 17.63
N THR A 175 8.70 -10.01 17.56
CA THR A 175 9.10 -10.57 16.27
C THR A 175 7.93 -11.30 15.62
N GLY A 176 7.22 -12.12 16.38
CA GLY A 176 6.12 -12.86 15.81
C GLY A 176 4.98 -11.95 15.44
N TYR A 177 4.63 -11.05 16.35
CA TYR A 177 3.54 -10.14 16.09
C TYR A 177 3.90 -9.18 14.96
N GLY A 178 5.11 -8.63 14.98
CA GLY A 178 5.49 -7.68 13.94
C GLY A 178 5.61 -8.30 12.58
N SER A 179 6.00 -9.58 12.51
CA SER A 179 6.09 -10.25 11.20
C SER A 179 4.71 -10.36 10.55
N VAL A 180 3.68 -10.56 11.37
CA VAL A 180 2.31 -10.63 10.87
C VAL A 180 1.77 -9.24 10.52
N VAL A 181 1.92 -8.29 11.43
CA VAL A 181 1.19 -7.02 11.34
C VAL A 181 2.00 -5.95 10.59
N ASN A 182 3.31 -5.91 10.81
CA ASN A 182 4.15 -4.86 10.21
C ASN A 182 4.70 -5.27 8.86
N SER A 183 5.14 -6.52 8.72
N SER A 183 5.14 -6.52 8.72
CA SER A 183 5.78 -6.97 7.49
CA SER A 183 5.78 -6.97 7.50
C SER A 183 4.74 -7.49 6.50
C SER A 183 4.78 -7.51 6.49
N ALA A 184 4.05 -8.57 6.86
CA ALA A 184 3.07 -9.15 5.96
C ALA A 184 1.83 -8.28 5.85
N LYS A 185 1.55 -7.46 6.87
CA LYS A 185 0.35 -6.62 6.90
C LYS A 185 -0.90 -7.47 6.67
N LEU A 186 -0.99 -8.55 7.44
CA LEU A 186 -2.00 -9.58 7.18
C LEU A 186 -3.40 -8.99 7.27
N ALA A 187 -4.21 -9.24 6.23
CA ALA A 187 -5.56 -8.71 6.16
C ALA A 187 -6.56 -9.61 6.89
N ALA A 188 -7.52 -9.01 7.59
CA ALA A 188 -8.58 -9.80 8.22
C ALA A 188 -9.28 -10.66 7.18
N GLY A 189 -9.74 -11.84 7.62
CA GLY A 189 -10.49 -12.75 6.75
C GLY A 189 -9.65 -13.72 5.94
N SER A 190 -8.33 -13.58 5.94
CA SER A 190 -7.44 -14.33 5.07
C SER A 190 -7.01 -15.65 5.71
N SER A 191 -6.28 -16.46 4.95
CA SER A 191 -5.75 -17.72 5.44
C SER A 191 -4.26 -17.60 5.67
N ALA A 192 -3.79 -18.21 6.77
CA ALA A 192 -2.39 -18.13 7.16
C ALA A 192 -1.88 -19.49 7.58
N VAL A 193 -0.67 -19.84 7.15
CA VAL A 193 0.02 -21.05 7.56
C VAL A 193 1.21 -20.66 8.41
N ILE A 194 1.41 -21.32 9.55
CA ILE A 194 2.58 -21.08 10.38
C ILE A 194 3.39 -22.36 10.48
N LEU A 195 4.67 -22.27 10.07
CA LEU A 195 5.58 -23.41 10.06
C LEU A 195 6.53 -23.26 11.25
N GLY A 196 6.35 -24.11 12.26
CA GLY A 196 7.12 -24.04 13.48
C GLY A 196 6.39 -23.28 14.57
N CYS A 197 5.89 -23.99 15.58
CA CYS A 197 5.06 -23.38 16.61
C CYS A 197 5.81 -23.26 17.93
N GLY A 198 6.92 -22.54 17.92
CA GLY A 198 7.75 -22.30 19.09
C GLY A 198 7.57 -20.92 19.66
N GLY A 199 8.67 -20.36 20.19
CA GLY A 199 8.56 -19.06 20.84
C GLY A 199 8.07 -17.98 19.90
N VAL A 200 8.58 -17.97 18.67
CA VAL A 200 8.14 -16.98 17.70
C VAL A 200 6.82 -17.41 17.07
N GLY A 201 6.74 -18.67 16.63
CA GLY A 201 5.58 -19.13 15.89
C GLY A 201 4.26 -19.01 16.64
N LEU A 202 4.28 -19.29 17.95
CA LEU A 202 3.05 -19.16 18.73
C LEU A 202 2.57 -17.71 18.78
N ASN A 203 3.50 -16.76 18.68
CA ASN A 203 3.12 -15.36 18.62
C ASN A 203 2.64 -14.95 17.23
N VAL A 204 3.19 -15.55 16.17
CA VAL A 204 2.63 -15.37 14.84
C VAL A 204 1.18 -15.81 14.82
N ILE A 205 0.91 -16.97 15.43
CA ILE A 205 -0.44 -17.50 15.55
C ILE A 205 -1.33 -16.54 16.34
N ASN A 206 -0.91 -16.16 17.55
CA ASN A 206 -1.66 -15.16 18.30
C ASN A 206 -1.95 -13.91 17.47
N ALA A 207 -0.93 -13.43 16.75
CA ALA A 207 -1.09 -12.21 15.96
C ALA A 207 -1.99 -12.43 14.75
N CYS A 208 -1.98 -13.63 14.17
CA CYS A 208 -2.93 -13.91 13.09
C CYS A 208 -4.36 -13.86 13.61
N GLU A 209 -4.56 -14.33 14.85
CA GLU A 209 -5.90 -14.33 15.46
C GLU A 209 -6.36 -12.91 15.80
N ILE A 210 -5.44 -12.12 16.37
CA ILE A 210 -5.73 -10.71 16.63
C ILE A 210 -6.08 -9.99 15.35
N SER A 211 -5.36 -10.30 14.27
CA SER A 211 -5.55 -9.62 12.99
C SER A 211 -6.81 -10.05 12.27
N GLY A 212 -7.45 -11.13 12.74
CA GLY A 212 -8.69 -11.57 12.16
C GLY A 212 -8.59 -12.53 11.00
N ALA A 213 -7.48 -13.27 10.89
CA ALA A 213 -7.41 -14.36 9.91
C ALA A 213 -8.60 -15.31 10.09
N GLY A 214 -9.18 -15.72 8.97
CA GLY A 214 -10.29 -16.68 9.00
C GLY A 214 -9.86 -18.13 9.12
N ARG A 215 -8.69 -18.48 8.60
CA ARG A 215 -8.12 -19.82 8.77
C ARG A 215 -6.67 -19.65 9.20
N ILE A 216 -6.26 -20.41 10.22
CA ILE A 216 -4.89 -20.35 10.73
C ILE A 216 -4.43 -21.78 10.92
N ILE A 217 -3.52 -22.22 10.06
CA ILE A 217 -3.03 -23.60 10.02
C ILE A 217 -1.67 -23.67 10.68
N ALA A 218 -1.56 -24.42 11.76
CA ALA A 218 -0.30 -24.54 12.51
C ALA A 218 0.36 -25.87 12.18
N VAL A 219 1.66 -25.81 11.90
CA VAL A 219 2.44 -26.95 11.43
C VAL A 219 3.64 -27.11 12.34
N ASP A 220 3.82 -28.31 12.89
CA ASP A 220 5.02 -28.59 13.67
C ASP A 220 5.34 -30.08 13.64
N ILE A 221 6.59 -30.41 13.96
CA ILE A 221 6.95 -31.82 14.10
C ILE A 221 6.59 -32.38 15.47
N ASN A 222 6.20 -31.52 16.40
CA ASN A 222 5.98 -31.88 17.81
C ASN A 222 4.51 -31.76 18.17
N PRO A 223 3.84 -32.86 18.57
CA PRO A 223 2.41 -32.76 18.88
C PRO A 223 2.10 -31.87 20.08
N ASN A 224 3.02 -31.72 21.05
CA ASN A 224 2.78 -30.78 22.15
C ASN A 224 2.72 -29.35 21.66
N LYS A 225 3.48 -29.01 20.62
CA LYS A 225 3.44 -27.65 20.11
C LYS A 225 2.13 -27.38 19.37
N LEU A 226 1.59 -28.40 18.69
CA LEU A 226 0.31 -28.20 18.01
C LEU A 226 -0.78 -27.90 19.01
N GLU A 227 -0.72 -28.52 20.18
CA GLU A 227 -1.75 -28.28 21.18
C GLU A 227 -1.62 -26.88 21.76
N LEU A 228 -0.40 -26.39 21.98
CA LEU A 228 -0.22 -24.98 22.32
C LEU A 228 -0.76 -24.09 21.22
N ALA A 229 -0.45 -24.41 19.96
CA ALA A 229 -0.94 -23.64 18.82
C ALA A 229 -2.45 -23.45 18.87
N LYS A 230 -3.21 -24.49 19.24
CA LYS A 230 -4.66 -24.37 19.36
C LYS A 230 -5.04 -23.38 20.47
N GLN A 231 -4.28 -23.35 21.56
CA GLN A 231 -4.58 -22.41 22.64
C GLN A 231 -4.52 -20.96 22.17
N PHE A 232 -3.64 -20.67 21.20
CA PHE A 232 -3.41 -19.28 20.79
C PHE A 232 -4.15 -18.91 19.51
N GLY A 233 -4.99 -19.79 18.98
CA GLY A 233 -5.88 -19.41 17.89
C GLY A 233 -5.79 -20.22 16.61
N ALA A 234 -4.95 -21.26 16.52
CA ALA A 234 -4.95 -22.08 15.32
C ALA A 234 -6.32 -22.73 15.13
N THR A 235 -6.87 -22.64 13.91
CA THR A 235 -8.10 -23.34 13.56
C THR A 235 -7.86 -24.74 13.02
N ASP A 236 -6.65 -25.02 12.53
CA ASP A 236 -6.28 -26.32 11.98
C ASP A 236 -4.85 -26.61 12.38
N VAL A 237 -4.51 -27.90 12.48
CA VAL A 237 -3.14 -28.28 12.80
C VAL A 237 -2.72 -29.39 11.84
N ILE A 238 -1.42 -29.41 11.52
CA ILE A 238 -0.85 -30.45 10.68
C ILE A 238 0.47 -30.89 11.30
N LEU A 239 0.56 -32.17 11.66
CA LEU A 239 1.81 -32.73 12.16
C LEU A 239 2.73 -33.02 10.99
N ALA A 240 3.88 -32.37 10.97
CA ALA A 240 4.83 -32.61 9.88
C ALA A 240 5.75 -33.76 10.23
N ASP A 241 6.32 -34.36 9.17
CA ASP A 241 7.42 -35.29 9.31
C ASP A 241 8.75 -34.56 9.14
N LYS A 242 9.66 -34.80 10.08
CA LYS A 242 11.04 -34.33 9.94
C LYS A 242 11.65 -34.67 8.59
N THR A 243 11.23 -35.78 7.99
CA THR A 243 11.73 -36.25 6.69
C THR A 243 11.01 -35.63 5.47
N ASP A 244 10.08 -34.70 5.71
CA ASP A 244 9.34 -34.02 4.63
C ASP A 244 10.19 -32.89 4.08
N VAL A 245 10.89 -33.16 2.97
CA VAL A 245 11.82 -32.19 2.41
C VAL A 245 11.09 -30.94 1.96
N GLY A 246 11.55 -29.79 2.44
CA GLY A 246 10.90 -28.53 2.12
C GLY A 246 9.44 -28.49 2.53
N LEU A 247 9.00 -29.40 3.41
CA LEU A 247 7.59 -29.51 3.84
C LEU A 247 6.64 -29.59 2.65
N ALA A 248 7.09 -30.20 1.55
CA ALA A 248 6.29 -30.26 0.33
C ALA A 248 5.00 -31.07 0.54
N ASN A 249 5.07 -32.14 1.32
CA ASN A 249 3.85 -32.86 1.65
C ASN A 249 2.89 -31.98 2.44
N VAL A 250 3.41 -31.20 3.37
CA VAL A 250 2.54 -30.31 4.13
C VAL A 250 1.82 -29.34 3.20
N ALA A 251 2.54 -28.84 2.19
CA ALA A 251 1.96 -27.90 1.24
C ALA A 251 0.76 -28.50 0.52
N GLU A 252 0.84 -29.78 0.10
CA GLU A 252 -0.32 -30.41 -0.55
C GLU A 252 -1.49 -30.54 0.42
N GLN A 253 -1.21 -30.86 1.68
CA GLN A 253 -2.27 -30.91 2.68
C GLN A 253 -2.87 -29.54 2.94
N VAL A 254 -2.05 -28.47 2.92
CA VAL A 254 -2.62 -27.13 3.11
C VAL A 254 -3.59 -26.82 1.98
N LYS A 255 -3.19 -27.14 0.75
CA LYS A 255 -4.08 -26.95 -0.40
C LYS A 255 -5.39 -27.71 -0.22
N GLU A 256 -5.32 -28.91 0.35
CA GLU A 256 -6.52 -29.71 0.53
C GLU A 256 -7.41 -29.13 1.63
N VAL A 257 -6.82 -28.74 2.75
CA VAL A 257 -7.57 -28.11 3.84
C VAL A 257 -8.26 -26.82 3.38
N LEU A 258 -7.64 -26.09 2.46
CA LEU A 258 -8.19 -24.81 2.02
C LEU A 258 -9.11 -24.96 0.82
N GLY A 259 -9.31 -26.17 0.31
CA GLY A 259 -10.26 -26.41 -0.77
C GLY A 259 -9.70 -26.32 -2.17
N GLY A 260 -8.40 -26.51 -2.36
CA GLY A 260 -7.83 -26.51 -3.69
C GLY A 260 -6.89 -25.36 -4.01
N ARG A 261 -6.70 -24.42 -3.11
CA ARG A 261 -5.82 -23.28 -3.34
C ARG A 261 -4.91 -23.10 -2.12
N GLY A 262 -3.70 -22.60 -2.35
CA GLY A 262 -2.76 -22.34 -1.28
C GLY A 262 -3.21 -21.18 -0.41
N ALA A 263 -2.52 -21.01 0.72
CA ALA A 263 -2.85 -19.96 1.67
C ALA A 263 -2.51 -18.57 1.11
N ASP A 264 -3.15 -17.55 1.70
CA ASP A 264 -2.81 -16.17 1.37
C ASP A 264 -1.44 -15.78 1.94
N TYR A 265 -1.11 -16.27 3.13
CA TYR A 265 0.11 -15.93 3.87
C TYR A 265 0.69 -17.20 4.47
N ALA A 266 2.02 -17.27 4.55
CA ALA A 266 2.71 -18.31 5.30
C ALA A 266 3.93 -17.71 6.01
N PHE A 267 4.23 -18.26 7.19
CA PHE A 267 5.31 -17.77 8.04
C PHE A 267 6.20 -18.95 8.45
N GLU A 268 7.51 -18.82 8.25
CA GLU A 268 8.45 -19.88 8.59
C GLU A 268 9.22 -19.47 9.84
N CYS A 269 9.20 -20.36 10.85
CA CYS A 269 9.63 -20.08 12.22
C CYS A 269 10.36 -21.27 12.81
N THR A 270 10.99 -22.11 12.00
CA THR A 270 11.41 -23.44 12.46
C THR A 270 12.84 -23.51 12.96
N ALA A 271 13.68 -22.50 12.69
CA ALA A 271 15.12 -22.53 12.95
C ALA A 271 15.85 -23.58 12.10
N ILE A 272 15.22 -24.09 11.05
CA ILE A 272 15.82 -25.13 10.19
C ILE A 272 16.25 -24.46 8.88
N PRO A 273 17.56 -24.27 8.65
CA PRO A 273 17.98 -23.59 7.41
C PRO A 273 17.43 -24.22 6.14
N ALA A 274 17.32 -25.56 6.09
CA ALA A 274 16.82 -26.22 4.89
C ALA A 274 15.38 -25.86 4.58
N LEU A 275 14.64 -25.29 5.54
CA LEU A 275 13.23 -25.00 5.35
C LEU A 275 12.98 -23.53 4.97
N GLY A 276 14.02 -22.85 4.49
CA GLY A 276 13.89 -21.42 4.24
C GLY A 276 12.91 -21.07 3.14
N ALA A 277 12.75 -21.94 2.16
CA ALA A 277 11.82 -21.71 1.06
C ALA A 277 10.45 -22.35 1.28
N ALA A 278 10.29 -23.14 2.34
CA ALA A 278 9.01 -23.80 2.60
C ALA A 278 7.80 -22.88 2.60
N PRO A 279 7.84 -21.63 3.09
CA PRO A 279 6.60 -20.84 3.08
C PRO A 279 6.13 -20.52 1.67
N LEU A 280 7.03 -20.57 0.67
CA LEU A 280 6.60 -20.34 -0.71
C LEU A 280 5.75 -21.50 -1.21
N ALA A 281 6.07 -22.72 -0.78
CA ALA A 281 5.27 -23.87 -1.16
C ALA A 281 3.85 -23.76 -0.64
N MET A 282 3.66 -23.09 0.51
CA MET A 282 2.35 -23.06 1.16
C MET A 282 1.37 -22.07 0.52
N VAL A 283 1.86 -21.02 -0.17
CA VAL A 283 0.94 -19.96 -0.59
C VAL A 283 0.55 -20.09 -2.05
N ARG A 284 -0.65 -19.59 -2.35
CA ARG A 284 -1.10 -19.43 -3.73
C ARG A 284 -0.19 -18.45 -4.47
N ASN A 285 -0.30 -18.42 -5.80
CA ASN A 285 0.33 -17.35 -6.56
C ASN A 285 -0.14 -16.00 -6.03
N ALA A 286 0.77 -15.03 -6.06
CA ALA A 286 0.57 -13.69 -5.49
C ALA A 286 0.33 -13.70 -3.98
N GLY A 287 0.65 -14.81 -3.29
CA GLY A 287 0.57 -14.82 -1.84
C GLY A 287 1.83 -14.23 -1.23
N THR A 288 1.87 -14.21 0.10
CA THR A 288 2.96 -13.56 0.84
C THR A 288 3.63 -14.56 1.77
N ALA A 289 4.93 -14.73 1.61
CA ALA A 289 5.71 -15.72 2.34
C ALA A 289 6.77 -15.00 3.15
N VAL A 290 6.76 -15.21 4.46
CA VAL A 290 7.58 -14.49 5.42
C VAL A 290 8.43 -15.52 6.14
N GLN A 291 9.73 -15.32 6.03
CA GLN A 291 10.76 -16.23 6.52
C GLN A 291 11.29 -15.52 7.78
N VAL A 292 10.95 -16.02 8.98
CA VAL A 292 11.30 -15.28 10.18
C VAL A 292 12.61 -15.74 10.80
N SER A 293 13.08 -16.95 10.46
CA SER A 293 14.20 -17.53 11.19
C SER A 293 15.50 -16.76 11.00
N GLY A 294 15.75 -16.28 9.78
CA GLY A 294 17.06 -15.74 9.46
C GLY A 294 18.05 -16.87 9.24
N ILE A 295 18.55 -16.99 8.01
CA ILE A 295 19.39 -18.11 7.61
C ILE A 295 20.66 -17.54 6.99
N GLU A 296 21.82 -18.01 7.45
CA GLU A 296 23.13 -17.54 6.99
C GLU A 296 23.93 -18.68 6.37
N GLU A 297 23.29 -19.50 5.54
CA GLU A 297 23.96 -20.61 4.88
C GLU A 297 23.56 -20.64 3.42
N ASP A 298 24.33 -21.38 2.63
CA ASP A 298 23.90 -21.73 1.28
C ASP A 298 22.87 -22.85 1.37
N ILE A 299 21.73 -22.66 0.71
CA ILE A 299 20.73 -23.71 0.60
C ILE A 299 20.30 -23.81 -0.85
N THR A 300 19.90 -25.01 -1.26
CA THR A 300 19.41 -25.25 -2.61
C THR A 300 17.90 -25.02 -2.63
N ILE A 301 17.42 -24.28 -3.62
CA ILE A 301 16.00 -23.92 -3.70
C ILE A 301 15.49 -24.22 -5.11
N ASP A 302 14.37 -24.92 -5.18
CA ASP A 302 13.64 -25.06 -6.44
C ASP A 302 13.03 -23.70 -6.77
N MET A 303 13.55 -23.04 -7.81
CA MET A 303 13.12 -21.67 -8.08
C MET A 303 11.69 -21.60 -8.58
N ARG A 304 11.14 -22.74 -9.01
CA ARG A 304 9.72 -22.82 -9.34
C ARG A 304 8.86 -22.34 -8.18
N LEU A 305 9.34 -22.51 -6.94
CA LEU A 305 8.56 -22.07 -5.78
C LEU A 305 8.26 -20.59 -5.81
N PHE A 306 9.12 -19.78 -6.43
CA PHE A 306 8.84 -18.36 -6.57
C PHE A 306 7.79 -18.06 -7.63
N GLU A 307 7.50 -19.00 -8.52
CA GLU A 307 6.68 -18.72 -9.69
C GLU A 307 5.21 -18.64 -9.33
N TRP A 308 4.87 -17.42 -8.92
CA TRP A 308 4.31 -16.34 -9.72
C TRP A 308 3.70 -15.35 -8.75
N ASP A 309 4.37 -14.19 -8.69
CA ASP A 309 3.94 -13.00 -8.00
C ASP A 309 3.95 -13.15 -6.51
N LYS A 310 4.57 -14.19 -5.98
CA LYS A 310 4.63 -14.36 -4.54
C LYS A 310 5.64 -13.38 -3.95
N ILE A 311 5.25 -12.72 -2.86
CA ILE A 311 6.11 -11.81 -2.15
C ILE A 311 6.87 -12.58 -1.09
N TYR A 312 8.19 -12.53 -1.14
CA TYR A 312 9.02 -13.20 -0.14
C TYR A 312 9.86 -12.16 0.61
N ILE A 313 9.84 -12.24 1.93
CA ILE A 313 10.55 -11.29 2.78
C ILE A 313 11.09 -12.00 4.01
N ASN A 314 12.26 -11.56 4.45
CA ASN A 314 12.94 -12.07 5.64
C ASN A 314 13.13 -10.88 6.57
N PRO A 315 12.14 -10.56 7.38
CA PRO A 315 12.21 -9.37 8.22
C PRO A 315 12.96 -9.59 9.53
N LEU A 316 13.55 -8.52 10.04
CA LEU A 316 14.24 -8.52 11.32
C LEU A 316 13.34 -7.91 12.40
N TYR A 317 13.22 -8.62 13.51
CA TYR A 317 12.60 -8.11 14.75
C TYR A 317 11.19 -7.56 14.50
N GLY A 318 10.48 -8.14 13.53
CA GLY A 318 9.10 -7.74 13.28
C GLY A 318 8.94 -6.28 12.89
N LYS A 319 9.98 -5.68 12.29
CA LYS A 319 9.96 -4.25 11.93
C LYS A 319 9.71 -3.37 13.15
N CYS A 320 10.23 -3.80 14.30
CA CYS A 320 10.00 -3.14 15.58
C CYS A 320 10.35 -1.66 15.56
N ARG A 321 9.37 -0.82 15.96
CA ARG A 321 9.67 0.52 16.44
C ARG A 321 9.30 0.57 17.91
N PRO A 322 10.26 0.38 18.82
CA PRO A 322 9.92 0.06 20.22
C PRO A 322 8.96 1.03 20.89
N GLN A 323 9.19 2.34 20.81
CA GLN A 323 8.33 3.28 21.51
C GLN A 323 6.93 3.33 20.89
N ILE A 324 6.77 2.84 19.66
CA ILE A 324 5.45 2.76 19.03
C ILE A 324 4.82 1.38 19.25
N ASP A 325 5.56 0.31 19.00
CA ASP A 325 4.96 -1.02 19.00
C ASP A 325 4.77 -1.57 20.40
N PHE A 326 5.71 -1.33 21.32
CA PHE A 326 5.58 -1.94 22.64
C PHE A 326 4.35 -1.46 23.40
N PRO A 327 4.01 -0.15 23.42
CA PRO A 327 2.73 0.24 24.06
C PRO A 327 1.51 -0.32 23.37
N LYS A 328 1.54 -0.52 22.05
CA LYS A 328 0.39 -1.13 21.38
C LYS A 328 0.22 -2.58 21.83
N LEU A 329 1.33 -3.30 22.01
CA LEU A 329 1.27 -4.67 22.51
C LEU A 329 0.77 -4.69 23.94
N MET A 330 1.27 -3.77 24.77
CA MET A 330 0.80 -3.69 26.14
C MET A 330 -0.72 -3.47 26.19
N GLN A 331 -1.26 -2.63 25.30
CA GLN A 331 -2.69 -2.41 25.29
C GLN A 331 -3.47 -3.67 24.88
N LEU A 332 -2.97 -4.41 23.88
CA LEU A 332 -3.61 -5.68 23.49
C LEU A 332 -3.49 -6.73 24.58
N TYR A 333 -2.45 -6.66 25.42
CA TYR A 333 -2.31 -7.63 26.51
C TYR A 333 -3.34 -7.35 27.58
N LYS A 334 -3.51 -6.08 27.87
CA LYS A 334 -4.41 -5.66 28.91
C LYS A 334 -5.86 -5.91 28.52
N LYS A 335 -6.16 -5.65 27.26
CA LYS A 335 -7.46 -5.92 26.66
C LYS A 335 -7.79 -7.40 26.70
N GLY A 336 -6.79 -8.28 26.75
CA GLY A 336 -7.03 -9.70 26.75
C GLY A 336 -6.78 -10.42 25.44
N ASP A 337 -6.46 -9.70 24.35
CA ASP A 337 -6.26 -10.35 23.05
C ASP A 337 -4.89 -11.00 22.92
N LEU A 338 -3.86 -10.36 23.46
CA LEU A 338 -2.48 -10.86 23.40
C LEU A 338 -2.19 -11.67 24.66
N LYS A 339 -2.03 -12.99 24.51
CA LYS A 339 -2.15 -13.92 25.62
C LYS A 339 -0.79 -14.21 26.27
N LEU A 340 -0.16 -13.15 26.81
CA LEU A 340 1.19 -13.27 27.35
C LEU A 340 1.21 -14.14 28.60
N ASP A 341 0.20 -14.05 29.45
CA ASP A 341 0.15 -14.88 30.67
C ASP A 341 0.21 -16.36 30.31
N GLU A 342 -0.66 -16.80 29.40
CA GLU A 342 -0.71 -18.21 28.99
C GLU A 342 0.59 -18.67 28.33
N MET A 343 1.34 -17.74 27.73
CA MET A 343 2.58 -18.09 27.07
C MET A 343 3.69 -18.47 28.06
N ILE A 344 3.59 -18.06 29.32
CA ILE A 344 4.66 -18.37 30.27
C ILE A 344 4.39 -19.76 30.83
N THR A 345 5.01 -20.77 30.23
CA THR A 345 4.77 -22.15 30.67
C THR A 345 5.38 -22.42 32.04
N LYS A 346 6.62 -21.99 32.26
CA LYS A 346 7.30 -22.24 33.52
C LYS A 346 8.25 -21.09 33.83
N GLU A 347 8.28 -20.66 35.11
CA GLU A 347 9.28 -19.74 35.60
C GLU A 347 10.42 -20.52 36.26
N TYR A 348 11.65 -20.05 36.05
CA TYR A 348 12.82 -20.71 36.59
C TYR A 348 13.65 -19.70 37.37
N LYS A 349 14.54 -20.21 38.22
CA LYS A 349 15.54 -19.35 38.80
C LYS A 349 16.83 -19.43 38.00
N LEU A 350 17.66 -18.38 38.12
CA LEU A 350 18.82 -18.26 37.24
C LEU A 350 19.70 -19.50 37.28
N ASP A 351 19.78 -20.16 38.44
CA ASP A 351 20.60 -21.36 38.54
C ASP A 351 20.04 -22.49 37.68
N ASP A 352 18.74 -22.50 37.41
CA ASP A 352 18.13 -23.54 36.60
C ASP A 352 17.96 -23.12 35.15
N LEU A 353 18.85 -22.23 34.67
CA LEU A 353 18.80 -21.83 33.27
C LEU A 353 18.94 -23.03 32.35
N GLN A 354 19.81 -23.98 32.71
CA GLN A 354 20.00 -25.17 31.88
C GLN A 354 18.70 -25.95 31.72
N GLN A 355 17.98 -26.18 32.83
CA GLN A 355 16.69 -26.88 32.73
C GLN A 355 15.71 -26.11 31.84
N ALA A 356 15.77 -24.77 31.89
CA ALA A 356 14.89 -23.97 31.06
C ALA A 356 15.27 -24.06 29.59
N LEU A 357 16.57 -24.08 29.30
CA LEU A 357 17.03 -24.27 27.93
C LEU A 357 16.64 -25.64 27.40
N ASP A 358 16.80 -26.67 28.24
CA ASP A 358 16.42 -28.03 27.86
C ASP A 358 14.92 -28.14 27.62
N ASP A 359 14.11 -27.50 28.48
CA ASP A 359 12.67 -27.55 28.26
C ASP A 359 12.27 -26.82 26.98
N MET A 360 12.98 -25.74 26.64
CA MET A 360 12.74 -25.07 25.37
C MET A 360 13.07 -25.97 24.19
N LEU A 361 14.32 -26.47 24.14
CA LEU A 361 14.77 -27.31 23.04
C LEU A 361 13.97 -28.61 22.94
N ALA A 362 13.51 -29.15 24.06
CA ALA A 362 12.72 -30.39 24.04
C ALA A 362 11.27 -30.14 23.66
N GLY A 363 10.86 -28.89 23.48
CA GLY A 363 9.49 -28.62 23.09
C GLY A 363 8.50 -28.70 24.22
N LYS A 364 8.93 -28.50 25.46
CA LYS A 364 7.99 -28.56 26.56
C LYS A 364 7.34 -27.21 26.87
N ASN A 365 7.87 -26.11 26.36
CA ASN A 365 7.39 -24.78 26.76
C ASN A 365 6.97 -23.96 25.54
N ALA A 366 5.94 -23.14 25.75
CA ALA A 366 5.73 -21.99 24.88
C ALA A 366 6.90 -21.05 25.08
N LYS A 367 6.97 -20.41 26.24
CA LYS A 367 8.10 -19.61 26.67
C LYS A 367 8.44 -19.97 28.12
N GLY A 368 9.72 -20.14 28.39
CA GLY A 368 10.21 -20.15 29.76
C GLY A 368 10.87 -18.81 30.08
N VAL A 369 10.77 -18.40 31.34
CA VAL A 369 11.38 -17.16 31.80
C VAL A 369 12.16 -17.41 33.08
N VAL A 370 13.27 -16.70 33.22
CA VAL A 370 14.00 -16.63 34.48
C VAL A 370 13.47 -15.44 35.27
N VAL A 371 13.14 -15.67 36.54
CA VAL A 371 12.62 -14.63 37.44
C VAL A 371 13.66 -14.34 38.51
N PHE A 372 13.76 -13.08 38.90
CA PHE A 372 14.75 -12.64 39.89
C PHE A 372 14.04 -12.18 41.17
N SER B 3 -11.27 -22.81 -45.17
CA SER B 3 -9.98 -23.16 -44.59
C SER B 3 -8.84 -22.53 -45.38
N ILE B 4 -8.14 -21.62 -44.73
CA ILE B 4 -7.11 -20.80 -45.34
C ILE B 4 -5.74 -21.41 -45.03
N GLN B 5 -4.78 -21.18 -45.92
CA GLN B 5 -3.40 -21.66 -45.72
C GLN B 5 -2.52 -20.50 -45.30
N SER B 6 -1.92 -20.60 -44.11
CA SER B 6 -1.13 -19.53 -43.54
C SER B 6 0.33 -19.98 -43.44
N LYS B 7 1.21 -19.26 -44.14
CA LYS B 7 2.64 -19.47 -44.00
C LYS B 7 3.05 -19.20 -42.55
N SER B 8 3.81 -20.12 -41.96
CA SER B 8 4.02 -20.06 -40.52
C SER B 8 5.35 -20.66 -40.15
N ALA B 9 5.86 -20.23 -39.00
CA ALA B 9 7.01 -20.86 -38.36
C ALA B 9 6.49 -21.87 -37.34
N VAL B 10 6.82 -23.14 -37.55
CA VAL B 10 6.37 -24.21 -36.67
C VAL B 10 7.60 -24.78 -35.97
N ALA B 11 7.59 -24.72 -34.64
CA ALA B 11 8.62 -25.37 -33.86
C ALA B 11 8.29 -26.85 -33.78
N LYS B 12 9.13 -27.68 -34.36
CA LYS B 12 9.01 -29.10 -34.07
C LYS B 12 9.56 -29.37 -32.67
N GLY B 13 9.02 -30.41 -32.04
CA GLY B 13 9.43 -30.73 -30.69
C GLY B 13 10.79 -31.41 -30.56
N ASP B 14 11.84 -30.78 -31.08
CA ASP B 14 13.16 -31.39 -31.06
C ASP B 14 14.29 -30.37 -30.99
N GLY B 15 13.99 -29.09 -30.79
CA GLY B 15 15.00 -28.05 -30.88
C GLY B 15 15.05 -27.35 -32.22
N SER B 16 14.30 -27.82 -33.22
CA SER B 16 14.34 -27.29 -34.57
C SER B 16 12.98 -26.68 -34.96
N PHE B 17 13.02 -25.85 -35.99
CA PHE B 17 11.81 -25.26 -36.56
C PHE B 17 11.91 -25.28 -38.08
N THR B 18 10.76 -25.12 -38.72
CA THR B 18 10.67 -25.07 -40.17
C THR B 18 9.60 -24.06 -40.57
N ILE B 19 9.88 -23.30 -41.63
CA ILE B 19 8.89 -22.41 -42.23
C ILE B 19 8.03 -23.27 -43.14
N THR B 20 6.73 -23.29 -42.87
CA THR B 20 5.83 -24.24 -43.49
C THR B 20 4.48 -23.57 -43.70
N HIS B 21 3.42 -24.37 -43.86
CA HIS B 21 2.07 -23.87 -43.97
C HIS B 21 1.18 -24.55 -42.95
N VAL B 22 0.33 -23.75 -42.29
CA VAL B 22 -0.59 -24.22 -41.27
C VAL B 22 -2.00 -23.99 -41.76
N THR B 23 -2.87 -24.96 -41.54
CA THR B 23 -4.22 -24.96 -42.05
C THR B 23 -5.10 -24.31 -40.98
N VAL B 24 -5.67 -23.15 -41.27
CA VAL B 24 -6.44 -22.39 -40.29
C VAL B 24 -7.91 -22.40 -40.70
N ALA B 25 -8.79 -22.66 -39.73
CA ALA B 25 -10.21 -22.73 -40.01
C ALA B 25 -10.87 -21.39 -39.77
N GLU B 26 -12.15 -21.31 -40.15
CA GLU B 26 -12.96 -20.12 -39.90
C GLU B 26 -13.31 -20.05 -38.41
N PRO B 27 -13.52 -18.85 -37.86
CA PRO B 27 -13.60 -18.72 -36.41
C PRO B 27 -14.96 -19.10 -35.82
N LYS B 28 -14.90 -19.77 -34.67
CA LYS B 28 -16.07 -20.03 -33.82
C LYS B 28 -16.70 -18.73 -33.36
N ALA B 29 -17.78 -18.83 -32.58
CA ALA B 29 -18.57 -17.66 -32.23
C ALA B 29 -17.79 -16.64 -31.40
N ASP B 30 -16.89 -17.09 -30.54
CA ASP B 30 -16.12 -16.18 -29.70
C ASP B 30 -14.68 -16.03 -30.16
N GLU B 31 -14.40 -16.33 -31.43
CA GLU B 31 -13.04 -16.30 -31.95
C GLU B 31 -12.91 -15.26 -33.06
N LEU B 32 -11.68 -15.12 -33.53
CA LEU B 32 -11.28 -14.03 -34.42
C LEU B 32 -10.21 -14.55 -35.34
N LEU B 33 -10.22 -14.09 -36.58
CA LEU B 33 -9.11 -14.29 -37.49
C LEU B 33 -8.36 -12.97 -37.63
N VAL B 34 -7.09 -12.95 -37.25
CA VAL B 34 -6.27 -11.75 -37.28
C VAL B 34 -5.23 -11.89 -38.38
N LYS B 35 -5.15 -10.89 -39.24
CA LYS B 35 -4.06 -10.79 -40.21
C LYS B 35 -2.85 -10.12 -39.54
N ILE B 36 -1.81 -10.89 -39.29
CA ILE B 36 -0.65 -10.41 -38.56
C ILE B 36 0.13 -9.45 -39.44
N LYS B 37 0.37 -8.23 -38.95
CA LYS B 37 1.24 -7.27 -39.65
C LYS B 37 2.69 -7.34 -39.20
N ALA B 38 2.92 -7.57 -37.91
CA ALA B 38 4.27 -7.67 -37.37
C ALA B 38 4.22 -8.58 -36.15
N ALA B 39 5.30 -9.34 -35.96
CA ALA B 39 5.44 -10.28 -34.86
C ALA B 39 6.79 -10.05 -34.20
N GLY B 40 6.78 -9.74 -32.90
CA GLY B 40 8.02 -9.55 -32.18
C GLY B 40 8.65 -10.86 -31.77
N LEU B 41 9.96 -10.83 -31.48
CA LEU B 41 10.70 -12.01 -31.05
C LEU B 41 11.18 -11.84 -29.62
N CYS B 42 10.85 -12.82 -28.77
CA CYS B 42 11.22 -12.86 -27.36
C CYS B 42 12.23 -13.99 -27.18
N HIS B 43 13.10 -13.84 -26.20
CA HIS B 43 14.00 -14.94 -25.82
C HIS B 43 13.21 -16.24 -25.62
N THR B 44 12.02 -16.13 -25.02
CA THR B 44 11.20 -17.31 -24.77
C THR B 44 10.85 -18.04 -26.06
N ASP B 45 10.76 -17.32 -27.19
CA ASP B 45 10.52 -18.01 -28.46
C ASP B 45 11.67 -18.97 -28.76
N TYR B 46 12.89 -18.61 -28.36
CA TYR B 46 14.01 -19.54 -28.52
C TYR B 46 13.83 -20.77 -27.63
N ASP B 47 13.47 -20.56 -26.36
CA ASP B 47 13.17 -21.67 -25.46
C ASP B 47 12.09 -22.59 -26.04
N SER B 48 11.08 -22.01 -26.71
CA SER B 48 9.95 -22.83 -27.16
C SER B 48 10.34 -23.82 -28.26
N LEU B 49 11.54 -23.70 -28.83
CA LEU B 49 11.98 -24.68 -29.81
C LEU B 49 12.16 -26.05 -29.18
N SER B 50 12.51 -26.08 -27.89
CA SER B 50 12.88 -27.30 -27.20
C SER B 50 11.80 -27.79 -26.26
N TRP B 51 10.64 -27.16 -26.24
CA TRP B 51 9.45 -27.85 -25.76
C TRP B 51 9.14 -28.95 -26.78
N GLY B 52 9.07 -30.19 -26.32
CA GLY B 52 8.96 -31.33 -27.21
C GLY B 52 7.58 -31.57 -27.79
N LYS B 53 7.03 -30.57 -28.48
CA LYS B 53 5.72 -30.67 -29.12
C LYS B 53 5.67 -29.68 -30.27
N PRO B 54 5.05 -30.02 -31.41
CA PRO B 54 4.92 -29.02 -32.48
C PRO B 54 4.05 -27.86 -32.04
N ILE B 55 4.51 -26.64 -32.35
CA ILE B 55 3.81 -25.42 -31.96
C ILE B 55 3.91 -24.42 -33.10
N VAL B 56 2.86 -23.63 -33.29
CA VAL B 56 2.96 -22.43 -34.12
C VAL B 56 3.63 -21.35 -33.27
N MET B 57 4.87 -21.01 -33.60
CA MET B 57 5.66 -20.12 -32.76
C MET B 57 5.09 -18.70 -32.76
N GLY B 58 5.54 -17.92 -31.78
CA GLY B 58 5.25 -16.50 -31.75
C GLY B 58 4.17 -16.14 -30.75
N HIS B 59 4.47 -15.24 -29.83
CA HIS B 59 3.47 -14.80 -28.85
C HIS B 59 3.45 -13.29 -28.71
N GLU B 60 4.10 -12.56 -29.61
CA GLU B 60 4.07 -11.10 -29.67
C GLU B 60 3.57 -10.72 -31.05
N GLY B 61 2.53 -9.89 -31.13
CA GLY B 61 2.07 -9.50 -32.44
C GLY B 61 1.07 -8.38 -32.42
N ALA B 62 0.93 -7.76 -33.58
CA ALA B 62 -0.11 -6.77 -33.85
C ALA B 62 -0.60 -7.02 -35.26
N GLY B 63 -1.82 -6.59 -35.53
CA GLY B 63 -2.39 -6.83 -36.85
C GLY B 63 -3.76 -6.22 -37.01
N VAL B 64 -4.54 -6.77 -37.92
CA VAL B 64 -5.83 -6.22 -38.29
C VAL B 64 -6.84 -7.37 -38.35
N VAL B 65 -8.05 -7.11 -37.84
CA VAL B 65 -9.07 -8.13 -37.79
C VAL B 65 -9.49 -8.50 -39.19
N GLU B 66 -9.27 -9.76 -39.57
CA GLU B 66 -9.67 -10.31 -40.85
C GLU B 66 -11.13 -10.79 -40.82
N LYS B 67 -11.47 -11.66 -39.87
CA LYS B 67 -12.79 -12.27 -39.79
C LYS B 67 -13.20 -12.47 -38.34
N VAL B 68 -14.49 -12.22 -38.09
CA VAL B 68 -15.08 -12.16 -36.76
C VAL B 68 -16.14 -13.24 -36.63
N GLY B 69 -16.17 -13.91 -35.47
CA GLY B 69 -17.16 -14.94 -35.22
C GLY B 69 -18.51 -14.40 -34.77
N SER B 70 -19.45 -15.35 -34.61
CA SER B 70 -20.88 -15.07 -34.48
C SER B 70 -21.21 -14.05 -33.39
N ASP B 71 -20.60 -14.21 -32.22
CA ASP B 71 -20.98 -13.49 -31.00
C ASP B 71 -20.09 -12.28 -30.71
N ILE B 72 -19.17 -11.95 -31.60
CA ILE B 72 -18.28 -10.81 -31.37
C ILE B 72 -19.03 -9.52 -31.72
N LYS B 73 -19.18 -8.61 -30.74
CA LYS B 73 -20.00 -7.40 -30.88
C LYS B 73 -19.23 -6.09 -31.02
N ASP B 74 -18.12 -5.97 -30.34
CA ASP B 74 -17.25 -4.81 -30.40
C ASP B 74 -15.99 -4.96 -31.29
N LEU B 75 -15.93 -5.92 -32.23
CA LEU B 75 -14.85 -5.86 -33.22
C LEU B 75 -15.40 -6.11 -34.63
N LYS B 76 -14.72 -5.57 -35.64
CA LYS B 76 -15.13 -5.83 -37.01
C LYS B 76 -13.90 -5.96 -37.89
N LYS B 77 -14.13 -6.48 -39.10
CA LYS B 77 -13.10 -6.51 -40.13
C LYS B 77 -12.44 -5.15 -40.23
N GLY B 78 -11.11 -5.15 -40.32
CA GLY B 78 -10.37 -3.90 -40.48
C GLY B 78 -9.88 -3.24 -39.22
N ASP B 79 -10.34 -3.66 -38.03
CA ASP B 79 -9.89 -3.05 -36.78
C ASP B 79 -8.45 -3.43 -36.46
N GLN B 80 -7.67 -2.44 -36.01
CA GLN B 80 -6.31 -2.66 -35.53
C GLN B 80 -6.34 -3.25 -34.13
N VAL B 81 -5.54 -4.28 -33.89
CA VAL B 81 -5.56 -4.96 -32.59
C VAL B 81 -4.14 -5.31 -32.18
N LEU B 82 -3.87 -5.20 -30.89
CA LEU B 82 -2.70 -5.76 -30.24
C LEU B 82 -3.08 -7.10 -29.63
N LEU B 83 -2.13 -8.03 -29.61
CA LEU B 83 -2.37 -9.34 -29.03
C LEU B 83 -1.77 -9.41 -27.64
N ASN B 84 -2.41 -10.19 -26.77
CA ASN B 84 -1.87 -10.48 -25.45
C ASN B 84 -2.05 -11.96 -25.19
N TRP B 85 -1.14 -12.53 -24.42
CA TRP B 85 -1.24 -13.95 -24.09
C TRP B 85 -1.78 -14.19 -22.68
N ALA B 86 -2.46 -13.21 -22.09
CA ALA B 86 -3.08 -13.56 -20.82
C ALA B 86 -4.43 -14.24 -21.06
N THR B 87 -5.15 -13.82 -22.11
CA THR B 87 -6.49 -14.29 -22.47
C THR B 87 -7.34 -14.50 -21.20
N PRO B 88 -7.51 -13.53 -20.35
CA PRO B 88 -8.07 -13.79 -19.01
C PRO B 88 -9.55 -14.15 -19.04
N CYS B 89 -9.95 -14.99 -18.08
CA CYS B 89 -11.34 -15.46 -18.00
C CYS B 89 -12.27 -14.46 -17.33
N MET B 90 -11.73 -13.56 -16.50
CA MET B 90 -12.42 -12.45 -15.89
C MET B 90 -13.32 -12.88 -14.73
N HIS B 91 -13.34 -14.17 -14.36
CA HIS B 91 -14.26 -14.63 -13.32
C HIS B 91 -13.62 -15.45 -12.21
N CYS B 92 -12.42 -15.96 -12.42
CA CYS B 92 -11.79 -16.75 -11.37
C CYS B 92 -11.28 -15.84 -10.25
N PHE B 93 -10.85 -16.47 -9.16
CA PHE B 93 -10.32 -15.74 -8.02
C PHE B 93 -9.25 -14.73 -8.45
N GLN B 94 -8.27 -15.16 -9.27
CA GLN B 94 -7.14 -14.28 -9.56
C GLN B 94 -7.55 -13.10 -10.43
N CYS B 95 -8.44 -13.33 -11.42
CA CYS B 95 -8.99 -12.22 -12.20
C CYS B 95 -9.72 -11.22 -11.32
N GLN B 96 -10.50 -11.70 -10.35
CA GLN B 96 -11.27 -10.81 -9.48
C GLN B 96 -10.38 -10.02 -8.51
N GLU B 97 -9.24 -10.57 -8.14
CA GLU B 97 -8.09 -9.91 -7.52
C GLU B 97 -7.41 -8.91 -8.45
N GLY B 98 -7.87 -8.78 -9.70
CA GLY B 98 -7.14 -8.01 -10.68
C GLY B 98 -5.85 -8.64 -11.16
N ASN B 99 -5.60 -9.91 -10.86
CA ASN B 99 -4.40 -10.60 -11.36
C ASN B 99 -4.73 -11.40 -12.62
N GLN B 100 -5.19 -10.68 -13.64
CA GLN B 100 -5.57 -11.33 -14.90
C GLN B 100 -4.41 -12.06 -15.54
N HIS B 101 -3.17 -11.68 -15.21
CA HIS B 101 -2.01 -12.32 -15.82
C HIS B 101 -1.74 -13.73 -15.29
N ILE B 102 -2.33 -14.10 -14.14
CA ILE B 102 -2.18 -15.45 -13.61
C ILE B 102 -3.55 -16.08 -13.47
N CYS B 103 -4.44 -15.77 -14.42
CA CYS B 103 -5.77 -16.37 -14.53
C CYS B 103 -5.72 -17.89 -14.34
N GLU B 104 -6.47 -18.37 -13.37
CA GLU B 104 -6.44 -19.78 -13.01
C GLU B 104 -7.05 -20.70 -14.07
N ASN B 105 -7.85 -20.16 -15.00
CA ASN B 105 -8.51 -20.99 -16.01
C ASN B 105 -7.85 -20.91 -17.37
N ASN B 106 -7.40 -19.72 -17.79
CA ASN B 106 -7.03 -19.47 -19.18
C ASN B 106 -5.55 -19.17 -19.38
N SER B 107 -4.81 -18.84 -18.34
CA SER B 107 -3.39 -18.52 -18.51
C SER B 107 -2.67 -19.68 -19.19
N PRO B 108 -1.99 -19.45 -20.32
CA PRO B 108 -1.25 -20.54 -20.97
C PRO B 108 -0.05 -20.99 -20.16
N VAL B 109 0.40 -20.16 -19.23
CA VAL B 109 1.50 -20.50 -18.36
C VAL B 109 1.03 -21.20 -17.09
N VAL B 110 0.07 -20.58 -16.41
CA VAL B 110 -0.42 -21.06 -15.13
C VAL B 110 -1.40 -22.22 -15.29
N ALA B 111 -2.29 -22.17 -16.28
CA ALA B 111 -3.28 -23.22 -16.46
C ALA B 111 -2.95 -24.17 -17.62
N GLY B 112 -1.98 -23.83 -18.46
CA GLY B 112 -1.56 -24.70 -19.55
C GLY B 112 -0.48 -25.66 -19.08
N GLY B 113 -0.72 -26.95 -19.28
CA GLY B 113 0.20 -27.97 -18.84
C GLY B 113 -0.50 -29.24 -18.38
N HIS B 116 -4.07 -26.15 -24.33
CA HIS B 116 -4.93 -26.54 -23.21
C HIS B 116 -6.10 -25.63 -22.85
N THR B 117 -5.95 -24.31 -22.78
CA THR B 117 -6.93 -23.57 -21.99
C THR B 117 -8.05 -23.03 -22.85
N PRO B 118 -9.14 -22.57 -22.23
CA PRO B 118 -10.18 -21.84 -22.97
C PRO B 118 -9.71 -20.51 -23.58
N GLY B 119 -8.52 -20.00 -23.22
CA GLY B 119 -7.95 -18.86 -23.92
C GLY B 119 -7.37 -19.20 -25.28
N HIS B 120 -7.30 -20.50 -25.60
CA HIS B 120 -6.82 -20.98 -26.88
C HIS B 120 -8.00 -21.19 -27.82
N ALA B 121 -7.85 -20.75 -29.07
CA ALA B 121 -8.87 -21.07 -30.07
C ALA B 121 -9.09 -22.58 -30.14
N HIS B 122 -10.20 -22.97 -30.76
CA HIS B 122 -10.53 -24.40 -30.81
C HIS B 122 -9.41 -25.17 -31.51
N LEU B 123 -8.99 -26.28 -30.91
CA LEU B 123 -7.77 -26.95 -31.34
C LEU B 123 -7.85 -27.43 -32.79
N GLU B 124 -9.06 -27.69 -33.28
CA GLU B 124 -9.27 -28.11 -34.67
C GLU B 124 -8.98 -26.98 -35.65
N GLY B 125 -9.00 -25.73 -35.18
CA GLY B 125 -8.87 -24.58 -36.05
C GLY B 125 -7.49 -24.39 -36.64
N SER B 126 -6.48 -25.08 -36.11
CA SER B 126 -5.10 -24.93 -36.57
C SER B 126 -4.46 -26.31 -36.68
N GLN B 127 -4.06 -26.70 -37.89
CA GLN B 127 -3.59 -28.06 -38.15
C GLN B 127 -2.35 -28.06 -39.05
N TRP B 128 -1.48 -29.03 -38.81
CA TRP B 128 -0.25 -29.21 -39.56
C TRP B 128 0.15 -30.67 -39.46
N GLU B 129 0.52 -31.28 -40.59
CA GLU B 129 0.68 -32.73 -40.72
C GLU B 129 -0.62 -33.44 -40.35
N GLY B 130 -1.74 -32.88 -40.78
CA GLY B 130 -3.05 -33.48 -40.55
C GLY B 130 -3.47 -33.57 -39.10
N LYS B 131 -2.85 -32.78 -38.22
CA LYS B 131 -3.19 -32.92 -36.81
C LYS B 131 -3.44 -31.54 -36.23
N PRO B 132 -4.27 -31.41 -35.21
CA PRO B 132 -4.28 -30.12 -34.51
C PRO B 132 -2.88 -29.76 -34.03
N ILE B 133 -2.53 -28.49 -34.17
CA ILE B 133 -1.27 -27.98 -33.65
C ILE B 133 -1.59 -26.81 -32.74
N GLU B 134 -0.90 -26.74 -31.60
CA GLU B 134 -1.15 -25.67 -30.65
C GLU B 134 -0.44 -24.38 -31.09
N ARG B 135 -1.03 -23.26 -30.69
CA ARG B 135 -0.47 -21.94 -30.97
C ARG B 135 0.26 -21.44 -29.73
N SER B 136 1.52 -21.03 -29.91
CA SER B 136 2.34 -20.58 -28.78
C SER B 136 1.61 -19.54 -27.95
N PHE B 137 1.53 -19.80 -26.64
CA PHE B 137 0.90 -18.88 -25.68
C PHE B 137 -0.51 -18.49 -26.10
N ASN B 138 -1.24 -19.43 -26.74
CA ASN B 138 -2.61 -19.23 -27.22
C ASN B 138 -2.69 -18.28 -28.41
N LEU B 139 -1.56 -17.94 -29.03
CA LEU B 139 -1.50 -16.92 -30.07
C LEU B 139 -0.94 -17.47 -31.37
N GLY B 140 0.32 -17.92 -31.37
CA GLY B 140 0.99 -18.31 -32.60
C GLY B 140 1.05 -17.17 -33.61
N THR B 141 1.84 -16.15 -33.33
CA THR B 141 1.81 -14.94 -34.14
C THR B 141 2.76 -14.97 -35.32
N LEU B 142 3.79 -15.83 -35.31
CA LEU B 142 4.72 -15.93 -36.44
C LEU B 142 4.03 -16.67 -37.57
N SER B 143 2.96 -16.07 -38.06
CA SER B 143 2.01 -16.71 -38.96
C SER B 143 1.29 -15.62 -39.73
N GLU B 144 1.02 -15.89 -40.99
CA GLU B 144 0.33 -14.92 -41.84
C GLU B 144 -1.06 -14.61 -41.26
N TYR B 145 -1.76 -15.63 -40.76
CA TYR B 145 -3.09 -15.48 -40.17
C TYR B 145 -3.17 -16.25 -38.87
N ALA B 146 -3.69 -15.59 -37.83
CA ALA B 146 -3.83 -16.20 -36.52
C ALA B 146 -5.30 -16.35 -36.16
N LEU B 147 -5.63 -17.49 -35.55
CA LEU B 147 -6.94 -17.76 -34.99
C LEU B 147 -6.84 -17.65 -33.47
N VAL B 148 -7.66 -16.77 -32.87
CA VAL B 148 -7.53 -16.44 -31.45
C VAL B 148 -8.90 -16.21 -30.84
N LYS B 149 -8.95 -16.26 -29.51
CA LYS B 149 -10.14 -15.88 -28.76
C LYS B 149 -10.22 -14.36 -28.63
N GLU B 150 -11.44 -13.86 -28.38
CA GLU B 150 -11.61 -12.42 -28.24
C GLU B 150 -10.74 -11.85 -27.10
N SER B 151 -10.62 -12.57 -25.99
CA SER B 151 -9.81 -12.11 -24.86
C SER B 151 -8.34 -11.94 -25.22
N ALA B 152 -7.92 -12.39 -26.41
CA ALA B 152 -6.53 -12.24 -26.84
C ALA B 152 -6.23 -10.91 -27.50
N VAL B 153 -7.24 -10.08 -27.78
CA VAL B 153 -6.98 -8.88 -28.56
C VAL B 153 -7.35 -7.64 -27.76
N VAL B 154 -6.65 -6.55 -28.05
CA VAL B 154 -6.99 -5.22 -27.53
C VAL B 154 -7.16 -4.31 -28.73
N LYS B 155 -8.37 -3.79 -28.92
CA LYS B 155 -8.61 -2.89 -30.04
C LYS B 155 -7.91 -1.56 -29.78
N ILE B 156 -7.17 -1.09 -30.79
CA ILE B 156 -6.64 0.28 -30.83
C ILE B 156 -7.14 0.94 -32.10
N GLU B 157 -6.90 2.24 -32.20
CA GLU B 157 -7.48 3.13 -33.20
C GLU B 157 -6.45 4.22 -33.48
N GLU B 158 -5.51 3.92 -34.36
CA GLU B 158 -4.38 4.86 -34.60
C GLU B 158 -4.25 5.18 -36.09
N GLU B 159 -3.81 6.40 -36.27
CA GLU B 159 -3.42 6.93 -37.54
C GLU B 159 -1.96 6.62 -37.95
N ASN B 160 -1.78 6.06 -39.12
CA ASN B 160 -0.45 5.76 -39.62
C ASN B 160 0.31 4.93 -38.60
N LEU B 161 -0.27 3.80 -38.21
CA LEU B 161 0.25 3.03 -37.09
C LEU B 161 1.53 2.29 -37.48
N ASN B 162 2.54 2.38 -36.64
CA ASN B 162 3.75 1.58 -36.83
C ASN B 162 3.49 0.22 -36.20
N PHE B 163 3.17 -0.78 -37.05
CA PHE B 163 2.83 -2.09 -36.51
C PHE B 163 4.03 -2.78 -35.88
N SER B 164 5.24 -2.50 -36.38
CA SER B 164 6.44 -3.03 -35.75
C SER B 164 6.53 -2.59 -34.29
N ALA B 165 6.41 -1.28 -34.06
CA ALA B 165 6.40 -0.76 -32.69
C ALA B 165 5.27 -1.38 -31.88
N ALA B 166 4.10 -1.55 -32.50
CA ALA B 166 2.98 -2.09 -31.76
C ALA B 166 3.18 -3.54 -31.40
N SER B 167 3.94 -4.28 -32.22
CA SER B 167 4.00 -5.72 -32.05
C SER B 167 4.72 -6.10 -30.77
N ILE B 168 5.71 -5.31 -30.34
CA ILE B 168 6.49 -5.70 -29.16
C ILE B 168 5.81 -5.31 -27.86
N ILE B 169 4.69 -4.59 -27.92
CA ILE B 169 3.91 -4.37 -26.70
C ILE B 169 3.51 -5.70 -26.08
N SER B 170 3.22 -6.71 -26.90
CA SER B 170 2.58 -7.94 -26.43
C SER B 170 3.38 -8.66 -25.35
N CYS B 171 4.71 -8.55 -25.35
CA CYS B 171 5.42 -9.28 -24.30
C CYS B 171 6.56 -8.50 -23.67
N GLY B 172 7.64 -8.24 -24.43
CA GLY B 172 8.80 -7.58 -23.85
C GLY B 172 8.45 -6.26 -23.17
N VAL B 173 7.63 -5.44 -23.83
CA VAL B 173 7.32 -4.12 -23.28
C VAL B 173 6.44 -4.27 -22.05
N MET B 174 5.35 -5.02 -22.17
CA MET B 174 4.45 -5.20 -21.02
C MET B 174 5.20 -5.79 -19.84
N THR B 175 6.01 -6.83 -20.07
CA THR B 175 6.69 -7.47 -18.95
C THR B 175 7.65 -6.50 -18.27
N GLY B 176 8.47 -5.82 -19.07
CA GLY B 176 9.47 -4.94 -18.48
C GLY B 176 8.84 -3.76 -17.79
N TYR B 177 7.88 -3.12 -18.46
CA TYR B 177 7.18 -1.98 -17.86
C TYR B 177 6.39 -2.40 -16.63
N GLY B 178 5.63 -3.49 -16.74
CA GLY B 178 4.80 -3.91 -15.63
C GLY B 178 5.60 -4.35 -14.42
N SER B 179 6.78 -4.95 -14.64
CA SER B 179 7.61 -5.36 -13.51
C SER B 179 8.00 -4.15 -12.67
N VAL B 180 8.26 -3.01 -13.33
CA VAL B 180 8.61 -1.78 -12.62
C VAL B 180 7.36 -1.13 -12.03
N VAL B 181 6.32 -0.96 -12.83
CA VAL B 181 5.21 -0.09 -12.47
C VAL B 181 4.17 -0.81 -11.63
N ASN B 182 3.78 -2.03 -12.02
CA ASN B 182 2.72 -2.76 -11.32
C ASN B 182 3.27 -3.66 -10.22
N SER B 183 4.43 -4.28 -10.45
CA SER B 183 4.92 -5.24 -9.47
C SER B 183 5.82 -4.56 -8.43
N ALA B 184 6.89 -3.88 -8.86
CA ALA B 184 7.73 -3.21 -7.86
C ALA B 184 7.11 -1.90 -7.38
N LYS B 185 6.20 -1.31 -8.15
CA LYS B 185 5.62 0.00 -7.84
C LYS B 185 6.72 1.03 -7.57
N LEU B 186 7.67 1.11 -8.49
CA LEU B 186 8.86 1.93 -8.24
C LEU B 186 8.48 3.39 -7.99
N ALA B 187 9.02 3.95 -6.91
CA ALA B 187 8.75 5.34 -6.56
C ALA B 187 9.70 6.31 -7.27
N ALA B 188 9.16 7.44 -7.74
CA ALA B 188 9.99 8.49 -8.34
C ALA B 188 11.10 8.88 -7.37
N GLY B 189 12.26 9.25 -7.94
CA GLY B 189 13.40 9.65 -7.14
C GLY B 189 14.30 8.54 -6.63
N SER B 190 13.93 7.27 -6.80
N SER B 190 13.92 7.27 -6.78
CA SER B 190 14.68 6.16 -6.23
CA SER B 190 14.68 6.15 -6.22
C SER B 190 15.87 5.77 -7.13
C SER B 190 15.85 5.76 -7.12
N SER B 191 16.67 4.84 -6.63
CA SER B 191 17.76 4.25 -7.40
C SER B 191 17.39 2.83 -7.83
N ALA B 192 17.77 2.48 -9.05
CA ALA B 192 17.38 1.19 -9.63
C ALA B 192 18.55 0.55 -10.37
N VAL B 193 18.74 -0.75 -10.20
CA VAL B 193 19.76 -1.51 -10.93
C VAL B 193 19.06 -2.50 -11.85
N ILE B 194 19.48 -2.54 -13.11
CA ILE B 194 18.91 -3.49 -14.07
C ILE B 194 20.02 -4.41 -14.54
N LEU B 195 19.85 -5.70 -14.28
CA LEU B 195 20.83 -6.71 -14.66
C LEU B 195 20.33 -7.42 -15.91
N GLY B 196 21.02 -7.19 -17.03
CA GLY B 196 20.58 -7.74 -18.31
C GLY B 196 19.80 -6.73 -19.11
N CYS B 197 20.36 -6.30 -20.24
CA CYS B 197 19.78 -5.19 -20.98
C CYS B 197 19.28 -5.72 -22.31
N GLY B 198 18.39 -6.70 -22.28
CA GLY B 198 17.83 -7.28 -23.48
C GLY B 198 16.47 -6.71 -23.79
N GLY B 199 15.65 -7.53 -24.45
CA GLY B 199 14.32 -7.09 -24.84
C GLY B 199 13.47 -6.74 -23.65
N VAL B 200 13.60 -7.49 -22.56
CA VAL B 200 12.88 -7.14 -21.34
C VAL B 200 13.61 -6.04 -20.59
N GLY B 201 14.92 -6.21 -20.42
CA GLY B 201 15.71 -5.29 -19.59
C GLY B 201 15.69 -3.87 -20.09
N LEU B 202 15.73 -3.66 -21.41
CA LEU B 202 15.67 -2.29 -21.92
C LEU B 202 14.32 -1.66 -21.65
N ASN B 203 13.26 -2.45 -21.59
CA ASN B 203 11.97 -1.92 -21.20
C ASN B 203 11.86 -1.69 -19.70
N VAL B 204 12.55 -2.48 -18.89
CA VAL B 204 12.67 -2.13 -17.46
C VAL B 204 13.36 -0.80 -17.30
N ILE B 205 14.42 -0.58 -18.08
CA ILE B 205 15.13 0.70 -18.02
C ILE B 205 14.23 1.83 -18.48
N ASN B 206 13.51 1.64 -19.60
CA ASN B 206 12.66 2.69 -20.12
C ASN B 206 11.69 3.08 -18.97
N ALA B 207 11.13 2.04 -18.33
CA ALA B 207 10.05 2.17 -17.36
C ALA B 207 10.53 2.79 -16.06
N CYS B 208 11.77 2.51 -15.66
CA CYS B 208 12.38 3.27 -14.57
C CYS B 208 12.47 4.76 -14.92
N GLU B 209 12.80 5.09 -16.17
CA GLU B 209 12.89 6.50 -16.55
C GLU B 209 11.50 7.14 -16.58
N ILE B 210 10.53 6.45 -17.17
CA ILE B 210 9.15 6.91 -17.12
C ILE B 210 8.71 7.13 -15.68
N SER B 211 9.07 6.22 -14.77
CA SER B 211 8.64 6.30 -13.37
C SER B 211 9.36 7.38 -12.55
N GLY B 212 10.44 7.97 -13.06
CA GLY B 212 11.08 9.05 -12.34
C GLY B 212 12.23 8.63 -11.44
N ALA B 213 12.78 7.44 -11.63
CA ALA B 213 13.94 7.01 -10.87
C ALA B 213 15.06 8.06 -10.98
N GLY B 214 15.73 8.34 -9.86
CA GLY B 214 16.84 9.29 -9.87
C GLY B 214 18.14 8.73 -10.39
N ARG B 215 18.39 7.44 -10.17
CA ARG B 215 19.58 6.78 -10.68
C ARG B 215 19.15 5.48 -11.31
N ILE B 216 19.66 5.18 -12.50
CA ILE B 216 19.30 3.97 -13.21
C ILE B 216 20.62 3.34 -13.68
N ILE B 217 20.99 2.23 -13.07
CA ILE B 217 22.27 1.60 -13.30
C ILE B 217 22.04 0.36 -14.17
N ALA B 218 22.54 0.38 -15.40
CA ALA B 218 22.35 -0.74 -16.32
C ALA B 218 23.58 -1.63 -16.32
N VAL B 219 23.35 -2.94 -16.28
CA VAL B 219 24.41 -3.96 -16.14
C VAL B 219 24.24 -5.01 -17.22
N ASP B 220 25.31 -5.29 -17.96
CA ASP B 220 25.29 -6.32 -18.99
C ASP B 220 26.74 -6.75 -19.25
N ILE B 221 26.88 -7.94 -19.82
CA ILE B 221 28.18 -8.49 -20.25
C ILE B 221 28.53 -8.08 -21.66
N ASN B 222 27.61 -7.43 -22.38
CA ASN B 222 27.75 -7.09 -23.79
C ASN B 222 27.79 -5.56 -23.92
N PRO B 223 28.93 -4.98 -24.34
CA PRO B 223 29.02 -3.52 -24.37
C PRO B 223 28.02 -2.85 -25.28
N ASN B 224 27.68 -3.48 -26.40
CA ASN B 224 26.65 -2.94 -27.29
C ASN B 224 25.34 -2.73 -26.55
N LYS B 225 24.98 -3.62 -25.62
CA LYS B 225 23.71 -3.46 -24.91
C LYS B 225 23.77 -2.31 -23.92
N LEU B 226 24.94 -2.02 -23.35
CA LEU B 226 25.09 -0.88 -22.45
C LEU B 226 24.96 0.44 -23.19
N GLU B 227 25.48 0.50 -24.42
CA GLU B 227 25.27 1.69 -25.23
C GLU B 227 23.79 1.89 -25.55
N LEU B 228 23.07 0.79 -25.84
CA LEU B 228 21.63 0.91 -26.04
C LEU B 228 20.93 1.36 -24.75
N ALA B 229 21.40 0.85 -23.60
CA ALA B 229 20.78 1.20 -22.32
C ALA B 229 20.80 2.72 -22.10
N LYS B 230 21.89 3.38 -22.50
CA LYS B 230 21.98 4.82 -22.32
C LYS B 230 20.89 5.56 -23.09
N GLN B 231 20.37 4.96 -24.16
CA GLN B 231 19.29 5.59 -24.91
C GLN B 231 17.97 5.56 -24.17
N PHE B 232 17.76 4.57 -23.31
CA PHE B 232 16.46 4.30 -22.74
C PHE B 232 16.35 4.79 -21.31
N GLY B 233 17.40 5.36 -20.75
CA GLY B 233 17.24 5.96 -19.44
C GLY B 233 18.39 5.73 -18.49
N ALA B 234 19.33 4.84 -18.81
CA ALA B 234 20.39 4.55 -17.85
C ALA B 234 21.21 5.81 -17.59
N THR B 235 21.47 6.09 -16.31
CA THR B 235 22.39 7.14 -15.90
C THR B 235 23.79 6.61 -15.63
N ASP B 236 23.96 5.30 -15.52
CA ASP B 236 25.24 4.68 -15.19
C ASP B 236 25.26 3.32 -15.85
N VAL B 237 26.44 2.88 -16.29
CA VAL B 237 26.55 1.54 -16.88
C VAL B 237 27.70 0.80 -16.23
N ILE B 238 27.51 -0.51 -16.05
CA ILE B 238 28.52 -1.41 -15.51
C ILE B 238 28.63 -2.60 -16.46
N LEU B 239 29.82 -2.86 -16.97
CA LEU B 239 30.08 -4.06 -17.78
C LEU B 239 30.43 -5.21 -16.83
N ALA B 240 29.61 -6.26 -16.85
CA ALA B 240 29.80 -7.35 -15.92
C ALA B 240 30.74 -8.40 -16.50
N ASP B 241 31.34 -9.18 -15.60
CA ASP B 241 32.15 -10.34 -15.98
C ASP B 241 31.23 -11.52 -16.21
N LYS B 242 31.32 -12.14 -17.41
CA LYS B 242 30.60 -13.38 -17.69
C LYS B 242 30.94 -14.48 -16.67
N THR B 243 32.05 -14.34 -15.93
CA THR B 243 32.48 -15.26 -14.89
C THR B 243 32.36 -14.66 -13.49
N ASP B 244 31.72 -13.50 -13.34
CA ASP B 244 31.42 -12.99 -12.00
C ASP B 244 30.26 -13.79 -11.44
N VAL B 245 30.58 -14.76 -10.56
CA VAL B 245 29.57 -15.59 -9.94
C VAL B 245 28.70 -14.75 -9.03
N GLY B 246 27.37 -14.86 -9.20
CA GLY B 246 26.39 -14.09 -8.43
C GLY B 246 26.49 -12.58 -8.65
N LEU B 247 27.34 -12.18 -9.61
CA LEU B 247 27.61 -10.77 -9.90
C LEU B 247 28.02 -10.01 -8.63
N ALA B 248 28.87 -10.63 -7.82
CA ALA B 248 29.27 -9.98 -6.57
C ALA B 248 30.16 -8.76 -6.81
N ASN B 249 30.99 -8.81 -7.86
CA ASN B 249 31.77 -7.64 -8.21
C ASN B 249 30.87 -6.49 -8.66
N VAL B 250 29.74 -6.81 -9.30
CA VAL B 250 28.85 -5.75 -9.75
C VAL B 250 28.19 -5.07 -8.54
N ALA B 251 27.86 -5.84 -7.51
CA ALA B 251 27.27 -5.29 -6.29
C ALA B 251 28.20 -4.29 -5.63
N GLU B 252 29.48 -4.63 -5.49
CA GLU B 252 30.41 -3.67 -4.91
C GLU B 252 30.45 -2.39 -5.73
N GLN B 253 30.43 -2.51 -7.05
CA GLN B 253 30.46 -1.32 -7.89
C GLN B 253 29.20 -0.49 -7.71
N VAL B 254 28.04 -1.14 -7.55
CA VAL B 254 26.80 -0.40 -7.34
C VAL B 254 26.88 0.42 -6.07
N LYS B 255 27.27 -0.22 -4.96
CA LYS B 255 27.39 0.49 -3.70
C LYS B 255 28.36 1.66 -3.83
N GLU B 256 29.48 1.45 -4.53
CA GLU B 256 30.45 2.50 -4.79
C GLU B 256 29.81 3.66 -5.55
N VAL B 257 29.10 3.35 -6.63
CA VAL B 257 28.49 4.38 -7.46
C VAL B 257 27.42 5.17 -6.71
N LEU B 258 26.70 4.51 -5.80
CA LEU B 258 25.57 5.13 -5.09
C LEU B 258 26.00 5.77 -3.79
N GLY B 259 27.29 5.85 -3.51
CA GLY B 259 27.76 6.54 -2.32
C GLY B 259 27.84 5.71 -1.06
N GLY B 260 27.91 4.39 -1.17
CA GLY B 260 28.12 3.54 -0.02
C GLY B 260 26.93 2.73 0.44
N ARG B 261 25.79 2.82 -0.25
CA ARG B 261 24.61 2.07 0.13
C ARG B 261 24.05 1.41 -1.13
N GLY B 262 23.42 0.25 -0.94
CA GLY B 262 22.79 -0.45 -2.05
C GLY B 262 21.63 0.32 -2.65
N ALA B 263 21.17 -0.15 -3.81
CA ALA B 263 20.07 0.48 -4.54
C ALA B 263 18.73 0.26 -3.82
N ASP B 264 17.75 1.11 -4.16
CA ASP B 264 16.39 0.89 -3.68
C ASP B 264 15.72 -0.29 -4.38
N TYR B 265 15.97 -0.45 -5.68
CA TYR B 265 15.34 -1.50 -6.49
C TYR B 265 16.39 -2.14 -7.40
N ALA B 266 16.27 -3.46 -7.62
CA ALA B 266 17.05 -4.15 -8.64
C ALA B 266 16.17 -5.13 -9.38
N PHE B 267 16.42 -5.28 -10.68
CA PHE B 267 15.63 -6.11 -11.57
C PHE B 267 16.58 -7.06 -12.27
N GLU B 268 16.27 -8.34 -12.25
CA GLU B 268 17.08 -9.34 -12.95
C GLU B 268 16.33 -9.86 -14.15
N CYS B 269 17.00 -9.88 -15.29
CA CYS B 269 16.38 -10.37 -16.52
C CYS B 269 17.45 -10.73 -17.55
N THR B 270 18.37 -11.58 -17.10
CA THR B 270 19.49 -12.11 -17.84
C THR B 270 19.21 -13.44 -18.52
N ALA B 271 18.13 -14.15 -18.16
CA ALA B 271 17.84 -15.50 -18.62
C ALA B 271 18.89 -16.52 -18.15
N ILE B 272 19.73 -16.16 -17.18
CA ILE B 272 20.72 -17.06 -16.61
C ILE B 272 20.15 -17.61 -15.30
N PRO B 273 19.87 -18.92 -15.20
CA PRO B 273 19.26 -19.44 -13.95
C PRO B 273 20.10 -19.17 -12.71
N ALA B 274 21.42 -19.23 -12.82
CA ALA B 274 22.29 -19.04 -11.67
C ALA B 274 22.27 -17.61 -11.14
N LEU B 275 21.69 -16.65 -11.86
CA LEU B 275 21.66 -15.26 -11.39
C LEU B 275 20.34 -14.89 -10.71
N GLY B 276 19.50 -15.88 -10.38
CA GLY B 276 18.17 -15.56 -9.90
C GLY B 276 18.14 -14.77 -8.61
N ALA B 277 19.16 -14.96 -7.76
CA ALA B 277 19.27 -14.23 -6.50
C ALA B 277 20.06 -12.93 -6.63
N ALA B 278 20.68 -12.68 -7.78
CA ALA B 278 21.53 -11.50 -7.96
C ALA B 278 20.89 -10.17 -7.57
N PRO B 279 19.62 -9.89 -7.89
CA PRO B 279 19.10 -8.57 -7.53
C PRO B 279 19.09 -8.30 -6.04
N LEU B 280 19.11 -9.35 -5.19
CA LEU B 280 19.19 -9.14 -3.74
C LEU B 280 20.54 -8.53 -3.34
N ALA B 281 21.62 -8.97 -3.98
CA ALA B 281 22.95 -8.42 -3.69
C ALA B 281 23.04 -6.95 -4.06
N MET B 282 22.19 -6.49 -4.97
CA MET B 282 22.24 -5.12 -5.45
C MET B 282 21.54 -4.12 -4.53
N VAL B 283 20.58 -4.55 -3.69
CA VAL B 283 19.75 -3.59 -2.96
C VAL B 283 20.15 -3.52 -1.49
N ARG B 284 19.90 -2.35 -0.91
CA ARG B 284 20.06 -2.11 0.52
C ARG B 284 19.05 -2.97 1.29
N ASN B 285 19.23 -3.02 2.61
CA ASN B 285 18.19 -3.60 3.45
C ASN B 285 16.90 -2.85 3.24
N ALA B 286 15.78 -3.57 3.29
CA ALA B 286 14.43 -3.07 3.02
C ALA B 286 14.25 -2.63 1.57
N GLY B 287 15.18 -2.96 0.68
CA GLY B 287 15.02 -2.74 -0.74
C GLY B 287 14.13 -3.79 -1.41
N THR B 288 13.89 -3.59 -2.72
CA THR B 288 12.97 -4.44 -3.49
C THR B 288 13.74 -5.07 -4.65
N ALA B 289 13.75 -6.40 -4.70
CA ALA B 289 14.43 -7.16 -5.74
C ALA B 289 13.38 -7.90 -6.57
N VAL B 290 13.41 -7.68 -7.88
CA VAL B 290 12.44 -8.27 -8.80
C VAL B 290 13.21 -9.13 -9.80
N GLN B 291 12.79 -10.39 -9.90
CA GLN B 291 13.41 -11.47 -10.67
C GLN B 291 12.48 -11.64 -11.88
N VAL B 292 12.87 -11.15 -13.05
CA VAL B 292 11.92 -11.15 -14.15
C VAL B 292 12.02 -12.39 -15.04
N SER B 293 13.18 -13.05 -15.07
CA SER B 293 13.40 -14.14 -16.02
C SER B 293 12.41 -15.29 -15.83
N GLY B 294 12.24 -15.75 -14.59
CA GLY B 294 11.46 -16.95 -14.34
C GLY B 294 12.36 -18.17 -14.44
N ILE B 295 12.70 -18.78 -13.32
CA ILE B 295 13.66 -19.87 -13.27
C ILE B 295 12.95 -21.13 -12.78
N GLU B 296 13.09 -22.23 -13.53
CA GLU B 296 12.47 -23.50 -13.16
C GLU B 296 13.47 -24.52 -12.64
N GLU B 297 14.68 -24.10 -12.31
CA GLU B 297 15.74 -25.00 -11.88
C GLU B 297 15.92 -24.91 -10.38
N ASP B 298 16.62 -25.90 -9.83
CA ASP B 298 17.25 -25.75 -8.52
C ASP B 298 18.50 -24.89 -8.66
N ILE B 299 18.69 -23.97 -7.72
CA ILE B 299 19.93 -23.21 -7.63
C ILE B 299 20.31 -23.06 -6.17
N THR B 300 21.60 -22.81 -5.94
CA THR B 300 22.10 -22.61 -4.60
C THR B 300 22.10 -21.11 -4.30
N ILE B 301 21.54 -20.74 -3.16
CA ILE B 301 21.44 -19.33 -2.77
C ILE B 301 22.11 -19.15 -1.42
N ASP B 302 22.96 -18.13 -1.32
CA ASP B 302 23.42 -17.67 -0.02
C ASP B 302 22.28 -16.92 0.66
N MET B 303 21.66 -17.54 1.66
CA MET B 303 20.44 -16.98 2.24
C MET B 303 20.69 -15.69 3.00
N ARG B 304 21.95 -15.35 3.29
CA ARG B 304 22.27 -14.04 3.83
C ARG B 304 21.83 -12.92 2.91
N LEU B 305 21.72 -13.21 1.61
CA LEU B 305 21.28 -12.19 0.65
C LEU B 305 19.89 -11.67 0.95
N PHE B 306 19.04 -12.46 1.62
CA PHE B 306 17.69 -12.00 1.96
C PHE B 306 17.66 -11.13 3.21
N GLU B 307 18.69 -11.19 4.05
CA GLU B 307 18.77 -10.34 5.24
C GLU B 307 19.17 -8.94 4.80
N TRP B 308 18.39 -7.90 5.13
CA TRP B 308 17.12 -7.98 5.89
C TRP B 308 16.08 -7.06 5.25
N ASP B 309 14.85 -7.51 5.43
CA ASP B 309 13.58 -6.88 5.02
C ASP B 309 13.54 -6.61 3.53
N LYS B 310 14.32 -7.30 2.72
CA LYS B 310 14.23 -7.15 1.28
C LYS B 310 13.00 -7.87 0.76
N ILE B 311 12.25 -7.20 -0.10
CA ILE B 311 11.13 -7.83 -0.79
C ILE B 311 11.64 -8.45 -2.09
N TYR B 312 11.43 -9.74 -2.24
CA TYR B 312 11.81 -10.46 -3.46
C TYR B 312 10.55 -10.98 -4.13
N ILE B 313 10.42 -10.73 -5.44
CA ILE B 313 9.23 -11.13 -6.18
C ILE B 313 9.61 -11.56 -7.59
N ASN B 314 8.90 -12.57 -8.09
CA ASN B 314 9.07 -13.12 -9.44
C ASN B 314 7.74 -12.95 -10.16
N PRO B 315 7.49 -11.79 -10.77
CA PRO B 315 6.19 -11.55 -11.39
C PRO B 315 6.10 -12.13 -12.80
N LEU B 316 4.86 -12.42 -13.20
CA LEU B 316 4.52 -12.95 -14.52
C LEU B 316 3.90 -11.84 -15.36
N TYR B 317 4.49 -11.60 -16.54
CA TYR B 317 3.91 -10.74 -17.59
C TYR B 317 3.66 -9.33 -17.08
N GLY B 318 4.52 -8.87 -16.17
CA GLY B 318 4.35 -7.56 -15.55
C GLY B 318 2.97 -7.29 -14.95
N LYS B 319 2.30 -8.30 -14.41
CA LYS B 319 0.94 -8.14 -13.85
C LYS B 319 -0.03 -7.55 -14.88
N CYS B 320 0.18 -7.90 -16.14
CA CYS B 320 -0.62 -7.39 -17.25
C CYS B 320 -2.12 -7.53 -17.01
N ARG B 321 -2.84 -6.42 -17.13
CA ARG B 321 -4.28 -6.40 -17.40
C ARG B 321 -4.49 -5.78 -18.76
N PRO B 322 -4.61 -6.58 -19.82
CA PRO B 322 -4.41 -6.05 -21.19
C PRO B 322 -5.33 -4.89 -21.57
N GLN B 323 -6.63 -5.00 -21.31
CA GLN B 323 -7.51 -3.91 -21.71
C GLN B 323 -7.27 -2.64 -20.89
N ILE B 324 -6.57 -2.75 -19.76
CA ILE B 324 -6.21 -1.58 -18.96
C ILE B 324 -4.82 -1.07 -19.31
N ASP B 325 -3.85 -1.99 -19.33
CA ASP B 325 -2.45 -1.60 -19.47
C ASP B 325 -2.05 -1.28 -20.90
N PHE B 326 -2.60 -1.97 -21.90
CA PHE B 326 -2.14 -1.75 -23.26
C PHE B 326 -2.51 -0.33 -23.75
N PRO B 327 -3.73 0.18 -23.48
CA PRO B 327 -4.01 1.59 -23.82
C PRO B 327 -3.12 2.58 -23.10
N LYS B 328 -2.75 2.33 -21.83
CA LYS B 328 -1.84 3.23 -21.14
C LYS B 328 -0.47 3.23 -21.79
N LEU B 329 0.01 2.06 -22.23
CA LEU B 329 1.27 1.98 -22.96
C LEU B 329 1.19 2.70 -24.30
N MET B 330 0.08 2.58 -25.01
CA MET B 330 -0.06 3.30 -26.28
C MET B 330 0.01 4.80 -26.09
N GLN B 331 -0.64 5.32 -25.04
CA GLN B 331 -0.56 6.75 -24.75
C GLN B 331 0.86 7.18 -24.42
N LEU B 332 1.60 6.35 -23.67
CA LEU B 332 2.98 6.72 -23.34
C LEU B 332 3.86 6.69 -24.58
N TYR B 333 3.58 5.77 -25.50
CA TYR B 333 4.25 5.77 -26.80
C TYR B 333 3.96 7.05 -27.56
N LYS B 334 2.68 7.42 -27.68
CA LYS B 334 2.28 8.63 -28.40
C LYS B 334 2.87 9.88 -27.77
N LYS B 335 2.99 9.90 -26.44
CA LYS B 335 3.52 11.05 -25.71
C LYS B 335 5.01 11.23 -25.93
N GLY B 336 5.72 10.17 -26.33
CA GLY B 336 7.15 10.21 -26.50
C GLY B 336 7.94 9.65 -25.34
N ASP B 337 7.29 9.10 -24.32
CA ASP B 337 8.02 8.58 -23.16
C ASP B 337 8.42 7.12 -23.32
N LEU B 338 7.55 6.31 -23.92
CA LEU B 338 7.85 4.90 -24.20
C LEU B 338 8.50 4.82 -25.59
N LYS B 339 9.79 4.47 -25.62
CA LYS B 339 10.59 4.63 -26.86
C LYS B 339 10.56 3.35 -27.71
N LEU B 340 9.37 3.04 -28.23
CA LEU B 340 9.19 1.81 -29.01
C LEU B 340 9.98 1.84 -30.32
N ASP B 341 10.06 2.99 -30.98
CA ASP B 341 10.66 3.02 -32.32
C ASP B 341 12.15 2.72 -32.24
N GLU B 342 12.84 3.26 -31.23
CA GLU B 342 14.24 2.95 -31.05
C GLU B 342 14.47 1.50 -30.68
N MET B 343 13.46 0.81 -30.14
CA MET B 343 13.64 -0.59 -29.75
C MET B 343 13.68 -1.53 -30.93
N ILE B 344 13.05 -1.15 -32.05
CA ILE B 344 12.97 -2.01 -33.22
C ILE B 344 14.31 -1.91 -33.96
N THR B 345 15.21 -2.85 -33.70
CA THR B 345 16.55 -2.75 -34.29
C THR B 345 16.57 -3.20 -35.75
N LYS B 346 15.84 -4.24 -36.08
CA LYS B 346 15.83 -4.69 -37.47
C LYS B 346 14.52 -5.39 -37.74
N GLU B 347 14.06 -5.29 -38.98
CA GLU B 347 12.84 -5.93 -39.42
C GLU B 347 13.19 -7.04 -40.40
N TYR B 348 12.60 -8.22 -40.20
CA TYR B 348 12.94 -9.42 -40.94
C TYR B 348 11.71 -9.97 -41.65
N LYS B 349 11.93 -10.59 -42.80
CA LYS B 349 10.87 -11.39 -43.39
C LYS B 349 10.88 -12.77 -42.73
N LEU B 350 9.73 -13.44 -42.77
CA LEU B 350 9.54 -14.67 -41.98
C LEU B 350 10.61 -15.70 -42.32
N ASP B 351 10.98 -15.81 -43.60
CA ASP B 351 11.96 -16.81 -44.04
C ASP B 351 13.32 -16.60 -43.40
N ASP B 352 13.57 -15.45 -42.78
CA ASP B 352 14.84 -15.13 -42.15
C ASP B 352 14.77 -15.25 -40.63
N LEU B 353 13.86 -16.07 -40.12
CA LEU B 353 13.73 -16.22 -38.66
C LEU B 353 15.05 -16.59 -38.02
N GLN B 354 15.85 -17.42 -38.71
CA GLN B 354 17.10 -17.92 -38.14
C GLN B 354 18.08 -16.78 -37.85
N GLN B 355 18.36 -15.99 -38.87
CA GLN B 355 19.10 -14.74 -38.70
C GLN B 355 18.52 -13.83 -37.63
N ALA B 356 17.20 -13.74 -37.51
CA ALA B 356 16.64 -12.98 -36.40
C ALA B 356 17.01 -13.63 -35.06
N LEU B 357 16.92 -14.95 -34.97
CA LEU B 357 17.26 -15.65 -33.74
C LEU B 357 18.75 -15.53 -33.44
N ASP B 358 19.59 -15.59 -34.47
CA ASP B 358 21.02 -15.43 -34.28
C ASP B 358 21.37 -14.04 -33.77
N ASP B 359 20.80 -13.01 -34.40
CA ASP B 359 21.05 -11.65 -33.95
C ASP B 359 20.54 -11.43 -32.53
N MET B 360 19.41 -12.06 -32.19
CA MET B 360 18.95 -12.05 -30.81
C MET B 360 20.04 -12.56 -29.88
N LEU B 361 20.53 -13.78 -30.12
CA LEU B 361 21.43 -14.41 -29.17
C LEU B 361 22.84 -13.83 -29.24
N ALA B 362 23.25 -13.32 -30.40
CA ALA B 362 24.53 -12.62 -30.51
C ALA B 362 24.50 -11.25 -29.87
N GLY B 363 23.33 -10.80 -29.42
CA GLY B 363 23.23 -9.52 -28.76
C GLY B 363 23.27 -8.34 -29.70
N LYS B 364 22.80 -8.51 -30.93
CA LYS B 364 22.83 -7.44 -31.91
C LYS B 364 21.55 -6.61 -31.93
N ASN B 365 20.47 -7.07 -31.32
CA ASN B 365 19.20 -6.35 -31.36
C ASN B 365 18.71 -5.99 -29.97
N ALA B 366 17.98 -4.87 -29.89
CA ALA B 366 17.06 -4.69 -28.78
C ALA B 366 15.87 -5.62 -28.97
N LYS B 367 15.11 -5.38 -30.04
CA LYS B 367 14.07 -6.27 -30.51
C LYS B 367 14.22 -6.40 -32.01
N GLY B 368 14.12 -7.63 -32.52
CA GLY B 368 13.86 -7.87 -33.92
C GLY B 368 12.38 -8.21 -34.10
N VAL B 369 11.82 -7.79 -35.23
CA VAL B 369 10.43 -8.10 -35.53
C VAL B 369 10.36 -8.74 -36.91
N VAL B 370 9.41 -9.64 -37.09
CA VAL B 370 9.09 -10.22 -38.38
C VAL B 370 7.89 -9.46 -38.94
N VAL B 371 8.01 -8.98 -40.17
CA VAL B 371 6.98 -8.15 -40.79
C VAL B 371 6.36 -8.91 -41.95
N PHE B 372 5.05 -8.74 -42.11
CA PHE B 372 4.27 -9.41 -43.15
C PHE B 372 3.71 -8.40 -44.15
N SER C 1 32.09 36.60 19.18
CA SER C 1 30.70 37.09 19.18
C SER C 1 30.44 38.59 18.83
N MET C 2 29.43 38.83 18.01
CA MET C 2 28.98 40.18 17.70
C MET C 2 27.48 40.15 17.42
N SER C 3 26.90 41.30 17.16
CA SER C 3 25.48 41.40 16.86
C SER C 3 25.36 41.86 15.42
N ILE C 4 24.91 40.96 14.54
CA ILE C 4 24.80 41.32 13.13
C ILE C 4 23.52 42.10 12.90
N GLN C 5 23.62 43.18 12.14
CA GLN C 5 22.45 43.94 11.71
C GLN C 5 22.12 43.42 10.32
N SER C 6 21.12 42.55 10.26
CA SER C 6 20.75 41.85 9.03
C SER C 6 19.60 42.58 8.35
N LYS C 7 19.84 43.08 7.13
CA LYS C 7 18.78 43.66 6.32
C LYS C 7 17.73 42.60 6.01
N SER C 8 16.45 42.95 6.20
CA SER C 8 15.42 41.94 6.29
C SER C 8 14.08 42.52 5.86
N ALA C 9 13.21 41.63 5.38
CA ALA C 9 11.80 41.95 5.21
C ALA C 9 11.06 41.56 6.48
N VAL C 10 10.42 42.53 7.12
CA VAL C 10 9.68 42.28 8.35
C VAL C 10 8.22 42.59 8.12
N ALA C 11 7.36 41.64 8.41
CA ALA C 11 5.93 41.91 8.46
C ALA C 11 5.61 42.43 9.85
N LYS C 12 4.93 43.57 9.94
CA LYS C 12 4.84 44.27 11.22
C LYS C 12 3.74 43.71 12.11
N GLY C 13 2.80 42.95 11.56
CA GLY C 13 1.67 42.49 12.33
C GLY C 13 0.42 43.31 12.11
N ASP C 14 0.49 44.31 11.23
CA ASP C 14 -0.61 45.20 10.92
C ASP C 14 -1.06 45.07 9.46
N GLY C 15 -0.61 44.03 8.76
CA GLY C 15 -0.94 43.86 7.37
C GLY C 15 0.07 44.42 6.38
N SER C 16 1.08 45.14 6.86
CA SER C 16 2.11 45.71 6.00
C SER C 16 3.46 45.04 6.28
N PHE C 17 4.42 45.30 5.40
CA PHE C 17 5.81 44.90 5.65
C PHE C 17 6.73 46.07 5.41
N THR C 18 7.93 45.95 5.95
CA THR C 18 8.96 46.96 5.74
C THR C 18 10.30 46.27 5.51
N ILE C 19 11.16 46.94 4.75
CA ILE C 19 12.56 46.57 4.64
C ILE C 19 13.33 47.33 5.73
N THR C 20 14.03 46.58 6.57
CA THR C 20 14.53 47.09 7.85
C THR C 20 15.73 46.24 8.23
N HIS C 21 16.22 46.41 9.46
CA HIS C 21 17.31 45.59 9.96
C HIS C 21 16.86 44.79 11.17
N VAL C 22 17.29 43.54 11.23
CA VAL C 22 17.03 42.68 12.37
C VAL C 22 18.35 42.31 13.02
N THR C 23 18.41 42.43 14.34
CA THR C 23 19.62 42.07 15.08
C THR C 23 19.65 40.56 15.29
N VAL C 24 20.69 39.90 14.78
CA VAL C 24 20.88 38.45 14.94
C VAL C 24 22.09 38.20 15.80
N ALA C 25 21.96 37.32 16.80
CA ALA C 25 22.98 37.09 17.81
C ALA C 25 23.67 35.73 17.59
N GLU C 26 24.58 35.42 18.52
CA GLU C 26 25.42 34.21 18.45
C GLU C 26 24.55 32.94 18.53
N PRO C 27 24.86 31.92 17.73
CA PRO C 27 24.10 30.66 17.84
C PRO C 27 24.44 29.90 19.11
N LYS C 28 23.41 29.37 19.75
CA LYS C 28 23.58 28.41 20.84
C LYS C 28 24.11 27.10 20.27
N ALA C 29 24.21 26.10 21.16
CA ALA C 29 25.00 24.90 20.88
C ALA C 29 24.43 24.14 19.67
N ASP C 30 23.10 24.09 19.54
CA ASP C 30 22.45 23.31 18.50
C ASP C 30 21.92 24.18 17.36
N GLU C 31 22.46 25.38 17.21
CA GLU C 31 21.98 26.39 16.28
C GLU C 31 23.10 26.77 15.32
N LEU C 32 22.75 27.57 14.33
CA LEU C 32 23.78 27.91 13.38
C LEU C 32 23.29 29.14 12.64
N LEU C 33 24.23 29.88 12.09
CA LEU C 33 23.93 31.11 11.41
C LEU C 33 24.16 30.87 9.93
N VAL C 34 23.18 31.21 9.10
CA VAL C 34 23.23 30.95 7.67
C VAL C 34 23.25 32.29 6.94
N LYS C 35 24.19 32.42 6.02
CA LYS C 35 24.19 33.55 5.09
C LYS C 35 23.31 33.18 3.91
N ILE C 36 22.19 33.89 3.74
CA ILE C 36 21.24 33.54 2.69
C ILE C 36 21.79 34.04 1.36
N LYS C 37 21.77 33.16 0.35
CA LYS C 37 22.15 33.53 -1.01
C LYS C 37 20.94 33.91 -1.84
N ALA C 38 19.82 33.23 -1.60
CA ALA C 38 18.60 33.45 -2.38
C ALA C 38 17.41 32.99 -1.54
N ALA C 39 16.33 33.75 -1.61
CA ALA C 39 15.10 33.40 -0.91
C ALA C 39 13.96 33.38 -1.90
N GLY C 40 13.26 32.25 -1.99
CA GLY C 40 12.11 32.19 -2.85
C GLY C 40 10.91 32.88 -2.22
N LEU C 41 9.92 33.14 -3.05
CA LEU C 41 8.64 33.72 -2.62
C LEU C 41 7.52 32.72 -2.80
N CYS C 42 6.81 32.42 -1.73
CA CYS C 42 5.66 31.52 -1.74
C CYS C 42 4.40 32.32 -1.43
N HIS C 43 3.25 31.84 -1.91
CA HIS C 43 1.99 32.57 -1.67
C HIS C 43 1.76 32.78 -0.17
N THR C 44 2.16 31.80 0.65
CA THR C 44 2.04 31.92 2.10
C THR C 44 2.82 33.11 2.67
N ASP C 45 3.88 33.56 2.00
CA ASP C 45 4.58 34.76 2.50
C ASP C 45 3.65 35.96 2.49
N TYR C 46 2.78 36.03 1.49
CA TYR C 46 1.78 37.09 1.46
C TYR C 46 0.73 36.86 2.52
N ASP C 47 0.28 35.61 2.73
CA ASP C 47 -0.63 35.34 3.85
C ASP C 47 0.00 35.70 5.19
N SER C 48 1.33 35.62 5.32
CA SER C 48 1.95 35.93 6.61
C SER C 48 1.85 37.41 6.96
N LEU C 49 1.59 38.28 5.99
CA LEU C 49 1.34 39.69 6.32
C LEU C 49 0.11 39.85 7.20
N SER C 50 -0.78 38.87 7.20
CA SER C 50 -2.03 38.99 7.94
C SER C 50 -2.02 38.23 9.25
N TRP C 51 -0.89 37.68 9.68
CA TRP C 51 -0.90 36.88 10.91
C TRP C 51 -0.98 37.73 12.18
N GLY C 52 -0.82 39.04 12.09
CA GLY C 52 -1.04 39.86 13.26
C GLY C 52 0.08 39.89 14.28
N LYS C 53 1.29 39.50 13.90
CA LYS C 53 2.43 39.63 14.81
C LYS C 53 3.64 39.95 13.97
N PRO C 54 4.65 40.60 14.53
CA PRO C 54 5.87 40.83 13.75
C PRO C 54 6.56 39.52 13.46
N ILE C 55 6.97 39.32 12.21
CA ILE C 55 7.76 38.16 11.82
C ILE C 55 8.83 38.60 10.82
N VAL C 56 9.98 37.93 10.87
CA VAL C 56 10.92 37.98 9.77
C VAL C 56 10.37 37.10 8.68
N MET C 57 10.05 37.69 7.53
CA MET C 57 9.38 36.94 6.49
C MET C 57 10.34 35.98 5.78
N GLY C 58 9.75 35.06 5.02
CA GLY C 58 10.51 34.14 4.21
C GLY C 58 10.65 32.76 4.81
N HIS C 59 10.26 31.74 4.05
CA HIS C 59 10.52 30.36 4.46
C HIS C 59 11.05 29.50 3.31
N GLU C 60 11.51 30.11 2.22
CA GLU C 60 12.27 29.44 1.16
C GLU C 60 13.65 30.07 1.11
N GLY C 61 14.70 29.26 1.23
CA GLY C 61 16.04 29.81 1.16
C GLY C 61 17.10 28.75 0.96
N ALA C 62 18.25 29.20 0.43
CA ALA C 62 19.48 28.43 0.31
C ALA C 62 20.64 29.38 0.54
N GLY C 63 21.73 28.84 1.07
CA GLY C 63 22.81 29.71 1.47
C GLY C 63 24.04 28.92 1.85
N VAL C 64 24.90 29.58 2.61
CA VAL C 64 26.12 28.97 3.08
C VAL C 64 26.15 29.16 4.59
N VAL C 65 26.78 28.21 5.28
CA VAL C 65 26.89 28.32 6.73
C VAL C 65 27.82 29.48 7.07
N GLU C 66 27.36 30.40 7.92
CA GLU C 66 28.15 31.50 8.41
C GLU C 66 28.81 31.18 9.75
N LYS C 67 28.10 30.51 10.65
CA LYS C 67 28.69 30.16 11.94
C LYS C 67 27.90 29.01 12.56
N VAL C 68 28.65 28.10 13.16
CA VAL C 68 28.15 26.85 13.75
C VAL C 68 28.19 26.90 15.26
N GLY C 69 27.12 26.40 15.91
CA GLY C 69 27.11 26.31 17.35
C GLY C 69 28.06 25.24 17.89
N SER C 70 28.18 25.26 19.23
CA SER C 70 29.16 24.44 19.96
C SER C 70 29.08 22.96 19.63
N ASP C 71 27.86 22.42 19.53
CA ASP C 71 27.67 20.99 19.40
C ASP C 71 27.47 20.53 17.97
N ILE C 72 27.44 21.43 17.00
CA ILE C 72 27.25 21.00 15.62
C ILE C 72 28.57 20.42 15.12
N LYS C 73 28.53 19.17 14.65
CA LYS C 73 29.74 18.54 14.11
C LYS C 73 29.66 18.13 12.66
N ASP C 74 28.49 18.18 12.03
CA ASP C 74 28.34 17.74 10.66
C ASP C 74 28.35 18.91 9.67
N LEU C 75 28.46 20.14 10.16
CA LEU C 75 28.51 21.32 9.32
C LEU C 75 29.66 22.20 9.74
N LYS C 76 30.23 22.92 8.78
CA LYS C 76 31.26 23.90 9.07
C LYS C 76 30.96 25.17 8.26
N LYS C 77 31.61 26.26 8.66
CA LYS C 77 31.52 27.52 7.92
C LYS C 77 31.88 27.26 6.47
N GLY C 78 31.06 27.79 5.55
CA GLY C 78 31.28 27.63 4.12
C GLY C 78 30.44 26.55 3.46
N ASP C 79 29.87 25.62 4.22
CA ASP C 79 29.05 24.55 3.66
C ASP C 79 27.78 25.09 3.03
N GLN C 80 27.40 24.52 1.88
CA GLN C 80 26.16 24.88 1.21
C GLN C 80 24.98 24.18 1.89
N VAL C 81 23.89 24.90 2.11
CA VAL C 81 22.77 24.31 2.83
C VAL C 81 21.46 24.76 2.19
N LEU C 82 20.52 23.83 2.09
CA LEU C 82 19.11 24.09 1.82
C LEU C 82 18.37 24.18 3.15
N LEU C 83 17.40 25.08 3.22
CA LEU C 83 16.61 25.24 4.44
C LEU C 83 15.29 24.51 4.29
N ASN C 84 14.80 23.96 5.39
CA ASN C 84 13.51 23.28 5.44
C ASN C 84 12.75 23.75 6.67
N TRP C 85 11.43 23.86 6.53
CA TRP C 85 10.68 24.36 7.67
C TRP C 85 10.00 23.27 8.47
N ALA C 86 10.39 22.01 8.30
CA ALA C 86 9.82 20.97 9.16
C ALA C 86 10.50 20.95 10.53
N THR C 87 11.81 21.27 10.56
CA THR C 87 12.66 21.27 11.75
C THR C 87 12.32 20.12 12.71
N PRO C 88 12.29 18.87 12.24
CA PRO C 88 11.66 17.79 13.03
C PRO C 88 12.45 17.42 14.28
N CYS C 89 11.72 17.03 15.32
CA CYS C 89 12.36 16.61 16.56
C CYS C 89 12.94 15.20 16.49
N MET C 90 12.42 14.34 15.60
CA MET C 90 12.92 12.97 15.38
C MET C 90 12.56 12.00 16.50
N HIS C 91 11.81 12.41 17.52
CA HIS C 91 11.47 11.50 18.60
C HIS C 91 9.98 11.39 18.91
N CYS C 92 9.15 12.31 18.42
CA CYS C 92 7.74 12.28 18.73
C CYS C 92 7.04 11.18 17.91
N PHE C 93 5.74 11.02 18.18
CA PHE C 93 4.98 9.97 17.51
C PHE C 93 4.99 10.17 15.99
N GLN C 94 4.75 11.39 15.53
CA GLN C 94 4.69 11.60 14.09
C GLN C 94 6.05 11.38 13.44
N CYS C 95 7.14 11.92 14.02
CA CYS C 95 8.47 11.71 13.46
C CYS C 95 8.76 10.20 13.33
N GLN C 96 8.40 9.41 14.34
CA GLN C 96 8.67 7.97 14.30
C GLN C 96 7.77 7.24 13.34
N GLU C 97 6.63 7.82 12.96
CA GLU C 97 5.84 7.32 11.83
C GLU C 97 6.46 7.70 10.49
N GLY C 98 7.55 8.47 10.48
CA GLY C 98 8.02 9.02 9.23
C GLY C 98 7.34 10.30 8.81
N ASN C 99 6.47 10.85 9.65
CA ASN C 99 5.77 12.11 9.32
C ASN C 99 6.47 13.29 9.98
N GLN C 100 7.75 13.50 9.62
CA GLN C 100 8.50 14.61 10.20
C GLN C 100 7.88 15.96 9.86
N HIS C 101 7.03 16.00 8.83
CA HIS C 101 6.42 17.22 8.36
C HIS C 101 5.28 17.69 9.26
N ILE C 102 4.78 16.84 10.17
CA ILE C 102 3.73 17.23 11.11
C ILE C 102 4.23 16.90 12.51
N CYS C 103 5.53 17.11 12.74
CA CYS C 103 6.16 16.92 14.05
C CYS C 103 5.35 17.57 15.16
N GLU C 104 5.02 16.78 16.19
CA GLU C 104 4.16 17.28 17.27
C GLU C 104 4.88 18.26 18.19
N ASN C 105 6.21 18.24 18.21
CA ASN C 105 6.99 19.12 19.08
C ASN C 105 7.43 20.40 18.39
N ASN C 106 7.92 20.28 17.13
CA ASN C 106 8.69 21.34 16.49
C ASN C 106 8.04 21.98 15.29
N SER C 107 6.99 21.40 14.71
CA SER C 107 6.41 21.98 13.51
C SER C 107 5.93 23.39 13.79
N PRO C 108 6.30 24.38 12.95
CA PRO C 108 5.75 25.73 13.11
C PRO C 108 4.31 25.84 12.68
N VAL C 109 3.82 24.86 11.92
CA VAL C 109 2.40 24.83 11.59
C VAL C 109 1.60 24.08 12.66
N VAL C 110 1.98 22.84 12.99
CA VAL C 110 1.06 22.01 13.78
C VAL C 110 1.35 22.08 15.25
N ALA C 111 2.48 22.65 15.66
CA ALA C 111 2.79 22.86 17.06
C ALA C 111 2.80 24.34 17.45
N GLY C 112 3.29 25.22 16.58
CA GLY C 112 3.32 26.65 16.87
C GLY C 112 2.07 27.45 16.58
N HIS C 116 8.37 30.26 20.73
CA HIS C 116 7.70 29.46 19.70
C HIS C 116 8.11 27.99 19.97
N THR C 117 8.31 27.15 18.96
CA THR C 117 8.63 25.75 19.21
C THR C 117 10.14 25.56 19.38
N PRO C 118 10.57 24.40 19.87
CA PRO C 118 12.00 24.08 19.84
C PRO C 118 12.56 23.87 18.44
N GLY C 119 11.72 23.90 17.40
CA GLY C 119 12.24 23.99 16.04
C GLY C 119 12.75 25.37 15.65
N HIS C 120 12.45 26.38 16.45
CA HIS C 120 12.83 27.77 16.23
C HIS C 120 14.09 28.05 17.02
N ALA C 121 15.01 28.84 16.46
CA ALA C 121 16.19 29.23 17.23
C ALA C 121 15.77 30.03 18.47
N HIS C 122 16.66 30.11 19.45
CA HIS C 122 16.30 30.76 20.71
C HIS C 122 15.81 32.18 20.45
N LEU C 123 14.71 32.53 21.12
CA LEU C 123 13.91 33.68 20.68
C LEU C 123 14.66 34.99 20.78
N GLU C 124 15.58 35.10 21.74
CA GLU C 124 16.34 36.32 21.92
C GLU C 124 17.41 36.48 20.85
N GLY C 125 17.62 35.45 20.03
CA GLY C 125 18.64 35.53 19.00
C GLY C 125 18.26 36.37 17.81
N SER C 126 16.99 36.73 17.67
CA SER C 126 16.54 37.59 16.58
C SER C 126 15.69 38.69 17.17
N GLN C 127 16.07 39.95 16.93
CA GLN C 127 15.41 41.07 17.59
C GLN C 127 15.11 42.21 16.61
N TRP C 128 13.97 42.85 16.84
CA TRP C 128 13.50 43.97 16.04
C TRP C 128 12.68 44.87 16.97
N GLU C 129 12.90 46.18 16.88
CA GLU C 129 12.26 47.15 17.78
C GLU C 129 12.43 46.73 19.24
N GLY C 130 13.64 46.27 19.58
CA GLY C 130 14.02 45.97 20.94
C GLY C 130 13.46 44.70 21.53
N LYS C 131 12.88 43.81 20.72
CA LYS C 131 12.22 42.70 21.40
C LYS C 131 12.25 41.48 20.47
N PRO C 132 12.14 40.27 21.03
CA PRO C 132 12.29 39.07 20.18
C PRO C 132 11.31 39.10 19.01
N ILE C 133 11.77 38.63 17.85
CA ILE C 133 10.90 38.60 16.67
C ILE C 133 10.90 37.18 16.10
N GLU C 134 9.70 36.65 15.85
CA GLU C 134 9.60 35.29 15.32
C GLU C 134 10.07 35.26 13.87
N ARG C 135 10.67 34.15 13.49
CA ARG C 135 11.13 33.93 12.13
C ARG C 135 10.11 33.04 11.43
N SER C 136 9.63 33.48 10.27
CA SER C 136 8.55 32.78 9.59
C SER C 136 8.89 31.32 9.34
N PHE C 137 7.99 30.43 9.77
CA PHE C 137 8.18 28.97 9.64
C PHE C 137 9.50 28.50 10.23
N ASN C 138 9.94 29.14 11.31
CA ASN C 138 11.18 28.84 12.01
C ASN C 138 12.43 29.18 11.19
N LEU C 139 12.30 29.93 10.09
CA LEU C 139 13.43 30.24 9.21
C LEU C 139 13.67 31.74 9.06
N GLY C 140 12.72 32.48 8.49
CA GLY C 140 12.91 33.89 8.16
C GLY C 140 14.01 34.11 7.12
N THR C 141 13.77 33.67 5.90
CA THR C 141 14.83 33.61 4.89
C THR C 141 15.02 34.93 4.14
N LEU C 142 14.02 35.82 4.17
CA LEU C 142 14.15 37.11 3.46
C LEU C 142 14.99 38.05 4.32
N SER C 143 16.26 37.68 4.45
CA SER C 143 17.17 38.32 5.39
C SER C 143 18.58 37.93 4.99
N GLU C 144 19.55 38.82 5.24
CA GLU C 144 20.92 38.50 4.86
C GLU C 144 21.46 37.31 5.66
N TYR C 145 21.09 37.22 6.94
CA TYR C 145 21.57 36.16 7.81
C TYR C 145 20.38 35.61 8.58
N ALA C 146 20.29 34.29 8.65
CA ALA C 146 19.23 33.64 9.40
C ALA C 146 19.85 32.82 10.54
N LEU C 147 19.22 32.90 11.70
CA LEU C 147 19.55 32.04 12.84
C LEU C 147 18.52 30.91 12.90
N VAL C 148 18.97 29.66 12.79
CA VAL C 148 18.09 28.50 12.71
C VAL C 148 18.66 27.36 13.56
N LYS C 149 17.81 26.36 13.82
CA LYS C 149 18.24 25.13 14.46
C LYS C 149 18.89 24.21 13.43
N GLU C 150 19.71 23.28 13.93
CA GLU C 150 20.39 22.36 13.04
C GLU C 150 19.41 21.53 12.21
N SER C 151 18.24 21.22 12.78
CA SER C 151 17.22 20.47 12.05
C SER C 151 16.69 21.22 10.83
N ALA C 152 16.97 22.51 10.71
CA ALA C 152 16.44 23.27 9.58
C ALA C 152 17.31 23.19 8.33
N VAL C 153 18.48 22.55 8.35
CA VAL C 153 19.39 22.65 7.21
C VAL C 153 19.71 21.27 6.65
N VAL C 154 19.87 21.21 5.33
CA VAL C 154 20.29 20.01 4.64
C VAL C 154 21.56 20.38 3.89
N LYS C 155 22.68 19.77 4.27
CA LYS C 155 23.94 20.07 3.61
C LYS C 155 23.95 19.48 2.20
N ILE C 156 24.42 20.26 1.24
CA ILE C 156 24.59 19.72 -0.10
C ILE C 156 26.01 20.01 -0.54
N GLU C 157 26.47 19.38 -1.61
CA GLU C 157 27.73 19.86 -2.15
C GLU C 157 27.67 19.77 -3.68
N GLU C 158 27.80 20.92 -4.32
CA GLU C 158 27.61 21.08 -5.77
C GLU C 158 28.43 22.29 -6.25
N GLU C 159 29.32 22.06 -7.20
CA GLU C 159 30.06 23.15 -7.81
C GLU C 159 29.16 23.91 -8.79
N ASN C 160 29.40 25.20 -8.88
CA ASN C 160 28.60 26.07 -9.75
C ASN C 160 27.10 25.90 -9.46
N LEU C 161 26.75 25.75 -8.19
CA LEU C 161 25.35 25.66 -7.80
C LEU C 161 24.64 26.97 -8.12
N ASN C 162 23.43 26.85 -8.67
CA ASN C 162 22.54 28.00 -8.85
C ASN C 162 21.69 28.13 -7.60
N PHE C 163 22.04 29.08 -6.73
CA PHE C 163 21.34 29.21 -5.45
C PHE C 163 19.88 29.62 -5.63
N SER C 164 19.57 30.38 -6.68
CA SER C 164 18.17 30.73 -6.94
C SER C 164 17.33 29.47 -7.18
N ALA C 165 17.84 28.57 -8.01
CA ALA C 165 17.14 27.31 -8.23
C ALA C 165 17.08 26.50 -6.94
N ALA C 166 18.16 26.51 -6.16
CA ALA C 166 18.17 25.71 -4.94
C ALA C 166 17.23 26.28 -3.88
N SER C 167 17.00 27.60 -3.88
CA SER C 167 16.23 28.21 -2.82
C SER C 167 14.78 27.72 -2.81
N ILE C 168 14.22 27.40 -3.99
CA ILE C 168 12.79 27.07 -4.06
C ILE C 168 12.47 25.62 -3.71
N ILE C 169 13.49 24.76 -3.59
CA ILE C 169 13.28 23.41 -3.05
C ILE C 169 12.58 23.48 -1.69
N SER C 170 12.93 24.51 -0.91
CA SER C 170 12.49 24.65 0.49
C SER C 170 10.99 24.58 0.68
N CYS C 171 10.20 25.05 -0.30
CA CYS C 171 8.75 24.94 -0.09
C CYS C 171 7.98 24.58 -1.35
N GLY C 172 8.04 25.45 -2.36
CA GLY C 172 7.25 25.23 -3.57
C GLY C 172 7.54 23.90 -4.23
N VAL C 173 8.81 23.57 -4.40
CA VAL C 173 9.16 22.31 -5.05
C VAL C 173 8.78 21.12 -4.18
N MET C 174 9.18 21.15 -2.92
CA MET C 174 8.93 20.00 -2.06
C MET C 174 7.44 19.74 -1.88
N THR C 175 6.64 20.80 -1.79
CA THR C 175 5.21 20.62 -1.56
C THR C 175 4.55 20.06 -2.82
N GLY C 176 4.85 20.64 -3.98
CA GLY C 176 4.28 20.13 -5.22
C GLY C 176 4.75 18.71 -5.52
N TYR C 177 6.06 18.49 -5.49
CA TYR C 177 6.62 17.16 -5.75
C TYR C 177 6.09 16.15 -4.75
N GLY C 178 6.19 16.48 -3.48
CA GLY C 178 5.79 15.53 -2.46
C GLY C 178 4.32 15.24 -2.47
N SER C 179 3.49 16.22 -2.85
CA SER C 179 2.06 15.95 -2.93
C SER C 179 1.76 14.90 -4.00
N VAL C 180 2.56 14.87 -5.07
CA VAL C 180 2.35 13.88 -6.12
C VAL C 180 2.93 12.52 -5.73
N VAL C 181 4.16 12.53 -5.22
CA VAL C 181 4.96 11.31 -5.07
C VAL C 181 4.79 10.69 -3.69
N ASN C 182 4.77 11.51 -2.63
CA ASN C 182 4.61 10.99 -1.28
C ASN C 182 3.15 10.86 -0.85
N SER C 183 2.29 11.80 -1.24
CA SER C 183 0.92 11.77 -0.77
C SER C 183 0.03 10.95 -1.70
N ALA C 184 -0.12 11.41 -2.94
CA ALA C 184 -0.92 10.69 -3.93
C ALA C 184 -0.30 9.35 -4.33
N LYS C 185 1.04 9.27 -4.30
CA LYS C 185 1.71 8.09 -4.82
C LYS C 185 1.28 7.84 -6.26
N LEU C 186 1.40 8.89 -7.08
CA LEU C 186 0.88 8.83 -8.43
C LEU C 186 1.61 7.74 -9.23
N ALA C 187 0.84 6.88 -9.88
CA ALA C 187 1.38 5.76 -10.62
C ALA C 187 1.59 6.14 -12.08
N ALA C 188 2.72 5.71 -12.65
CA ALA C 188 3.01 5.93 -14.06
C ALA C 188 1.84 5.51 -14.94
N GLY C 189 1.60 6.27 -16.01
CA GLY C 189 0.57 5.93 -16.96
C GLY C 189 -0.81 6.50 -16.67
N SER C 190 -1.02 7.07 -15.48
N SER C 190 -1.01 7.07 -15.48
CA SER C 190 -2.32 7.55 -15.06
CA SER C 190 -2.31 7.57 -15.03
C SER C 190 -2.60 8.95 -15.61
C SER C 190 -2.60 8.95 -15.63
N SER C 191 -3.84 9.41 -15.42
CA SER C 191 -4.25 10.76 -15.80
C SER C 191 -4.33 11.64 -14.57
N ALA C 192 -3.89 12.90 -14.71
CA ALA C 192 -3.80 13.85 -13.61
C ALA C 192 -4.29 15.23 -14.04
N VAL C 193 -5.00 15.93 -13.15
CA VAL C 193 -5.48 17.29 -13.38
C VAL C 193 -4.92 18.18 -12.29
N ILE C 194 -4.40 19.35 -12.68
CA ILE C 194 -3.81 20.29 -11.75
C ILE C 194 -4.58 21.60 -11.85
N LEU C 195 -5.21 21.99 -10.76
CA LEU C 195 -5.97 23.24 -10.66
C LEU C 195 -5.11 24.33 -10.03
N GLY C 196 -4.68 25.29 -10.85
CA GLY C 196 -3.84 26.37 -10.38
C GLY C 196 -2.39 26.05 -10.71
N CYS C 197 -1.81 26.80 -11.63
CA CYS C 197 -0.45 26.57 -12.13
C CYS C 197 0.51 27.62 -11.59
N GLY C 198 0.65 27.71 -10.26
CA GLY C 198 1.55 28.70 -9.69
C GLY C 198 2.82 28.07 -9.13
N GLY C 199 3.41 28.69 -8.11
CA GLY C 199 4.63 28.14 -7.53
C GLY C 199 4.50 26.67 -7.18
N VAL C 200 3.37 26.28 -6.59
CA VAL C 200 3.14 24.88 -6.23
C VAL C 200 2.64 24.09 -7.43
N GLY C 201 1.61 24.60 -8.13
CA GLY C 201 1.02 23.84 -9.23
C GLY C 201 2.00 23.49 -10.34
N LEU C 202 2.91 24.41 -10.67
CA LEU C 202 3.90 24.09 -11.71
C LEU C 202 4.82 22.95 -11.27
N ASN C 203 5.07 22.82 -9.98
CA ASN C 203 5.88 21.73 -9.48
C ASN C 203 5.09 20.44 -9.37
N VAL C 204 3.78 20.56 -9.10
CA VAL C 204 2.91 19.40 -9.23
C VAL C 204 2.96 18.87 -10.67
N ILE C 205 2.85 19.78 -11.65
CA ILE C 205 2.92 19.37 -13.05
C ILE C 205 4.25 18.70 -13.37
N ASN C 206 5.35 19.31 -12.94
CA ASN C 206 6.68 18.71 -13.16
C ASN C 206 6.73 17.32 -12.56
N ALA C 207 6.25 17.17 -11.33
CA ALA C 207 6.32 15.88 -10.65
C ALA C 207 5.39 14.84 -11.27
N CYS C 208 4.27 15.25 -11.88
CA CYS C 208 3.47 14.27 -12.62
C CYS C 208 4.21 13.79 -13.87
N GLU C 209 4.94 14.70 -14.52
CA GLU C 209 5.77 14.33 -15.65
C GLU C 209 6.91 13.42 -15.21
N ILE C 210 7.60 13.80 -14.13
CA ILE C 210 8.66 12.97 -13.59
C ILE C 210 8.13 11.58 -13.25
N SER C 211 6.93 11.51 -12.69
CA SER C 211 6.32 10.26 -12.25
C SER C 211 5.75 9.42 -13.39
N GLY C 212 5.63 9.94 -14.60
CA GLY C 212 5.20 9.14 -15.73
C GLY C 212 3.73 9.18 -16.07
N ALA C 213 2.98 10.16 -15.55
CA ALA C 213 1.58 10.30 -15.94
C ALA C 213 1.47 10.36 -17.45
N GLY C 214 0.46 9.66 -17.99
CA GLY C 214 0.23 9.71 -19.43
C GLY C 214 -0.53 10.94 -19.89
N ARG C 215 -1.35 11.52 -19.03
CA ARG C 215 -2.09 12.74 -19.36
C ARG C 215 -1.97 13.68 -18.18
N ILE C 216 -1.63 14.94 -18.46
CA ILE C 216 -1.44 15.94 -17.43
C ILE C 216 -2.18 17.19 -17.89
N ILE C 217 -3.29 17.49 -17.23
CA ILE C 217 -4.20 18.56 -17.65
C ILE C 217 -4.00 19.73 -16.70
N ALA C 218 -3.44 20.83 -17.20
CA ALA C 218 -3.26 22.03 -16.40
C ALA C 218 -4.44 22.98 -16.55
N VAL C 219 -4.87 23.58 -15.45
CA VAL C 219 -6.02 24.47 -15.40
C VAL C 219 -5.62 25.76 -14.70
N ASP C 220 -5.95 26.90 -15.31
CA ASP C 220 -5.66 28.19 -14.68
C ASP C 220 -6.56 29.24 -15.30
N ILE C 221 -6.73 30.33 -14.56
CA ILE C 221 -7.47 31.47 -15.11
C ILE C 221 -6.55 32.39 -15.88
N ASN C 222 -5.23 32.20 -15.78
CA ASN C 222 -4.26 33.07 -16.37
C ASN C 222 -3.62 32.40 -17.57
N PRO C 223 -3.81 32.90 -18.79
CA PRO C 223 -3.17 32.26 -19.96
C PRO C 223 -1.64 32.18 -19.90
N ASN C 224 -0.97 33.12 -19.24
CA ASN C 224 0.49 33.03 -19.10
C ASN C 224 0.89 31.78 -18.33
N LYS C 225 0.08 31.35 -17.37
CA LYS C 225 0.42 30.16 -16.58
C LYS C 225 0.25 28.88 -17.39
N LEU C 226 -0.72 28.85 -18.31
CA LEU C 226 -0.89 27.69 -19.17
C LEU C 226 0.29 27.53 -20.13
N GLU C 227 0.85 28.64 -20.61
CA GLU C 227 2.06 28.55 -21.43
C GLU C 227 3.23 27.97 -20.62
N LEU C 228 3.38 28.45 -19.38
CA LEU C 228 4.38 27.86 -18.48
C LEU C 228 4.08 26.39 -18.23
N ALA C 229 2.82 26.04 -17.98
CA ALA C 229 2.49 24.65 -17.64
C ALA C 229 2.97 23.69 -18.73
N LYS C 230 2.84 24.08 -20.00
CA LYS C 230 3.33 23.28 -21.12
C LYS C 230 4.85 23.07 -21.04
N GLN C 231 5.57 24.04 -20.49
CA GLN C 231 7.01 23.89 -20.35
C GLN C 231 7.36 22.84 -19.33
N PHE C 232 6.51 22.68 -18.30
CA PHE C 232 6.81 21.75 -17.23
C PHE C 232 6.13 20.39 -17.41
N GLY C 233 5.36 20.20 -18.48
CA GLY C 233 4.98 18.85 -18.86
C GLY C 233 3.50 18.62 -19.10
N ALA C 234 2.70 19.69 -19.04
CA ALA C 234 1.26 19.56 -19.26
C ALA C 234 1.00 19.11 -20.70
N THR C 235 0.25 18.03 -20.87
CA THR C 235 -0.13 17.55 -22.19
C THR C 235 -1.40 18.23 -22.70
N ASP C 236 -2.13 18.90 -21.80
CA ASP C 236 -3.48 19.41 -22.03
C ASP C 236 -3.59 20.67 -21.18
N VAL C 237 -4.21 21.73 -21.71
CA VAL C 237 -4.43 22.94 -20.93
C VAL C 237 -5.87 23.39 -21.11
N ILE C 238 -6.41 23.99 -20.06
CA ILE C 238 -7.78 24.48 -20.01
C ILE C 238 -7.77 25.82 -19.31
N LEU C 239 -8.26 26.86 -19.99
CA LEU C 239 -8.45 28.18 -19.39
C LEU C 239 -9.79 28.21 -18.64
N ALA C 240 -9.75 28.28 -17.31
CA ALA C 240 -10.97 28.33 -16.52
C ALA C 240 -11.52 29.76 -16.47
N ASP C 241 -12.82 29.88 -16.23
CA ASP C 241 -13.47 31.16 -16.00
C ASP C 241 -13.53 31.44 -14.50
N LYS C 242 -13.36 32.71 -14.13
CA LYS C 242 -13.50 33.08 -12.73
C LYS C 242 -14.91 32.91 -12.21
N THR C 243 -15.88 32.70 -13.09
CA THR C 243 -17.28 32.55 -12.72
C THR C 243 -17.65 31.11 -12.40
N ASP C 244 -16.78 30.15 -12.71
CA ASP C 244 -17.11 28.72 -12.66
C ASP C 244 -17.03 28.25 -11.21
N VAL C 245 -18.18 28.34 -10.52
CA VAL C 245 -18.29 27.87 -9.16
C VAL C 245 -17.98 26.38 -9.11
N GLY C 246 -17.12 25.99 -8.18
CA GLY C 246 -16.63 24.62 -8.07
C GLY C 246 -15.79 24.15 -9.23
N LEU C 247 -15.46 25.04 -10.17
CA LEU C 247 -14.89 24.67 -11.47
C LEU C 247 -15.70 23.54 -12.12
N ALA C 248 -17.01 23.74 -12.16
CA ALA C 248 -17.91 22.70 -12.65
C ALA C 248 -17.83 22.55 -14.18
N ASN C 249 -17.74 23.65 -14.90
CA ASN C 249 -17.54 23.57 -16.34
C ASN C 249 -16.16 23.00 -16.69
N VAL C 250 -15.12 23.39 -15.94
CA VAL C 250 -13.81 22.77 -16.13
C VAL C 250 -13.92 21.26 -15.99
N ALA C 251 -14.66 20.79 -14.99
CA ALA C 251 -14.81 19.35 -14.78
C ALA C 251 -15.42 18.68 -16.01
N GLU C 252 -16.40 19.32 -16.63
CA GLU C 252 -17.01 18.75 -17.83
C GLU C 252 -15.98 18.68 -18.97
N GLN C 253 -15.13 19.70 -19.08
CA GLN C 253 -14.09 19.71 -20.12
C GLN C 253 -12.98 18.71 -19.84
N VAL C 254 -12.64 18.46 -18.57
CA VAL C 254 -11.67 17.42 -18.25
C VAL C 254 -12.18 16.08 -18.77
N LYS C 255 -13.45 15.76 -18.49
CA LYS C 255 -14.05 14.52 -18.96
C LYS C 255 -14.09 14.46 -20.48
N GLU C 256 -14.50 15.56 -21.11
CA GLU C 256 -14.43 15.66 -22.57
C GLU C 256 -13.05 15.28 -23.08
N VAL C 257 -12.02 15.87 -22.49
CA VAL C 257 -10.64 15.66 -22.93
C VAL C 257 -10.19 14.23 -22.69
N LEU C 258 -10.66 13.59 -21.62
CA LEU C 258 -10.27 12.22 -21.32
C LEU C 258 -11.25 11.19 -21.86
N GLY C 259 -12.06 11.56 -22.85
CA GLY C 259 -12.95 10.59 -23.48
C GLY C 259 -14.13 10.17 -22.64
N GLY C 260 -14.75 11.11 -21.92
CA GLY C 260 -15.94 10.84 -21.15
C GLY C 260 -15.69 10.43 -19.71
N ARG C 261 -14.45 10.39 -19.27
CA ARG C 261 -14.09 9.83 -17.98
C ARG C 261 -13.42 10.88 -17.09
N GLY C 262 -13.63 10.77 -15.78
CA GLY C 262 -12.88 11.57 -14.85
C GLY C 262 -11.42 11.11 -14.76
N ALA C 263 -10.56 11.99 -14.25
CA ALA C 263 -9.14 11.67 -14.12
C ALA C 263 -8.87 10.71 -12.95
N ASP C 264 -7.69 10.07 -12.99
CA ASP C 264 -7.29 9.23 -11.86
C ASP C 264 -6.87 10.06 -10.64
N TYR C 265 -6.27 11.23 -10.86
CA TYR C 265 -5.73 12.08 -9.81
C TYR C 265 -6.09 13.52 -10.11
N ALA C 266 -6.38 14.30 -9.06
CA ALA C 266 -6.49 15.74 -9.20
C ALA C 266 -5.84 16.43 -8.01
N PHE C 267 -5.21 17.57 -8.28
CA PHE C 267 -4.52 18.38 -7.28
C PHE C 267 -5.05 19.81 -7.36
N GLU C 268 -5.46 20.37 -6.23
CA GLU C 268 -5.95 21.74 -6.17
C GLU C 268 -4.88 22.63 -5.53
N CYS C 269 -4.49 23.70 -6.24
CA CYS C 269 -3.37 24.55 -5.85
C CYS C 269 -3.71 26.03 -6.03
N THR C 270 -4.97 26.42 -5.85
CA THR C 270 -5.42 27.74 -6.33
C THR C 270 -5.28 28.86 -5.31
N ALA C 271 -5.17 28.53 -4.03
CA ALA C 271 -5.30 29.47 -2.93
C ALA C 271 -6.70 30.08 -2.82
N ILE C 272 -7.72 29.46 -3.41
CA ILE C 272 -9.11 29.93 -3.36
C ILE C 272 -9.90 29.01 -2.43
N PRO C 273 -10.31 29.47 -1.24
CA PRO C 273 -11.05 28.60 -0.32
C PRO C 273 -12.30 27.97 -0.92
N ALA C 274 -13.02 28.69 -1.79
CA ALA C 274 -14.22 28.12 -2.36
C ALA C 274 -13.93 26.92 -3.26
N LEU C 275 -12.69 26.76 -3.71
CA LEU C 275 -12.34 25.68 -4.63
C LEU C 275 -11.80 24.43 -3.93
N GLY C 276 -11.99 24.31 -2.61
CA GLY C 276 -11.37 23.22 -1.88
C GLY C 276 -11.91 21.83 -2.23
N ALA C 277 -13.17 21.74 -2.66
CA ALA C 277 -13.76 20.48 -3.09
C ALA C 277 -13.59 20.24 -4.58
N ALA C 278 -13.13 21.23 -5.33
CA ALA C 278 -13.01 21.10 -6.78
C ALA C 278 -12.27 19.85 -7.25
N PRO C 279 -11.18 19.40 -6.62
CA PRO C 279 -10.51 18.21 -7.17
C PRO C 279 -11.38 16.97 -7.16
N LEU C 280 -12.40 16.91 -6.31
CA LEU C 280 -13.28 15.73 -6.30
C LEU C 280 -14.10 15.64 -7.58
N ALA C 281 -14.50 16.78 -8.14
CA ALA C 281 -15.30 16.74 -9.37
C ALA C 281 -14.47 16.40 -10.60
N MET C 282 -13.14 16.49 -10.49
CA MET C 282 -12.24 16.20 -11.60
C MET C 282 -11.99 14.72 -11.79
N VAL C 283 -12.19 13.91 -10.74
CA VAL C 283 -11.71 12.53 -10.73
C VAL C 283 -12.88 11.58 -10.85
N ARG C 284 -12.59 10.43 -11.47
CA ARG C 284 -13.49 9.30 -11.46
C ARG C 284 -13.71 8.76 -10.04
N ASN C 285 -14.73 7.92 -9.93
CA ASN C 285 -14.93 7.13 -8.72
C ASN C 285 -13.66 6.34 -8.44
N ALA C 286 -13.34 6.17 -7.15
CA ALA C 286 -12.07 5.58 -6.67
C ALA C 286 -10.84 6.38 -7.17
N GLY C 287 -11.03 7.63 -7.57
CA GLY C 287 -9.91 8.49 -7.88
C GLY C 287 -9.32 9.10 -6.61
N THR C 288 -8.22 9.84 -6.78
CA THR C 288 -7.55 10.49 -5.66
C THR C 288 -7.52 12.00 -5.85
N ALA C 289 -8.06 12.73 -4.88
CA ALA C 289 -8.13 14.18 -4.92
C ALA C 289 -7.25 14.75 -3.82
N VAL C 290 -6.31 15.60 -4.21
CA VAL C 290 -5.36 16.20 -3.26
C VAL C 290 -5.56 17.70 -3.25
N GLN C 291 -5.94 18.20 -2.08
CA GLN C 291 -6.20 19.60 -1.78
C GLN C 291 -4.88 20.16 -1.22
N VAL C 292 -4.11 20.93 -1.99
CA VAL C 292 -2.80 21.33 -1.48
C VAL C 292 -2.80 22.67 -0.73
N SER C 293 -3.77 23.54 -1.00
CA SER C 293 -3.68 24.92 -0.50
C SER C 293 -3.74 24.98 1.02
N GLY C 294 -4.59 24.18 1.66
CA GLY C 294 -4.85 24.38 3.07
C GLY C 294 -5.89 25.47 3.24
N ILE C 295 -7.07 25.13 3.72
CA ILE C 295 -8.13 26.12 3.87
C ILE C 295 -8.56 26.13 5.33
N GLU C 296 -8.59 27.32 5.92
CA GLU C 296 -9.01 27.48 7.31
C GLU C 296 -10.26 28.34 7.38
N GLU C 297 -11.32 27.87 6.73
CA GLU C 297 -12.58 28.60 6.63
C GLU C 297 -13.70 27.59 6.44
N ASP C 298 -14.92 28.01 6.81
CA ASP C 298 -16.11 27.25 6.46
C ASP C 298 -16.41 27.43 4.97
N ILE C 299 -16.63 26.32 4.28
CA ILE C 299 -17.10 26.37 2.89
C ILE C 299 -18.25 25.38 2.76
N THR C 300 -18.99 25.52 1.67
CA THR C 300 -20.15 24.68 1.40
C THR C 300 -19.76 23.65 0.34
N ILE C 301 -19.95 22.37 0.66
CA ILE C 301 -19.56 21.28 -0.22
C ILE C 301 -20.79 20.46 -0.57
N ASP C 302 -21.03 20.29 -1.88
CA ASP C 302 -22.00 19.31 -2.37
C ASP C 302 -21.43 17.91 -2.09
N MET C 303 -22.03 17.21 -1.12
CA MET C 303 -21.43 15.97 -0.64
C MET C 303 -21.52 14.83 -1.65
N ARG C 304 -22.24 15.01 -2.76
CA ARG C 304 -22.18 14.00 -3.82
C ARG C 304 -20.80 13.95 -4.46
N LEU C 305 -20.01 15.03 -4.35
CA LEU C 305 -18.66 15.01 -4.91
C LEU C 305 -17.82 13.89 -4.30
N PHE C 306 -18.07 13.55 -3.03
CA PHE C 306 -17.32 12.46 -2.40
C PHE C 306 -17.80 11.11 -2.89
N GLU C 307 -18.96 11.06 -3.53
CA GLU C 307 -19.56 9.77 -3.83
C GLU C 307 -18.85 9.08 -4.98
N TRP C 308 -17.85 8.33 -4.54
CA TRP C 308 -17.80 6.89 -4.33
C TRP C 308 -16.33 6.50 -4.39
N ASP C 309 -15.81 6.12 -3.23
CA ASP C 309 -14.46 5.61 -3.00
C ASP C 309 -13.35 6.61 -3.36
N LYS C 310 -13.68 7.88 -3.53
CA LYS C 310 -12.64 8.87 -3.81
C LYS C 310 -11.82 9.14 -2.55
N ILE C 311 -10.52 9.00 -2.65
CA ILE C 311 -9.66 9.40 -1.55
C ILE C 311 -9.45 10.90 -1.63
N TYR C 312 -9.72 11.60 -0.52
CA TYR C 312 -9.47 13.03 -0.42
C TYR C 312 -8.46 13.28 0.69
N ILE C 313 -7.47 14.12 0.41
CA ILE C 313 -6.43 14.32 1.42
C ILE C 313 -5.87 15.73 1.27
N ASN C 314 -5.49 16.31 2.41
CA ASN C 314 -4.97 17.68 2.48
C ASN C 314 -3.59 17.57 3.12
N PRO C 315 -2.56 17.31 2.33
CA PRO C 315 -1.22 17.09 2.89
C PRO C 315 -0.47 18.37 3.19
N LEU C 316 0.41 18.30 4.19
CA LEU C 316 1.28 19.40 4.57
C LEU C 316 2.67 19.16 4.02
N TYR C 317 3.18 20.12 3.25
CA TYR C 317 4.60 20.17 2.89
C TYR C 317 5.06 18.93 2.13
N GLY C 318 4.16 18.36 1.33
CA GLY C 318 4.47 17.16 0.56
C GLY C 318 4.98 15.98 1.34
N LYS C 319 4.66 15.88 2.64
CA LYS C 319 5.15 14.81 3.51
C LYS C 319 6.68 14.80 3.62
N CYS C 320 7.26 15.99 3.55
CA CYS C 320 8.69 16.17 3.60
C CYS C 320 9.37 15.48 4.78
N ARG C 321 10.32 14.59 4.47
CA ARG C 321 11.40 14.24 5.38
C ARG C 321 12.67 14.86 4.82
N PRO C 322 13.09 16.03 5.32
CA PRO C 322 14.04 16.87 4.54
C PRO C 322 15.38 16.19 4.27
N GLN C 323 15.94 15.42 5.21
CA GLN C 323 17.23 14.78 4.92
C GLN C 323 17.12 13.68 3.88
N ILE C 324 15.92 13.11 3.68
CA ILE C 324 15.67 12.09 2.67
C ILE C 324 15.22 12.71 1.35
N ASP C 325 14.23 13.60 1.40
CA ASP C 325 13.61 14.11 0.18
C ASP C 325 14.52 15.10 -0.55
N PHE C 326 15.17 16.00 0.18
CA PHE C 326 15.94 17.05 -0.47
C PHE C 326 17.10 16.50 -1.29
N PRO C 327 17.87 15.52 -0.82
CA PRO C 327 18.86 14.92 -1.71
C PRO C 327 18.25 14.27 -2.93
N LYS C 328 17.06 13.64 -2.81
CA LYS C 328 16.44 13.05 -3.99
C LYS C 328 16.07 14.13 -4.99
N LEU C 329 15.58 15.28 -4.51
CA LEU C 329 15.26 16.40 -5.39
C LEU C 329 16.51 16.97 -6.04
N MET C 330 17.61 17.08 -5.28
CA MET C 330 18.87 17.57 -5.84
C MET C 330 19.34 16.69 -6.99
N GLN C 331 19.22 15.37 -6.83
CA GLN C 331 19.60 14.44 -7.89
C GLN C 331 18.68 14.57 -9.10
N LEU C 332 17.37 14.64 -8.88
CA LEU C 332 16.47 14.87 -10.02
C LEU C 332 16.79 16.17 -10.74
N TYR C 333 17.18 17.20 -9.99
CA TYR C 333 17.58 18.46 -10.63
C TYR C 333 18.83 18.29 -11.50
N LYS C 334 19.84 17.66 -10.97
CA LYS C 334 21.12 17.47 -11.64
C LYS C 334 20.98 16.63 -12.91
N LYS C 335 20.08 15.66 -12.91
CA LYS C 335 19.93 14.85 -14.10
C LYS C 335 19.03 15.51 -15.12
N GLY C 336 18.39 16.63 -14.78
CA GLY C 336 17.66 17.41 -15.75
C GLY C 336 16.16 17.19 -15.78
N ASP C 337 15.63 16.32 -14.91
CA ASP C 337 14.21 16.01 -14.89
C ASP C 337 13.42 17.06 -14.12
N LEU C 338 13.98 17.55 -13.02
CA LEU C 338 13.32 18.58 -12.21
C LEU C 338 13.82 19.94 -12.69
N LYS C 339 12.92 20.75 -13.23
CA LYS C 339 13.35 21.89 -14.05
C LYS C 339 13.43 23.17 -13.22
N LEU C 340 14.28 23.13 -12.18
CA LEU C 340 14.35 24.25 -11.24
C LEU C 340 14.78 25.53 -11.92
N ASP C 341 15.84 25.48 -12.75
CA ASP C 341 16.35 26.70 -13.38
C ASP C 341 15.25 27.42 -14.14
N GLU C 342 14.43 26.66 -14.87
CA GLU C 342 13.35 27.21 -15.65
C GLU C 342 12.24 27.79 -14.79
N MET C 343 12.19 27.45 -13.50
CA MET C 343 11.16 28.02 -12.64
C MET C 343 11.47 29.43 -12.18
N ILE C 344 12.73 29.84 -12.26
CA ILE C 344 13.14 31.15 -11.78
C ILE C 344 12.83 32.17 -12.85
N THR C 345 11.64 32.77 -12.78
CA THR C 345 11.22 33.72 -13.79
C THR C 345 11.99 35.04 -13.66
N LYS C 346 12.22 35.51 -12.43
CA LYS C 346 12.89 36.79 -12.20
C LYS C 346 13.56 36.79 -10.84
N GLU C 347 14.71 37.47 -10.77
CA GLU C 347 15.45 37.66 -9.53
C GLU C 347 15.35 39.12 -9.09
N TYR C 348 15.31 39.33 -7.79
CA TYR C 348 15.03 40.65 -7.24
C TYR C 348 16.02 40.99 -6.13
N LYS C 349 16.36 42.27 -6.05
CA LYS C 349 16.95 42.83 -4.85
C LYS C 349 15.93 42.80 -3.73
N LEU C 350 16.42 42.68 -2.49
CA LEU C 350 15.50 42.70 -1.34
C LEU C 350 14.65 43.97 -1.32
N ASP C 351 15.22 45.12 -1.73
CA ASP C 351 14.48 46.38 -1.72
C ASP C 351 13.31 46.39 -2.71
N ASP C 352 13.35 45.51 -3.71
CA ASP C 352 12.26 45.40 -4.67
C ASP C 352 11.29 44.27 -4.31
N LEU C 353 11.23 43.87 -3.03
CA LEU C 353 10.32 42.80 -2.61
C LEU C 353 8.87 43.13 -2.93
N GLN C 354 8.51 44.41 -2.85
CA GLN C 354 7.15 44.81 -3.21
C GLN C 354 6.84 44.42 -4.66
N GLN C 355 7.81 44.60 -5.57
CA GLN C 355 7.54 44.25 -6.96
C GLN C 355 7.39 42.75 -7.13
N ALA C 356 8.20 41.97 -6.41
CA ALA C 356 8.10 40.54 -6.58
C ALA C 356 6.78 40.00 -6.08
N LEU C 357 6.21 40.64 -5.04
CA LEU C 357 4.91 40.22 -4.52
C LEU C 357 3.77 40.59 -5.48
N ASP C 358 3.82 41.77 -6.08
CA ASP C 358 2.84 42.09 -7.12
C ASP C 358 2.98 41.17 -8.33
N ASP C 359 4.22 40.91 -8.76
CA ASP C 359 4.44 40.00 -9.88
C ASP C 359 3.88 38.60 -9.57
N MET C 360 4.03 38.14 -8.33
CA MET C 360 3.42 36.88 -7.92
C MET C 360 1.91 36.95 -8.08
N LEU C 361 1.29 37.90 -7.39
CA LEU C 361 -0.17 37.99 -7.36
C LEU C 361 -0.75 38.34 -8.73
N ALA C 362 -0.01 39.04 -9.57
CA ALA C 362 -0.48 39.33 -10.92
C ALA C 362 -0.34 38.13 -11.85
N GLY C 363 0.42 37.11 -11.46
CA GLY C 363 0.61 35.94 -12.31
C GLY C 363 1.64 36.10 -13.40
N LYS C 364 2.68 36.92 -13.19
CA LYS C 364 3.69 37.09 -14.23
C LYS C 364 4.81 36.07 -14.10
N ASN C 365 5.00 35.49 -12.91
CA ASN C 365 6.11 34.59 -12.63
C ASN C 365 5.66 33.15 -12.43
N ALA C 366 6.59 32.23 -12.69
CA ALA C 366 6.56 30.89 -12.11
C ALA C 366 6.98 30.99 -10.65
N LYS C 367 8.25 31.31 -10.43
CA LYS C 367 8.76 31.68 -9.11
C LYS C 367 9.55 32.98 -9.22
N GLY C 368 9.41 33.86 -8.24
CA GLY C 368 10.33 34.98 -8.04
C GLY C 368 11.23 34.67 -6.85
N VAL C 369 12.51 35.04 -6.96
CA VAL C 369 13.44 34.86 -5.84
C VAL C 369 14.15 36.19 -5.58
N VAL C 370 14.46 36.42 -4.31
CA VAL C 370 15.30 37.53 -3.89
C VAL C 370 16.73 37.02 -3.78
N VAL C 371 17.68 37.75 -4.37
CA VAL C 371 19.06 37.32 -4.35
C VAL C 371 19.87 38.29 -3.48
N PHE C 372 20.87 37.74 -2.81
CA PHE C 372 21.75 38.53 -1.97
C PHE C 372 23.18 38.45 -2.52
N SER D 3 -45.07 -19.63 -15.13
CA SER D 3 -45.40 -18.40 -14.39
C SER D 3 -45.86 -18.75 -12.99
N ILE D 4 -45.02 -18.54 -12.00
CA ILE D 4 -45.31 -18.98 -10.65
C ILE D 4 -45.77 -17.75 -9.87
N GLN D 5 -46.60 -17.95 -8.86
CA GLN D 5 -47.19 -16.84 -8.11
C GLN D 5 -46.47 -16.73 -6.77
N SER D 6 -45.95 -15.54 -6.46
CA SER D 6 -45.05 -15.36 -5.31
C SER D 6 -45.61 -14.27 -4.41
N LYS D 7 -45.89 -14.62 -3.17
CA LYS D 7 -46.33 -13.61 -2.21
C LYS D 7 -45.19 -12.63 -1.94
N SER D 8 -45.49 -11.34 -2.05
CA SER D 8 -44.46 -10.33 -2.10
C SER D 8 -44.94 -9.07 -1.40
N ALA D 9 -43.99 -8.25 -1.00
CA ALA D 9 -44.26 -6.93 -0.47
C ALA D 9 -43.99 -5.93 -1.59
N VAL D 10 -45.06 -5.31 -2.10
CA VAL D 10 -44.95 -4.34 -3.19
C VAL D 10 -45.17 -2.95 -2.62
N ALA D 11 -44.18 -2.10 -2.76
CA ALA D 11 -44.37 -0.67 -2.54
C ALA D 11 -45.13 -0.08 -3.72
N LYS D 12 -46.18 0.66 -3.44
CA LYS D 12 -47.04 1.17 -4.51
C LYS D 12 -46.52 2.47 -5.10
N GLY D 13 -45.53 3.11 -4.47
CA GLY D 13 -45.06 4.40 -4.90
C GLY D 13 -45.70 5.56 -4.16
N ASP D 14 -46.98 5.42 -3.79
CA ASP D 14 -47.71 6.46 -3.08
C ASP D 14 -47.31 6.61 -1.62
N GLY D 15 -46.32 5.85 -1.16
CA GLY D 15 -45.92 5.86 0.24
C GLY D 15 -46.39 4.64 1.00
N SER D 16 -47.28 3.86 0.43
CA SER D 16 -47.78 2.66 1.07
C SER D 16 -47.19 1.43 0.40
N PHE D 17 -47.40 0.29 1.04
CA PHE D 17 -47.06 -0.99 0.47
C PHE D 17 -48.20 -1.96 0.74
N THR D 18 -48.15 -3.09 0.06
CA THR D 18 -49.16 -4.10 0.29
C THR D 18 -48.51 -5.46 0.17
N ILE D 19 -49.01 -6.41 0.95
CA ILE D 19 -48.67 -7.81 0.72
C ILE D 19 -49.58 -8.34 -0.37
N THR D 20 -48.99 -8.90 -1.41
CA THR D 20 -49.70 -9.24 -2.64
C THR D 20 -49.02 -10.45 -3.24
N HIS D 21 -49.44 -10.82 -4.45
CA HIS D 21 -48.80 -11.88 -5.21
C HIS D 21 -48.24 -11.28 -6.48
N VAL D 22 -47.07 -11.75 -6.89
CA VAL D 22 -46.38 -11.20 -8.06
C VAL D 22 -46.09 -12.35 -8.99
N THR D 23 -46.39 -12.16 -10.27
CA THR D 23 -46.19 -13.22 -11.25
C THR D 23 -44.73 -13.22 -11.69
N VAL D 24 -44.08 -14.36 -11.56
CA VAL D 24 -42.66 -14.49 -11.85
C VAL D 24 -42.50 -15.53 -12.93
N ALA D 25 -41.90 -15.14 -14.05
CA ALA D 25 -41.63 -16.06 -15.13
C ALA D 25 -40.49 -17.03 -14.75
N GLU D 26 -40.37 -18.14 -15.51
CA GLU D 26 -39.07 -18.79 -15.62
C GLU D 26 -37.91 -17.97 -16.08
N PRO D 27 -36.74 -18.35 -15.56
CA PRO D 27 -35.51 -17.59 -15.81
C PRO D 27 -35.00 -17.76 -17.23
N LYS D 28 -34.66 -16.64 -17.86
CA LYS D 28 -33.84 -16.64 -19.06
C LYS D 28 -32.49 -17.26 -18.77
N ALA D 29 -31.61 -17.31 -19.79
CA ALA D 29 -30.45 -18.20 -19.70
C ALA D 29 -29.46 -17.79 -18.61
N ASP D 30 -29.31 -16.49 -18.35
CA ASP D 30 -28.37 -16.00 -17.35
C ASP D 30 -29.04 -15.69 -16.01
N GLU D 31 -30.25 -16.20 -15.80
CA GLU D 31 -31.06 -15.86 -14.66
C GLU D 31 -31.31 -17.10 -13.83
N LEU D 32 -31.96 -16.89 -12.69
CA LEU D 32 -32.33 -18.02 -11.86
C LEU D 32 -33.35 -17.56 -10.83
N LEU D 33 -34.14 -18.52 -10.38
CA LEU D 33 -35.19 -18.30 -9.40
C LEU D 33 -34.71 -18.79 -8.05
N VAL D 34 -34.81 -17.94 -7.04
CA VAL D 34 -34.36 -18.26 -5.69
C VAL D 34 -35.57 -18.25 -4.76
N LYS D 35 -35.70 -19.30 -3.94
CA LYS D 35 -36.69 -19.34 -2.88
C LYS D 35 -36.09 -18.66 -1.66
N ILE D 36 -36.55 -17.42 -1.37
CA ILE D 36 -36.01 -16.65 -0.26
C ILE D 36 -36.35 -17.34 1.05
N LYS D 37 -35.33 -17.57 1.88
CA LYS D 37 -35.57 -18.07 3.24
C LYS D 37 -35.69 -16.93 4.25
N ALA D 38 -34.90 -15.87 4.09
CA ALA D 38 -34.94 -14.75 5.02
C ALA D 38 -34.51 -13.49 4.31
N ALA D 39 -35.05 -12.36 4.78
CA ALA D 39 -34.71 -11.07 4.20
C ALA D 39 -34.49 -10.08 5.33
N GLY D 40 -33.32 -9.42 5.31
CA GLY D 40 -33.07 -8.37 6.27
C GLY D 40 -33.75 -7.07 5.89
N LEU D 41 -33.96 -6.22 6.89
CA LEU D 41 -34.63 -4.95 6.71
C LEU D 41 -33.70 -3.82 7.14
N CYS D 42 -33.67 -2.74 6.36
CA CYS D 42 -32.99 -1.52 6.83
C CYS D 42 -33.74 -0.31 6.30
N HIS D 43 -33.21 0.87 6.61
CA HIS D 43 -33.90 2.12 6.30
C HIS D 43 -34.13 2.30 4.80
N THR D 44 -33.29 1.71 3.96
CA THR D 44 -33.46 1.87 2.52
C THR D 44 -34.80 1.31 2.06
N ASP D 45 -35.27 0.25 2.70
CA ASP D 45 -36.55 -0.32 2.32
C ASP D 45 -37.70 0.63 2.65
N TYR D 46 -37.61 1.35 3.77
CA TYR D 46 -38.57 2.42 4.04
C TYR D 46 -38.50 3.49 2.95
N ASP D 47 -37.28 3.85 2.51
CA ASP D 47 -37.13 4.83 1.44
C ASP D 47 -37.71 4.35 0.12
N SER D 48 -37.66 3.04 -0.15
CA SER D 48 -38.23 2.52 -1.39
C SER D 48 -39.76 2.63 -1.43
N LEU D 49 -40.40 3.12 -0.37
CA LEU D 49 -41.84 3.36 -0.42
C LEU D 49 -42.16 4.65 -1.14
N SER D 50 -41.19 5.55 -1.24
CA SER D 50 -41.39 6.89 -1.76
C SER D 50 -40.67 7.10 -3.09
N TRP D 51 -40.29 6.04 -3.76
CA TRP D 51 -39.61 6.18 -5.04
C TRP D 51 -40.56 6.53 -6.17
N GLY D 52 -41.87 6.47 -5.94
CA GLY D 52 -42.82 6.94 -6.93
C GLY D 52 -43.07 5.99 -8.07
N LYS D 53 -42.80 4.71 -7.88
CA LYS D 53 -43.09 3.66 -8.85
C LYS D 53 -43.29 2.37 -8.07
N PRO D 54 -44.08 1.43 -8.59
CA PRO D 54 -44.27 0.16 -7.87
C PRO D 54 -43.01 -0.69 -7.91
N ILE D 55 -42.59 -1.16 -6.73
CA ILE D 55 -41.34 -1.89 -6.50
C ILE D 55 -41.62 -3.18 -5.75
N VAL D 56 -40.98 -4.28 -6.16
CA VAL D 56 -40.82 -5.40 -5.24
C VAL D 56 -39.75 -5.02 -4.23
N MET D 57 -40.10 -5.10 -2.95
CA MET D 57 -39.21 -4.54 -1.92
C MET D 57 -38.16 -5.56 -1.47
N GLY D 58 -37.14 -5.06 -0.78
CA GLY D 58 -36.13 -5.93 -0.23
C GLY D 58 -34.86 -5.99 -1.05
N HIS D 59 -33.71 -5.73 -0.39
CA HIS D 59 -32.40 -5.79 -1.03
C HIS D 59 -31.38 -6.58 -0.21
N GLU D 60 -31.84 -7.34 0.78
CA GLU D 60 -31.00 -8.19 1.61
C GLU D 60 -31.69 -9.55 1.68
N GLY D 61 -30.95 -10.63 1.48
CA GLY D 61 -31.61 -11.92 1.51
C GLY D 61 -30.65 -13.08 1.36
N ALA D 62 -31.14 -14.23 1.81
CA ALA D 62 -30.49 -15.52 1.62
C ALA D 62 -31.58 -16.52 1.32
N GLY D 63 -31.21 -17.56 0.58
CA GLY D 63 -32.19 -18.55 0.19
C GLY D 63 -31.61 -19.77 -0.49
N VAL D 64 -32.44 -20.39 -1.32
CA VAL D 64 -32.12 -21.65 -1.97
C VAL D 64 -32.54 -21.53 -3.43
N VAL D 65 -31.69 -22.01 -4.34
CA VAL D 65 -32.02 -21.97 -5.76
C VAL D 65 -33.25 -22.85 -6.02
N GLU D 66 -34.27 -22.27 -6.65
CA GLU D 66 -35.40 -23.05 -7.10
C GLU D 66 -35.25 -23.52 -8.55
N LYS D 67 -34.93 -22.61 -9.46
CA LYS D 67 -34.85 -22.96 -10.88
C LYS D 67 -33.73 -22.16 -11.56
N VAL D 68 -32.95 -22.84 -12.39
CA VAL D 68 -31.75 -22.30 -13.02
C VAL D 68 -31.96 -22.11 -14.51
N GLY D 69 -31.44 -21.01 -15.05
CA GLY D 69 -31.50 -20.75 -16.49
C GLY D 69 -30.56 -21.65 -17.29
N SER D 70 -30.76 -21.64 -18.61
CA SER D 70 -30.13 -22.65 -19.47
C SER D 70 -28.61 -22.50 -19.54
N ASP D 71 -28.06 -21.29 -19.32
CA ASP D 71 -26.62 -21.10 -19.36
C ASP D 71 -25.91 -21.30 -18.02
N ILE D 72 -26.64 -21.28 -16.90
CA ILE D 72 -25.97 -21.33 -15.60
C ILE D 72 -25.34 -22.70 -15.39
N LYS D 73 -24.05 -22.72 -15.06
CA LYS D 73 -23.33 -23.96 -14.79
C LYS D 73 -22.90 -24.12 -13.35
N ASP D 74 -22.76 -23.04 -12.59
CA ASP D 74 -22.22 -23.10 -11.24
C ASP D 74 -23.24 -23.57 -10.20
N LEU D 75 -24.52 -23.53 -10.53
CA LEU D 75 -25.58 -23.61 -9.53
C LEU D 75 -26.63 -24.60 -9.98
N LYS D 76 -27.32 -25.18 -9.01
CA LYS D 76 -28.38 -26.15 -9.28
C LYS D 76 -29.42 -26.04 -8.18
N LYS D 77 -30.62 -26.54 -8.47
CA LYS D 77 -31.71 -26.51 -7.51
C LYS D 77 -31.26 -27.10 -6.18
N GLY D 78 -31.59 -26.40 -5.10
CA GLY D 78 -31.20 -26.80 -3.77
C GLY D 78 -29.95 -26.12 -3.25
N ASP D 79 -29.23 -25.37 -4.09
CA ASP D 79 -28.04 -24.67 -3.62
C ASP D 79 -28.40 -23.50 -2.72
N GLN D 80 -27.74 -23.41 -1.57
CA GLN D 80 -27.88 -22.25 -0.68
C GLN D 80 -27.15 -21.05 -1.27
N VAL D 81 -27.79 -19.88 -1.28
CA VAL D 81 -27.19 -18.70 -1.89
C VAL D 81 -27.41 -17.48 -1.01
N LEU D 82 -26.40 -16.62 -0.95
CA LEU D 82 -26.51 -15.27 -0.42
C LEU D 82 -26.74 -14.33 -1.58
N LEU D 83 -27.52 -13.29 -1.35
CA LEU D 83 -27.75 -12.31 -2.41
C LEU D 83 -26.90 -11.05 -2.18
N ASN D 84 -26.47 -10.44 -3.28
CA ASN D 84 -25.76 -9.19 -3.22
C ASN D 84 -26.36 -8.21 -4.22
N TRP D 85 -26.33 -6.93 -3.89
CA TRP D 85 -26.90 -5.95 -4.81
C TRP D 85 -25.84 -5.30 -5.69
N ALA D 86 -24.60 -5.79 -5.66
CA ALA D 86 -23.60 -5.26 -6.59
C ALA D 86 -23.82 -5.74 -8.01
N THR D 87 -24.26 -7.01 -8.17
CA THR D 87 -24.51 -7.65 -9.47
C THR D 87 -23.48 -7.18 -10.56
N PRO D 88 -22.19 -7.37 -10.28
CA PRO D 88 -21.19 -6.70 -11.13
C PRO D 88 -21.06 -7.35 -12.50
N CYS D 89 -20.65 -6.54 -13.49
CA CYS D 89 -20.59 -7.03 -14.87
C CYS D 89 -19.32 -7.80 -15.17
N MET D 90 -18.25 -7.55 -14.41
CA MET D 90 -16.96 -8.25 -14.46
C MET D 90 -16.08 -7.76 -15.61
N HIS D 91 -16.51 -6.78 -16.41
CA HIS D 91 -15.75 -6.42 -17.61
C HIS D 91 -15.45 -4.93 -17.74
N CYS D 92 -16.14 -4.06 -16.99
CA CYS D 92 -15.91 -2.63 -17.10
C CYS D 92 -14.60 -2.25 -16.39
N PHE D 93 -14.23 -0.98 -16.52
CA PHE D 93 -12.98 -0.52 -15.91
C PHE D 93 -12.95 -0.80 -14.40
N GLN D 94 -14.05 -0.49 -13.71
CA GLN D 94 -14.04 -0.64 -12.26
C GLN D 94 -13.96 -2.09 -11.85
N CYS D 95 -14.70 -2.96 -12.54
CA CYS D 95 -14.63 -4.40 -12.26
C CYS D 95 -13.20 -4.92 -12.46
N GLN D 96 -12.54 -4.50 -13.54
CA GLN D 96 -11.17 -4.96 -13.73
C GLN D 96 -10.20 -4.36 -12.71
N GLU D 97 -10.60 -3.28 -12.04
CA GLU D 97 -9.80 -2.69 -10.96
C GLU D 97 -10.05 -3.37 -9.62
N GLY D 98 -10.98 -4.32 -9.56
CA GLY D 98 -11.39 -4.91 -8.31
C GLY D 98 -12.49 -4.17 -7.62
N ASN D 99 -12.96 -3.07 -8.20
CA ASN D 99 -14.03 -2.26 -7.62
C ASN D 99 -15.39 -2.69 -8.18
N GLN D 100 -15.73 -3.97 -7.98
CA GLN D 100 -17.01 -4.51 -8.44
C GLN D 100 -18.19 -3.78 -7.79
N HIS D 101 -17.99 -3.24 -6.60
CA HIS D 101 -19.03 -2.52 -5.87
C HIS D 101 -19.44 -1.22 -6.52
N ILE D 102 -18.70 -0.74 -7.53
CA ILE D 102 -19.02 0.52 -8.23
C ILE D 102 -18.95 0.27 -9.73
N CYS D 103 -19.28 -0.95 -10.11
CA CYS D 103 -19.40 -1.37 -11.50
C CYS D 103 -20.14 -0.32 -12.33
N GLU D 104 -19.48 0.16 -13.39
CA GLU D 104 -20.03 1.24 -14.21
C GLU D 104 -21.26 0.82 -15.00
N ASN D 105 -21.49 -0.48 -15.19
CA ASN D 105 -22.62 -0.91 -15.99
C ASN D 105 -23.82 -1.34 -15.16
N ASN D 106 -23.60 -2.10 -14.09
CA ASN D 106 -24.68 -2.83 -13.44
C ASN D 106 -25.02 -2.33 -12.05
N SER D 107 -24.20 -1.48 -11.45
CA SER D 107 -24.48 -1.05 -10.08
C SER D 107 -25.82 -0.35 -10.03
N PRO D 108 -26.73 -0.77 -9.16
CA PRO D 108 -28.00 -0.04 -9.03
C PRO D 108 -27.82 1.35 -8.44
N VAL D 109 -26.73 1.59 -7.70
CA VAL D 109 -26.48 2.92 -7.15
C VAL D 109 -25.79 3.81 -8.18
N VAL D 110 -24.67 3.33 -8.74
CA VAL D 110 -23.86 4.16 -9.64
C VAL D 110 -24.52 4.26 -11.01
N ALA D 111 -24.95 3.13 -11.58
CA ALA D 111 -25.51 3.16 -12.92
C ALA D 111 -27.04 3.20 -12.94
N GLY D 112 -27.68 2.82 -11.84
CA GLY D 112 -29.11 2.99 -11.71
C GLY D 112 -29.46 4.45 -11.51
N GLY D 113 -29.82 5.12 -12.60
CA GLY D 113 -30.28 6.49 -12.56
C GLY D 113 -31.77 6.54 -12.77
N ASN D 114 -32.51 6.39 -11.67
CA ASN D 114 -33.97 6.22 -11.67
C ASN D 114 -34.35 4.86 -12.27
N GLY D 115 -33.80 4.55 -13.43
CA GLY D 115 -34.04 3.26 -14.08
C GLY D 115 -33.20 2.15 -13.47
N HIS D 116 -33.22 1.02 -14.14
CA HIS D 116 -32.57 -0.21 -13.72
C HIS D 116 -31.44 -0.55 -14.69
N THR D 117 -30.59 -1.47 -14.26
CA THR D 117 -29.35 -1.82 -14.92
C THR D 117 -29.41 -3.22 -15.49
N PRO D 118 -28.44 -3.61 -16.33
CA PRO D 118 -28.36 -5.01 -16.76
C PRO D 118 -28.14 -6.01 -15.63
N GLY D 119 -27.82 -5.57 -14.40
CA GLY D 119 -27.81 -6.50 -13.27
C GLY D 119 -29.19 -6.98 -12.85
N HIS D 120 -30.24 -6.33 -13.34
CA HIS D 120 -31.63 -6.70 -13.07
C HIS D 120 -32.08 -7.82 -13.99
N ALA D 121 -32.88 -8.75 -13.48
CA ALA D 121 -33.50 -9.75 -14.34
C ALA D 121 -34.42 -9.06 -15.35
N HIS D 122 -34.74 -9.76 -16.45
CA HIS D 122 -35.50 -9.12 -17.53
C HIS D 122 -36.82 -8.57 -16.98
N LEU D 123 -37.18 -7.38 -17.47
CA LEU D 123 -38.22 -6.59 -16.83
C LEU D 123 -39.57 -7.29 -16.85
N GLU D 124 -39.82 -8.13 -17.86
CA GLU D 124 -41.09 -8.85 -17.97
C GLU D 124 -41.13 -10.13 -17.15
N GLY D 125 -40.04 -10.48 -16.46
CA GLY D 125 -40.06 -11.68 -15.62
C GLY D 125 -40.79 -11.51 -14.31
N SER D 126 -41.22 -10.29 -13.98
CA SER D 126 -41.89 -10.02 -12.72
C SER D 126 -43.03 -9.05 -13.00
N GLN D 127 -44.27 -9.52 -12.80
CA GLN D 127 -45.46 -8.79 -13.17
C GLN D 127 -46.43 -8.67 -12.02
N TRP D 128 -46.95 -7.47 -11.83
CA TRP D 128 -47.96 -7.15 -10.84
C TRP D 128 -49.01 -6.29 -11.54
N GLU D 129 -50.26 -6.74 -11.46
CA GLU D 129 -51.38 -6.01 -12.07
C GLU D 129 -51.19 -5.85 -13.58
N GLY D 130 -50.74 -6.93 -14.22
CA GLY D 130 -50.58 -6.95 -15.66
C GLY D 130 -49.47 -6.07 -16.22
N LYS D 131 -48.74 -5.34 -15.33
CA LYS D 131 -47.62 -4.48 -15.65
C LYS D 131 -46.32 -5.13 -15.15
N PRO D 132 -45.21 -4.97 -15.87
CA PRO D 132 -43.91 -5.38 -15.31
C PRO D 132 -43.56 -4.52 -14.10
N ILE D 133 -42.89 -5.14 -13.12
CA ILE D 133 -42.55 -4.46 -11.88
C ILE D 133 -41.04 -4.57 -11.58
N GLU D 134 -40.45 -3.45 -11.20
CA GLU D 134 -39.03 -3.36 -10.92
C GLU D 134 -38.74 -3.94 -9.52
N ARG D 135 -37.59 -4.59 -9.37
CA ARG D 135 -37.21 -5.21 -8.10
C ARG D 135 -36.11 -4.37 -7.43
N SER D 136 -36.30 -4.07 -6.15
N SER D 136 -36.30 -4.10 -6.15
CA SER D 136 -35.43 -3.13 -5.46
CA SER D 136 -35.43 -3.19 -5.40
C SER D 136 -33.99 -3.62 -5.44
C SER D 136 -33.98 -3.65 -5.43
N PHE D 137 -33.09 -2.76 -5.90
CA PHE D 137 -31.65 -3.03 -5.99
C PHE D 137 -31.34 -4.28 -6.81
N ASN D 138 -32.16 -4.53 -7.82
CA ASN D 138 -32.07 -5.67 -8.73
C ASN D 138 -32.41 -6.99 -8.05
N LEU D 139 -32.98 -6.96 -6.83
CA LEU D 139 -33.20 -8.18 -6.07
C LEU D 139 -34.68 -8.43 -5.75
N GLY D 140 -35.34 -7.55 -4.99
CA GLY D 140 -36.70 -7.81 -4.50
C GLY D 140 -36.82 -9.04 -3.61
N THR D 141 -36.14 -9.00 -2.46
CA THR D 141 -36.02 -10.17 -1.61
C THR D 141 -37.21 -10.34 -0.68
N LEU D 142 -38.03 -9.33 -0.52
CA LEU D 142 -39.20 -9.44 0.37
C LEU D 142 -40.33 -10.13 -0.39
N SER D 143 -40.03 -11.37 -0.79
CA SER D 143 -40.84 -12.13 -1.72
C SER D 143 -40.46 -13.59 -1.57
N GLU D 144 -41.44 -14.48 -1.78
CA GLU D 144 -41.19 -15.90 -1.65
C GLU D 144 -40.23 -16.40 -2.70
N TYR D 145 -40.33 -15.85 -3.91
CA TYR D 145 -39.51 -16.29 -5.02
C TYR D 145 -39.01 -15.05 -5.74
N ALA D 146 -37.71 -14.98 -5.94
CA ALA D 146 -37.11 -13.81 -6.58
C ALA D 146 -36.40 -14.25 -7.84
N LEU D 147 -36.59 -13.46 -8.90
CA LEU D 147 -35.91 -13.66 -10.17
C LEU D 147 -34.70 -12.72 -10.23
N VAL D 148 -33.51 -13.29 -10.35
CA VAL D 148 -32.29 -12.49 -10.31
C VAL D 148 -31.31 -12.98 -11.38
N LYS D 149 -30.31 -12.15 -11.65
CA LYS D 149 -29.20 -12.55 -12.50
C LYS D 149 -28.20 -13.37 -11.68
N GLU D 150 -27.41 -14.19 -12.38
CA GLU D 150 -26.42 -15.01 -11.69
C GLU D 150 -25.46 -14.16 -10.86
N SER D 151 -25.10 -12.97 -11.34
CA SER D 151 -24.16 -12.13 -10.59
C SER D 151 -24.71 -11.70 -9.24
N ALA D 152 -26.00 -11.91 -8.99
CA ALA D 152 -26.61 -11.51 -7.73
C ALA D 152 -26.43 -12.52 -6.61
N VAL D 153 -25.96 -13.73 -6.90
CA VAL D 153 -26.00 -14.78 -5.88
C VAL D 153 -24.59 -15.28 -5.63
N VAL D 154 -24.35 -15.70 -4.39
CA VAL D 154 -23.09 -16.33 -4.00
C VAL D 154 -23.41 -17.67 -3.38
N LYS D 155 -22.86 -18.74 -3.96
CA LYS D 155 -23.14 -20.07 -3.43
C LYS D 155 -22.39 -20.32 -2.13
N ILE D 156 -23.05 -20.98 -1.18
CA ILE D 156 -22.44 -21.43 0.07
C ILE D 156 -22.95 -22.84 0.36
N GLU D 157 -22.21 -23.57 1.20
CA GLU D 157 -22.64 -24.90 1.66
C GLU D 157 -22.47 -25.02 3.17
N GLU D 158 -23.59 -25.02 3.90
CA GLU D 158 -23.59 -25.21 5.34
C GLU D 158 -24.78 -26.05 5.76
N GLU D 159 -24.51 -27.14 6.52
CA GLU D 159 -25.53 -27.70 7.38
C GLU D 159 -26.04 -26.75 8.44
N ASN D 160 -27.33 -26.92 8.72
CA ASN D 160 -28.04 -26.23 9.80
C ASN D 160 -27.79 -24.73 9.75
N LEU D 161 -27.80 -24.21 8.52
CA LEU D 161 -27.56 -22.80 8.30
C LEU D 161 -28.67 -21.97 8.93
N ASN D 162 -28.26 -21.03 9.79
CA ASN D 162 -29.18 -20.02 10.28
C ASN D 162 -29.38 -19.01 9.15
N PHE D 163 -30.44 -19.23 8.35
CA PHE D 163 -30.73 -18.37 7.21
C PHE D 163 -31.01 -16.93 7.62
N SER D 164 -31.43 -16.71 8.87
CA SER D 164 -31.65 -15.34 9.34
C SER D 164 -30.32 -14.61 9.48
N ALA D 165 -29.36 -15.23 10.14
CA ALA D 165 -28.00 -14.69 10.20
C ALA D 165 -27.46 -14.44 8.81
N ALA D 166 -27.61 -15.42 7.92
CA ALA D 166 -27.08 -15.33 6.58
C ALA D 166 -27.66 -14.14 5.83
N SER D 167 -28.91 -13.78 6.09
CA SER D 167 -29.60 -12.79 5.28
C SER D 167 -29.07 -11.39 5.50
N ILE D 168 -28.34 -11.12 6.59
CA ILE D 168 -27.89 -9.74 6.82
C ILE D 168 -26.49 -9.48 6.30
N ILE D 169 -25.78 -10.52 5.82
CA ILE D 169 -24.49 -10.28 5.18
C ILE D 169 -24.65 -9.37 3.96
N SER D 170 -25.85 -9.39 3.36
CA SER D 170 -26.13 -8.77 2.07
C SER D 170 -25.90 -7.28 2.03
N CYS D 171 -26.05 -6.58 3.15
CA CYS D 171 -26.04 -5.11 3.13
C CYS D 171 -25.23 -4.53 4.29
N GLY D 172 -25.82 -4.51 5.48
CA GLY D 172 -25.20 -3.83 6.61
C GLY D 172 -23.89 -4.46 7.05
N VAL D 173 -23.84 -5.79 7.07
CA VAL D 173 -22.62 -6.49 7.47
C VAL D 173 -21.50 -6.22 6.46
N MET D 174 -21.76 -6.47 5.18
CA MET D 174 -20.78 -6.19 4.14
C MET D 174 -20.31 -4.73 4.20
N THR D 175 -21.24 -3.80 4.41
CA THR D 175 -20.90 -2.39 4.37
C THR D 175 -19.98 -2.01 5.53
N GLY D 176 -20.35 -2.41 6.75
CA GLY D 176 -19.55 -2.02 7.92
C GLY D 176 -18.25 -2.78 8.01
N TYR D 177 -18.29 -4.10 7.78
CA TYR D 177 -17.06 -4.88 7.75
C TYR D 177 -16.15 -4.37 6.64
N GLY D 178 -16.67 -4.25 5.40
CA GLY D 178 -15.85 -3.81 4.29
C GLY D 178 -15.26 -2.42 4.47
N SER D 179 -16.03 -1.50 5.07
CA SER D 179 -15.51 -0.16 5.31
C SER D 179 -14.26 -0.19 6.19
N VAL D 180 -14.23 -1.11 7.15
CA VAL D 180 -13.08 -1.28 8.02
C VAL D 180 -11.96 -2.01 7.29
N VAL D 181 -12.26 -3.14 6.66
CA VAL D 181 -11.21 -4.06 6.25
C VAL D 181 -10.71 -3.76 4.84
N ASN D 182 -11.59 -3.38 3.91
CA ASN D 182 -11.18 -3.16 2.53
C ASN D 182 -10.88 -1.71 2.26
N SER D 183 -11.61 -0.81 2.91
CA SER D 183 -11.49 0.61 2.64
C SER D 183 -10.49 1.26 3.57
N ALA D 184 -10.76 1.22 4.89
CA ALA D 184 -9.78 1.76 5.83
C ALA D 184 -8.53 0.89 5.91
N LYS D 185 -8.67 -0.41 5.63
CA LYS D 185 -7.55 -1.35 5.81
C LYS D 185 -6.96 -1.18 7.21
N LEU D 186 -7.86 -1.16 8.20
CA LEU D 186 -7.48 -0.91 9.59
C LEU D 186 -6.40 -1.89 10.02
N ALA D 187 -5.37 -1.36 10.67
CA ALA D 187 -4.23 -2.13 11.15
C ALA D 187 -4.44 -2.58 12.58
N ALA D 188 -4.02 -3.81 12.88
CA ALA D 188 -4.12 -4.33 14.24
C ALA D 188 -3.35 -3.43 15.21
N GLY D 189 -3.86 -3.33 16.43
CA GLY D 189 -3.26 -2.52 17.49
C GLY D 189 -3.65 -1.05 17.50
N SER D 190 -4.45 -0.59 16.55
CA SER D 190 -4.72 0.84 16.42
C SER D 190 -5.94 1.23 17.27
N SER D 191 -6.28 2.50 17.22
CA SER D 191 -7.47 3.02 17.89
C SER D 191 -8.48 3.50 16.86
N ALA D 192 -9.76 3.26 17.14
CA ALA D 192 -10.84 3.54 16.21
C ALA D 192 -12.06 4.11 16.93
N VAL D 193 -12.64 5.13 16.33
CA VAL D 193 -13.88 5.73 16.81
C VAL D 193 -14.99 5.41 15.81
N ILE D 194 -16.17 5.00 16.32
CA ILE D 194 -17.33 4.70 15.49
C ILE D 194 -18.46 5.66 15.90
N LEU D 195 -18.89 6.50 14.97
CA LEU D 195 -19.98 7.44 15.23
C LEU D 195 -21.28 6.84 14.72
N GLY D 196 -22.16 6.47 15.64
CA GLY D 196 -23.43 5.86 15.26
C GLY D 196 -23.35 4.35 15.35
N CYS D 197 -24.18 3.74 16.20
CA CYS D 197 -24.12 2.30 16.41
C CYS D 197 -25.40 1.60 15.99
N GLY D 198 -25.83 1.77 14.75
CA GLY D 198 -26.95 1.03 14.21
C GLY D 198 -26.50 -0.24 13.51
N GLY D 199 -27.29 -0.69 12.54
CA GLY D 199 -26.92 -1.88 11.80
C GLY D 199 -25.54 -1.80 11.18
N VAL D 200 -25.22 -0.67 10.56
CA VAL D 200 -23.88 -0.51 9.97
C VAL D 200 -22.84 -0.37 11.08
N GLY D 201 -23.08 0.56 12.02
CA GLY D 201 -22.07 0.87 13.01
C GLY D 201 -21.68 -0.29 13.89
N LEU D 202 -22.65 -1.15 14.25
CA LEU D 202 -22.32 -2.31 15.06
C LEU D 202 -21.43 -3.28 14.31
N ASN D 203 -21.61 -3.37 12.99
CA ASN D 203 -20.72 -4.18 12.17
C ASN D 203 -19.37 -3.51 11.96
N VAL D 204 -19.32 -2.17 11.92
CA VAL D 204 -18.03 -1.49 11.97
C VAL D 204 -17.30 -1.87 13.26
N ILE D 205 -18.01 -1.84 14.40
CA ILE D 205 -17.41 -2.19 15.68
C ILE D 205 -16.93 -3.64 15.67
N ASN D 206 -17.79 -4.58 15.25
CA ASN D 206 -17.38 -5.98 15.14
C ASN D 206 -16.14 -6.13 14.27
N ALA D 207 -16.12 -5.45 13.12
CA ALA D 207 -14.99 -5.57 12.22
C ALA D 207 -13.70 -5.00 12.82
N CYS D 208 -13.79 -3.90 13.58
CA CYS D 208 -12.60 -3.37 14.26
C CYS D 208 -12.07 -4.37 15.28
N GLU D 209 -12.97 -5.01 16.00
CA GLU D 209 -12.62 -6.08 16.92
C GLU D 209 -11.95 -7.24 16.20
N ILE D 210 -12.55 -7.67 15.08
CA ILE D 210 -12.01 -8.77 14.30
C ILE D 210 -10.61 -8.42 13.79
N SER D 211 -10.43 -7.16 13.39
CA SER D 211 -9.16 -6.70 12.83
C SER D 211 -8.09 -6.43 13.90
N GLY D 212 -8.46 -6.41 15.18
CA GLY D 212 -7.48 -6.28 16.24
C GLY D 212 -7.19 -4.87 16.71
N ALA D 213 -8.12 -3.93 16.55
CA ALA D 213 -7.92 -2.62 17.14
C ALA D 213 -7.70 -2.75 18.65
N GLY D 214 -6.75 -1.96 19.18
CA GLY D 214 -6.49 -1.97 20.60
C GLY D 214 -7.50 -1.18 21.41
N ARG D 215 -8.07 -0.13 20.84
CA ARG D 215 -9.14 0.64 21.44
C ARG D 215 -10.24 0.82 20.41
N ILE D 216 -11.48 0.67 20.87
CA ILE D 216 -12.64 0.80 20.02
C ILE D 216 -13.63 1.66 20.78
N ILE D 217 -13.83 2.90 20.31
CA ILE D 217 -14.67 3.88 20.99
C ILE D 217 -15.99 3.97 20.22
N ALA D 218 -17.09 3.59 20.88
CA ALA D 218 -18.42 3.71 20.28
C ALA D 218 -19.09 4.99 20.74
N VAL D 219 -19.75 5.68 19.80
CA VAL D 219 -20.43 6.94 20.07
C VAL D 219 -21.84 6.85 19.51
N ASP D 220 -22.83 7.23 20.33
CA ASP D 220 -24.22 7.25 19.88
C ASP D 220 -24.98 8.21 20.79
N ILE D 221 -26.15 8.64 20.32
CA ILE D 221 -27.06 9.43 21.15
C ILE D 221 -28.02 8.55 21.92
N ASN D 222 -28.04 7.26 21.64
CA ASN D 222 -28.93 6.32 22.28
C ASN D 222 -28.11 5.46 23.22
N PRO D 223 -28.29 5.61 24.54
CA PRO D 223 -27.49 4.81 25.47
C PRO D 223 -27.75 3.34 25.35
N ASN D 224 -28.88 2.93 24.77
CA ASN D 224 -29.11 1.50 24.73
C ASN D 224 -28.16 0.89 23.70
N LYS D 225 -27.94 1.64 22.60
CA LYS D 225 -27.00 1.27 21.54
C LYS D 225 -25.57 1.16 22.06
N LEU D 226 -25.19 2.01 23.03
CA LEU D 226 -23.85 1.90 23.59
C LEU D 226 -23.69 0.60 24.35
N GLU D 227 -24.73 0.16 25.06
CA GLU D 227 -24.66 -1.13 25.74
C GLU D 227 -24.46 -2.26 24.74
N LEU D 228 -25.20 -2.20 23.62
CA LEU D 228 -25.01 -3.16 22.52
C LEU D 228 -23.60 -3.10 21.96
N ALA D 229 -23.08 -1.88 21.76
CA ALA D 229 -21.72 -1.73 21.25
C ALA D 229 -20.72 -2.52 22.08
N LYS D 230 -20.93 -2.60 23.39
CA LYS D 230 -20.04 -3.36 24.24
C LYS D 230 -20.08 -4.85 23.90
N GLN D 231 -21.27 -5.36 23.57
CA GLN D 231 -21.40 -6.76 23.13
C GLN D 231 -20.44 -7.07 21.99
N PHE D 232 -20.38 -6.16 21.01
CA PHE D 232 -19.69 -6.43 19.77
C PHE D 232 -18.23 -6.02 19.82
N GLY D 233 -17.76 -5.46 20.93
CA GLY D 233 -16.34 -5.31 21.12
C GLY D 233 -15.84 -3.92 21.51
N ALA D 234 -16.75 -2.98 21.76
CA ALA D 234 -16.31 -1.62 22.12
C ALA D 234 -15.53 -1.66 23.43
N THR D 235 -14.39 -0.94 23.45
CA THR D 235 -13.61 -0.83 24.69
C THR D 235 -14.00 0.38 25.50
N ASP D 236 -14.61 1.40 24.87
CA ASP D 236 -14.97 2.66 25.51
C ASP D 236 -16.24 3.14 24.83
N VAL D 237 -17.07 3.90 25.56
CA VAL D 237 -18.32 4.39 24.97
C VAL D 237 -18.53 5.83 25.39
N ILE D 238 -19.15 6.60 24.49
CA ILE D 238 -19.40 8.02 24.71
C ILE D 238 -20.83 8.32 24.32
N LEU D 239 -21.60 8.84 25.27
CA LEU D 239 -22.95 9.31 24.97
C LEU D 239 -22.84 10.69 24.33
N ALA D 240 -23.15 10.76 23.04
CA ALA D 240 -23.06 12.02 22.34
C ALA D 240 -24.31 12.83 22.60
N ASP D 241 -24.15 14.15 22.59
CA ASP D 241 -25.24 15.06 22.83
C ASP D 241 -25.83 15.48 21.49
N LYS D 242 -27.13 15.25 21.32
CA LYS D 242 -27.77 15.40 20.01
C LYS D 242 -27.66 16.83 19.49
N THR D 243 -27.44 17.80 20.39
CA THR D 243 -27.25 19.18 19.99
C THR D 243 -25.86 19.43 19.42
N ASP D 244 -24.86 18.68 19.88
CA ASP D 244 -23.44 18.91 19.60
C ASP D 244 -23.15 19.02 18.11
N VAL D 245 -22.82 20.22 17.66
CA VAL D 245 -22.64 20.48 16.23
C VAL D 245 -21.30 19.90 15.80
N GLY D 246 -21.35 19.00 14.81
CA GLY D 246 -20.15 18.35 14.32
C GLY D 246 -19.43 17.53 15.37
N LEU D 247 -20.09 17.32 16.52
CA LEU D 247 -19.56 16.49 17.60
C LEU D 247 -18.18 16.99 18.07
N ALA D 248 -18.08 18.30 18.27
CA ALA D 248 -16.82 18.89 18.74
C ALA D 248 -16.51 18.49 20.18
N ASN D 249 -17.56 18.32 21.00
CA ASN D 249 -17.33 17.89 22.38
C ASN D 249 -16.90 16.43 22.42
N VAL D 250 -17.45 15.60 21.52
CA VAL D 250 -17.03 14.20 21.45
C VAL D 250 -15.57 14.09 21.02
N ALA D 251 -15.13 14.96 20.10
CA ALA D 251 -13.73 14.90 19.67
C ALA D 251 -12.79 15.17 20.84
N GLU D 252 -13.12 16.18 21.66
CA GLU D 252 -12.32 16.44 22.85
C GLU D 252 -12.30 15.22 23.76
N GLN D 253 -13.46 14.58 23.94
CA GLN D 253 -13.50 13.43 24.84
C GLN D 253 -12.71 12.26 24.29
N VAL D 254 -12.76 12.04 22.97
CA VAL D 254 -11.89 11.05 22.33
C VAL D 254 -10.43 11.30 22.65
N LYS D 255 -9.96 12.54 22.47
CA LYS D 255 -8.55 12.83 22.76
C LYS D 255 -8.22 12.52 24.22
N GLU D 256 -9.14 12.84 25.14
CA GLU D 256 -8.92 12.55 26.56
C GLU D 256 -8.80 11.05 26.81
N VAL D 257 -9.83 10.30 26.42
CA VAL D 257 -9.87 8.84 26.51
C VAL D 257 -8.61 8.20 25.97
N LEU D 258 -8.08 8.71 24.86
CA LEU D 258 -6.91 8.11 24.22
C LEU D 258 -5.59 8.63 24.76
N GLY D 259 -5.62 9.63 25.63
CA GLY D 259 -4.41 10.15 26.25
C GLY D 259 -3.81 11.41 25.65
N GLY D 260 -4.54 12.17 24.84
CA GLY D 260 -4.04 13.41 24.31
C GLY D 260 -3.89 13.47 22.79
N ARG D 261 -4.15 12.39 22.06
CA ARG D 261 -4.02 12.41 20.61
C ARG D 261 -5.27 11.77 20.01
N GLY D 262 -5.67 12.28 18.84
CA GLY D 262 -6.82 11.71 18.15
C GLY D 262 -6.62 10.23 17.82
N ALA D 263 -7.72 9.60 17.40
CA ALA D 263 -7.70 8.20 17.01
C ALA D 263 -6.99 8.00 15.67
N ASP D 264 -6.53 6.77 15.44
CA ASP D 264 -5.97 6.44 14.13
C ASP D 264 -7.05 6.39 13.04
N TYR D 265 -8.26 5.97 13.40
CA TYR D 265 -9.34 5.72 12.45
C TYR D 265 -10.65 6.22 13.04
N ALA D 266 -11.52 6.75 12.18
CA ALA D 266 -12.88 7.07 12.61
C ALA D 266 -13.84 6.74 11.47
N PHE D 267 -15.04 6.26 11.84
CA PHE D 267 -16.06 5.84 10.89
C PHE D 267 -17.37 6.53 11.23
N GLU D 268 -17.99 7.19 10.26
CA GLU D 268 -19.23 7.90 10.48
C GLU D 268 -20.38 7.07 9.93
N CYS D 269 -21.36 6.75 10.79
CA CYS D 269 -22.47 5.86 10.47
C CYS D 269 -23.80 6.41 10.97
N THR D 270 -23.92 7.72 11.07
CA THR D 270 -25.05 8.32 11.77
C THR D 270 -26.26 8.58 10.89
N ALA D 271 -26.09 8.59 9.56
CA ALA D 271 -27.13 9.00 8.62
C ALA D 271 -27.53 10.47 8.77
N ILE D 272 -26.77 11.28 9.51
CA ILE D 272 -27.07 12.69 9.68
C ILE D 272 -26.18 13.48 8.71
N PRO D 273 -26.72 14.08 7.65
CA PRO D 273 -25.86 14.79 6.69
C PRO D 273 -24.89 15.76 7.33
N ALA D 274 -25.33 16.57 8.29
CA ALA D 274 -24.46 17.59 8.86
C ALA D 274 -23.27 17.01 9.62
N LEU D 275 -23.26 15.72 9.93
CA LEU D 275 -22.12 15.09 10.59
C LEU D 275 -21.14 14.46 9.59
N GLY D 276 -21.22 14.85 8.31
CA GLY D 276 -20.42 14.19 7.29
C GLY D 276 -18.93 14.31 7.55
N ALA D 277 -18.50 15.44 8.08
CA ALA D 277 -17.09 15.72 8.36
C ALA D 277 -16.67 15.34 9.78
N ALA D 278 -17.61 14.90 10.62
CA ALA D 278 -17.30 14.56 12.00
C ALA D 278 -16.17 13.55 12.18
N PRO D 279 -16.00 12.51 11.35
CA PRO D 279 -14.89 11.59 11.60
C PRO D 279 -13.53 12.27 11.48
N LEU D 280 -13.42 13.35 10.69
CA LEU D 280 -12.19 14.12 10.64
C LEU D 280 -11.82 14.68 12.02
N ALA D 281 -12.82 15.11 12.79
CA ALA D 281 -12.50 15.74 14.06
C ALA D 281 -12.00 14.73 15.08
N MET D 282 -12.22 13.44 14.83
CA MET D 282 -11.89 12.41 15.80
C MET D 282 -10.49 11.89 15.63
N VAL D 283 -9.88 12.07 14.45
CA VAL D 283 -8.61 11.41 14.15
C VAL D 283 -7.46 12.39 14.29
N ARG D 284 -6.30 11.85 14.65
CA ARG D 284 -5.04 12.58 14.63
C ARG D 284 -4.67 12.97 13.19
N ASN D 285 -3.74 13.91 13.06
CA ASN D 285 -3.13 14.16 11.76
C ASN D 285 -2.60 12.85 11.19
N ALA D 286 -2.79 12.68 9.88
CA ALA D 286 -2.44 11.47 9.14
C ALA D 286 -3.27 10.27 9.55
N GLY D 287 -4.38 10.48 10.27
CA GLY D 287 -5.35 9.42 10.49
C GLY D 287 -6.26 9.22 9.28
N THR D 288 -7.19 8.26 9.41
CA THR D 288 -8.07 7.86 8.33
C THR D 288 -9.54 8.01 8.76
N ALA D 289 -10.29 8.80 8.01
CA ALA D 289 -11.68 9.12 8.33
C ALA D 289 -12.56 8.57 7.22
N VAL D 290 -13.44 7.64 7.57
CA VAL D 290 -14.30 6.93 6.63
C VAL D 290 -15.74 7.34 6.87
N GLN D 291 -16.36 7.90 5.83
CA GLN D 291 -17.74 8.37 5.83
C GLN D 291 -18.57 7.26 5.20
N VAL D 292 -19.27 6.47 6.01
CA VAL D 292 -20.00 5.34 5.46
C VAL D 292 -21.41 5.71 4.98
N SER D 293 -21.98 6.80 5.50
CA SER D 293 -23.41 7.07 5.29
C SER D 293 -23.74 7.37 3.84
N GLY D 294 -22.91 8.16 3.17
CA GLY D 294 -23.29 8.65 1.85
C GLY D 294 -24.25 9.80 1.98
N ILE D 295 -23.81 11.00 1.61
CA ILE D 295 -24.56 12.22 1.79
C ILE D 295 -24.67 12.95 0.46
N GLU D 296 -25.89 13.33 0.08
CA GLU D 296 -26.14 14.01 -1.18
C GLU D 296 -26.57 15.46 -1.00
N GLU D 297 -26.63 15.95 0.22
CA GLU D 297 -26.92 17.36 0.47
C GLU D 297 -25.66 18.22 0.42
N ASP D 298 -25.87 19.51 0.17
CA ASP D 298 -24.87 20.52 0.51
C ASP D 298 -24.76 20.62 2.02
N ILE D 299 -23.54 20.58 2.54
CA ILE D 299 -23.31 20.84 3.95
C ILE D 299 -22.13 21.79 4.10
N THR D 300 -22.12 22.55 5.19
CA THR D 300 -21.03 23.47 5.47
C THR D 300 -19.99 22.76 6.32
N ILE D 301 -18.73 22.86 5.91
CA ILE D 301 -17.63 22.14 6.53
C ILE D 301 -16.53 23.13 6.89
N ASP D 302 -16.06 23.07 8.13
CA ASP D 302 -14.89 23.82 8.56
C ASP D 302 -13.66 23.10 8.03
N MET D 303 -13.01 23.68 7.02
CA MET D 303 -11.96 22.94 6.31
C MET D 303 -10.70 22.74 7.12
N ARG D 304 -10.59 23.35 8.30
CA ARG D 304 -9.48 23.03 9.21
C ARG D 304 -9.53 21.57 9.66
N LEU D 305 -10.71 20.94 9.58
CA LEU D 305 -10.84 19.54 9.96
C LEU D 305 -10.00 18.64 9.06
N PHE D 306 -9.81 19.02 7.80
CA PHE D 306 -8.97 18.23 6.91
C PHE D 306 -7.51 18.40 7.25
N GLU D 307 -7.16 19.44 7.99
CA GLU D 307 -5.76 19.83 8.08
C GLU D 307 -5.01 18.81 8.91
N TRP D 308 -4.43 17.92 8.13
CA TRP D 308 -3.03 17.67 7.80
C TRP D 308 -2.93 16.17 7.74
N ASP D 309 -3.01 15.74 6.50
CA ASP D 309 -2.72 14.42 5.91
C ASP D 309 -3.79 13.42 6.29
N LYS D 310 -4.97 13.86 6.71
CA LYS D 310 -6.03 12.91 7.02
C LYS D 310 -6.60 12.37 5.71
N ILE D 311 -6.75 11.07 5.62
CA ILE D 311 -7.37 10.44 4.46
C ILE D 311 -8.87 10.38 4.69
N TYR D 312 -9.64 10.87 3.71
CA TYR D 312 -11.09 10.93 3.82
C TYR D 312 -11.71 10.17 2.65
N ILE D 313 -12.58 9.21 2.95
CA ILE D 313 -13.16 8.39 1.90
C ILE D 313 -14.61 8.06 2.23
N ASN D 314 -15.44 7.99 1.19
CA ASN D 314 -16.86 7.67 1.30
C ASN D 314 -17.07 6.42 0.43
N PRO D 315 -16.82 5.23 0.97
CA PRO D 315 -16.88 4.02 0.16
C PRO D 315 -18.29 3.48 0.04
N LEU D 316 -18.54 2.80 -1.06
CA LEU D 316 -19.83 2.20 -1.33
C LEU D 316 -19.75 0.71 -1.03
N TYR D 317 -20.67 0.24 -0.18
CA TYR D 317 -20.93 -1.20 0.02
C TYR D 317 -19.68 -1.93 0.48
N GLY D 318 -18.86 -1.22 1.27
CA GLY D 318 -17.67 -1.82 1.84
C GLY D 318 -16.69 -2.36 0.82
N LYS D 319 -16.68 -1.81 -0.41
CA LYS D 319 -15.82 -2.30 -1.50
C LYS D 319 -16.06 -3.77 -1.79
N CYS D 320 -17.30 -4.20 -1.63
CA CYS D 320 -17.73 -5.58 -1.86
C CYS D 320 -17.29 -6.13 -3.20
N ARG D 321 -16.56 -7.24 -3.17
CA ARG D 321 -16.52 -8.18 -4.28
C ARG D 321 -17.24 -9.42 -3.80
N PRO D 322 -18.51 -9.61 -4.16
CA PRO D 322 -19.34 -10.61 -3.48
C PRO D 322 -18.74 -12.00 -3.44
N GLN D 323 -18.21 -12.48 -4.55
CA GLN D 323 -17.72 -13.85 -4.61
C GLN D 323 -16.46 -14.06 -3.77
N ILE D 324 -15.72 -12.99 -3.47
CA ILE D 324 -14.55 -13.06 -2.60
C ILE D 324 -14.94 -12.78 -1.16
N ASP D 325 -15.68 -11.70 -0.93
CA ASP D 325 -15.90 -11.21 0.45
C ASP D 325 -16.94 -12.03 1.20
N PHE D 326 -17.97 -12.53 0.53
CA PHE D 326 -19.02 -13.23 1.25
C PHE D 326 -18.55 -14.57 1.83
N PRO D 327 -17.76 -15.38 1.11
CA PRO D 327 -17.23 -16.59 1.76
C PRO D 327 -16.25 -16.29 2.87
N LYS D 328 -15.49 -15.19 2.81
CA LYS D 328 -14.67 -14.85 3.97
C LYS D 328 -15.54 -14.48 5.16
N LEU D 329 -16.62 -13.71 4.94
CA LEU D 329 -17.50 -13.40 6.06
C LEU D 329 -18.13 -14.67 6.64
N MET D 330 -18.48 -15.62 5.76
CA MET D 330 -19.08 -16.86 6.27
C MET D 330 -18.13 -17.60 7.17
N GLN D 331 -16.83 -17.59 6.83
CA GLN D 331 -15.83 -18.28 7.65
C GLN D 331 -15.67 -17.61 9.00
N LEU D 332 -15.71 -16.27 9.03
CA LEU D 332 -15.59 -15.54 10.29
C LEU D 332 -16.81 -15.75 11.17
N TYR D 333 -17.99 -15.92 10.55
CA TYR D 333 -19.20 -16.29 11.28
C TYR D 333 -19.06 -17.69 11.86
N LYS D 334 -18.67 -18.66 11.02
CA LYS D 334 -18.48 -20.04 11.48
C LYS D 334 -17.42 -20.12 12.57
N LYS D 335 -16.37 -19.30 12.45
CA LYS D 335 -15.31 -19.28 13.45
C LYS D 335 -15.78 -18.69 14.77
N GLY D 336 -16.85 -17.91 14.78
CA GLY D 336 -17.34 -17.28 15.98
C GLY D 336 -17.04 -15.80 16.11
N ASP D 337 -16.19 -15.24 15.23
CA ASP D 337 -15.74 -13.87 15.40
C ASP D 337 -16.77 -12.85 14.93
N LEU D 338 -17.54 -13.18 13.89
CA LEU D 338 -18.53 -12.28 13.34
C LEU D 338 -19.88 -12.68 13.95
N LYS D 339 -20.49 -11.75 14.68
CA LYS D 339 -21.54 -12.11 15.65
C LYS D 339 -22.93 -11.90 15.05
N LEU D 340 -23.19 -12.64 13.97
CA LEU D 340 -24.42 -12.44 13.21
C LEU D 340 -25.65 -12.81 14.04
N ASP D 341 -25.60 -13.92 14.79
CA ASP D 341 -26.75 -14.36 15.58
C ASP D 341 -27.21 -13.27 16.53
N GLU D 342 -26.26 -12.61 17.21
CA GLU D 342 -26.55 -11.56 18.17
C GLU D 342 -27.09 -10.29 17.52
N MET D 343 -26.89 -10.10 16.21
CA MET D 343 -27.41 -8.91 15.57
C MET D 343 -28.90 -9.01 15.27
N ILE D 344 -29.45 -10.21 15.20
CA ILE D 344 -30.86 -10.42 14.86
C ILE D 344 -31.68 -10.18 16.12
N THR D 345 -32.36 -9.03 16.19
CA THR D 345 -33.14 -8.69 17.38
C THR D 345 -34.50 -9.37 17.36
N LYS D 346 -35.11 -9.50 16.19
CA LYS D 346 -36.45 -10.03 16.04
C LYS D 346 -36.61 -10.57 14.62
N GLU D 347 -37.26 -11.72 14.50
CA GLU D 347 -37.67 -12.29 13.21
C GLU D 347 -39.15 -12.05 13.02
N TYR D 348 -39.55 -11.72 11.80
CA TYR D 348 -40.93 -11.38 11.48
C TYR D 348 -41.45 -12.25 10.35
N LYS D 349 -42.77 -12.39 10.32
CA LYS D 349 -43.51 -12.92 9.18
C LYS D 349 -43.65 -11.84 8.12
N LEU D 350 -43.70 -12.24 6.84
CA LEU D 350 -43.89 -11.23 5.80
C LEU D 350 -45.10 -10.35 6.09
N ASP D 351 -46.18 -10.95 6.63
CA ASP D 351 -47.40 -10.20 6.91
C ASP D 351 -47.22 -9.26 8.10
N ASP D 352 -46.19 -9.46 8.91
CA ASP D 352 -45.75 -8.56 9.98
C ASP D 352 -44.93 -7.36 9.49
N LEU D 353 -44.85 -7.12 8.18
CA LEU D 353 -43.85 -6.16 7.71
C LEU D 353 -44.11 -4.78 8.27
N GLN D 354 -45.38 -4.42 8.46
CA GLN D 354 -45.68 -3.09 9.01
C GLN D 354 -45.10 -2.91 10.41
N GLN D 355 -45.22 -3.93 11.27
CA GLN D 355 -44.59 -3.84 12.59
C GLN D 355 -43.08 -3.71 12.48
N ALA D 356 -42.46 -4.53 11.63
CA ALA D 356 -41.00 -4.57 11.54
C ALA D 356 -40.43 -3.22 11.11
N LEU D 357 -41.14 -2.50 10.24
CA LEU D 357 -40.69 -1.16 9.85
C LEU D 357 -40.90 -0.16 10.98
N ASP D 358 -42.04 -0.25 11.68
CA ASP D 358 -42.26 0.59 12.85
C ASP D 358 -41.20 0.35 13.90
N ASP D 359 -40.90 -0.92 14.20
CA ASP D 359 -39.88 -1.23 15.19
C ASP D 359 -38.52 -0.71 14.75
N MET D 360 -38.26 -0.76 13.46
CA MET D 360 -37.00 -0.25 12.93
C MET D 360 -36.94 1.26 13.06
N LEU D 361 -38.01 1.96 12.67
CA LEU D 361 -38.00 3.41 12.75
C LEU D 361 -37.99 3.89 14.19
N ALA D 362 -38.52 3.08 15.11
CA ALA D 362 -38.48 3.42 16.53
C ALA D 362 -37.11 3.20 17.15
N GLY D 363 -36.17 2.59 16.43
CA GLY D 363 -34.87 2.29 16.98
C GLY D 363 -34.81 1.10 17.91
N LYS D 364 -35.81 0.21 17.87
CA LYS D 364 -35.94 -0.90 18.82
C LYS D 364 -35.01 -2.06 18.52
N ASN D 365 -34.55 -2.21 17.28
CA ASN D 365 -33.80 -3.38 16.86
C ASN D 365 -32.35 -3.00 16.56
N ALA D 366 -31.49 -4.01 16.62
CA ALA D 366 -30.27 -3.95 15.83
C ALA D 366 -30.59 -4.24 14.37
N LYS D 367 -31.03 -5.47 14.09
CA LYS D 367 -31.57 -5.82 12.78
C LYS D 367 -32.86 -6.60 12.98
N GLY D 368 -33.86 -6.29 12.15
CA GLY D 368 -35.03 -7.12 12.01
C GLY D 368 -34.91 -7.93 10.73
N VAL D 369 -35.46 -9.14 10.75
CA VAL D 369 -35.39 -10.06 9.62
C VAL D 369 -36.78 -10.65 9.35
N VAL D 370 -37.19 -10.65 8.08
CA VAL D 370 -38.37 -11.37 7.63
C VAL D 370 -37.96 -12.80 7.29
N VAL D 371 -38.65 -13.79 7.84
CA VAL D 371 -38.36 -15.19 7.57
C VAL D 371 -39.56 -15.82 6.86
N PHE D 372 -39.28 -16.74 5.95
CA PHE D 372 -40.32 -17.48 5.23
C PHE D 372 -40.27 -18.96 5.60
#